data_6T2B
#
_entry.id   6T2B
#
_cell.length_a   66.110
_cell.length_b   182.640
_cell.length_c   70.870
_cell.angle_alpha   90.000
_cell.angle_beta   90.139
_cell.angle_gamma   90.000
#
_symmetry.space_group_name_H-M   'P 1 21 1'
#
loop_
_entity.id
_entity.type
_entity.pdbx_description
1 polymer 'Glycosyl hydrolase family 109 protein 2'
2 non-polymer 2-acetamido-2-deoxy-alpha-D-galactopyranose
3 non-polymer NICOTINAMIDE-ADENINE-DINUCLEOTIDE
4 non-polymer 'TRIETHYLENE GLYCOL'
5 non-polymer 'PENTAETHYLENE GLYCOL'
6 water water
#
_entity_poly.entity_id   1
_entity_poly.type   'polypeptide(L)'
_entity_poly.pdbx_seq_one_letter_code
;MLPGKAVEIPAGDHLWKSASPAAPRPSGSTYMGGFKAPRLGRIRLAFIGVGGRGFSHLAQMCVMDGVEIVGICDLKEELT
KRGVDRVLSRMGKSPLGYSGGDMEYLTMLKELKPDAVIISTDWSSHARIACDSMKHGAHAFVEVPLAVSLEELWSLVDTS
EATRKHCMMMENVNYGRDELMFLNMVRQGVIGDLLHGEAAYIHCLVTQLGDTRGEGAWRPEYHTRINGNLYPTHGLGPVA
QYMNLERGEDRFCRVAAFASPALGRNAYAKKHLPADHRWNNTPFICGDMNTAVVKTQLGRTILVQLDETSPRPYSRANLI
QGTEGTLAGFPTRVAGEKLGNGNYHEWIEGREKLAAIYEKYDHPLWKRIGELATKMGGHGGMDFVMLSRIVECLRNGEPM
DQNVYEGASWSSLLPLTARSIAQGGMPVEFPDFTRGDWKTTMPLAVVSLEHHHHHH
;
_entity_poly.pdbx_strand_id   A,B,C,D
#
# COMPACT_ATOMS: atom_id res chain seq x y z
N VAL A 7 -3.96 -19.38 18.30
CA VAL A 7 -3.91 -20.63 17.54
C VAL A 7 -2.48 -20.95 17.14
N GLU A 8 -1.97 -22.08 17.63
CA GLU A 8 -0.59 -22.47 17.38
C GLU A 8 -0.46 -23.02 15.96
N ILE A 9 0.39 -22.38 15.17
CA ILE A 9 0.61 -22.77 13.78
C ILE A 9 2.11 -22.92 13.58
N PRO A 10 2.62 -24.13 13.32
CA PRO A 10 4.06 -24.26 13.03
C PRO A 10 4.38 -23.64 11.69
N ALA A 11 5.42 -22.82 11.65
CA ALA A 11 5.82 -22.16 10.42
C ALA A 11 7.34 -22.27 10.29
N GLY A 12 7.83 -21.92 9.10
CA GLY A 12 9.27 -22.00 8.87
C GLY A 12 9.76 -23.43 8.94
N ASP A 13 10.98 -23.59 9.46
CA ASP A 13 11.60 -24.92 9.50
C ASP A 13 10.83 -25.88 10.39
N HIS A 14 10.24 -25.39 11.47
CA HIS A 14 9.48 -26.25 12.37
C HIS A 14 8.29 -26.91 11.69
N LEU A 15 7.84 -26.34 10.58
CA LEU A 15 6.72 -26.91 9.83
C LEU A 15 7.15 -28.17 9.08
N TRP A 16 8.38 -28.18 8.55
CA TRP A 16 8.83 -29.23 7.64
C TRP A 16 10.11 -29.93 8.09
N LYS A 17 10.57 -29.72 9.32
CA LYS A 17 11.77 -30.38 9.81
C LYS A 17 11.43 -31.75 10.38
N SER A 18 12.40 -32.66 10.32
CA SER A 18 12.27 -34.02 10.84
C SER A 18 11.59 -34.10 12.20
N ALA A 23 14.22 -41.41 13.09
CA ALA A 23 14.37 -42.46 14.09
C ALA A 23 13.65 -43.75 13.68
N PRO A 24 14.40 -44.83 13.52
CA PRO A 24 13.79 -46.12 13.15
C PRO A 24 12.73 -46.57 14.14
N ARG A 25 11.88 -47.47 13.67
CA ARG A 25 10.76 -47.98 14.45
C ARG A 25 11.25 -48.72 15.69
N PRO A 26 10.68 -48.45 16.87
CA PRO A 26 11.08 -49.18 18.07
C PRO A 26 10.75 -50.66 17.98
N SER A 27 11.55 -51.48 18.65
CA SER A 27 11.39 -52.93 18.58
C SER A 27 10.02 -53.38 19.05
N GLY A 28 9.37 -52.61 19.92
CA GLY A 28 8.04 -52.96 20.36
C GLY A 28 6.91 -52.41 19.52
N SER A 29 7.23 -51.65 18.48
CA SER A 29 6.21 -51.08 17.61
C SER A 29 5.95 -51.97 16.40
N THR A 30 4.76 -51.82 15.82
CA THR A 30 4.26 -52.66 14.75
C THR A 30 3.93 -51.80 13.53
N TYR A 31 4.41 -52.21 12.36
CA TYR A 31 3.96 -51.57 11.13
C TYR A 31 2.47 -51.80 10.96
N MET A 32 1.72 -50.72 10.71
CA MET A 32 0.27 -50.76 10.76
C MET A 32 -0.39 -50.89 9.39
N GLY A 33 0.38 -51.25 8.36
CA GLY A 33 -0.19 -51.52 7.05
C GLY A 33 -1.09 -52.74 7.09
N GLY A 34 -2.32 -52.59 6.61
CA GLY A 34 -3.27 -53.69 6.66
C GLY A 34 -3.62 -54.16 8.06
N PHE A 35 -3.47 -53.31 9.07
CA PHE A 35 -3.69 -53.75 10.45
C PHE A 35 -5.15 -54.08 10.70
N LYS A 36 -5.38 -55.23 11.34
CA LYS A 36 -6.70 -55.68 11.74
C LYS A 36 -6.80 -55.58 13.26
N ALA A 37 -7.71 -54.72 13.73
CA ALA A 37 -7.97 -54.58 15.16
C ALA A 37 -8.95 -55.65 15.64
N PRO A 38 -9.04 -55.89 16.95
CA PRO A 38 -10.07 -56.81 17.45
C PRO A 38 -11.46 -56.30 17.06
N ARG A 39 -12.35 -57.25 16.80
CA ARG A 39 -13.71 -56.88 16.39
C ARG A 39 -14.44 -56.15 17.49
N LEU A 40 -15.28 -55.20 17.09
CA LEU A 40 -16.10 -54.40 18.00
C LEU A 40 -17.56 -54.57 17.57
N GLY A 41 -18.26 -55.52 18.21
CA GLY A 41 -19.66 -55.74 17.87
C GLY A 41 -20.53 -54.53 18.14
N ARG A 42 -20.24 -53.78 19.19
CA ARG A 42 -20.87 -52.50 19.46
C ARG A 42 -19.76 -51.51 19.74
N ILE A 43 -19.56 -50.57 18.82
CA ILE A 43 -18.50 -49.58 18.93
C ILE A 43 -18.91 -48.51 19.92
N ARG A 44 -18.16 -48.39 21.01
CA ARG A 44 -18.39 -47.33 21.99
C ARG A 44 -17.60 -46.12 21.51
N LEU A 45 -18.32 -45.16 20.93
CA LEU A 45 -17.73 -44.09 20.15
C LEU A 45 -17.91 -42.76 20.88
N ALA A 46 -16.86 -41.93 20.84
CA ALA A 46 -16.89 -40.60 21.43
C ALA A 46 -16.49 -39.58 20.40
N PHE A 47 -17.00 -38.36 20.55
CA PHE A 47 -16.72 -37.26 19.64
C PHE A 47 -15.95 -36.17 20.38
N ILE A 48 -14.91 -35.66 19.75
CA ILE A 48 -14.14 -34.55 20.28
C ILE A 48 -14.20 -33.43 19.23
N GLY A 49 -14.92 -32.36 19.55
CA GLY A 49 -15.18 -31.30 18.59
C GLY A 49 -16.45 -31.57 17.82
N VAL A 50 -17.54 -30.89 18.17
CA VAL A 50 -18.81 -31.09 17.48
C VAL A 50 -19.31 -29.76 16.94
N GLY A 51 -18.52 -29.15 16.06
CA GLY A 51 -19.00 -27.97 15.37
C GLY A 51 -19.79 -28.43 14.16
N GLY A 52 -19.66 -27.72 13.04
CA GLY A 52 -20.37 -28.12 11.84
C GLY A 52 -20.07 -29.54 11.45
N ARG A 53 -18.79 -29.88 11.31
CA ARG A 53 -18.42 -31.19 10.81
C ARG A 53 -18.65 -32.28 11.85
N GLY A 54 -18.23 -32.03 13.09
CA GLY A 54 -18.41 -33.02 14.15
C GLY A 54 -19.87 -33.38 14.38
N PHE A 55 -20.76 -32.39 14.34
CA PHE A 55 -22.18 -32.67 14.53
C PHE A 55 -22.76 -33.44 13.35
N SER A 56 -22.24 -33.20 12.13
CA SER A 56 -22.68 -33.97 10.96
C SER A 56 -22.37 -35.45 11.12
N HIS A 57 -21.14 -35.76 11.52
CA HIS A 57 -20.79 -37.16 11.76
C HIS A 57 -21.67 -37.76 12.86
N LEU A 58 -21.86 -37.02 13.94
CA LEU A 58 -22.69 -37.49 15.04
C LEU A 58 -24.11 -37.78 14.57
N ALA A 59 -24.68 -36.87 13.77
CA ALA A 59 -26.05 -37.02 13.31
C ALA A 59 -26.23 -38.26 12.46
N GLN A 60 -25.25 -38.57 11.62
CA GLN A 60 -25.38 -39.75 10.78
C GLN A 60 -25.15 -41.03 11.60
N MET A 61 -24.22 -41.00 12.54
CA MET A 61 -23.91 -42.21 13.28
C MET A 61 -24.93 -42.56 14.36
N CYS A 62 -25.85 -41.65 14.71
CA CYS A 62 -26.94 -41.94 15.65
CA CYS A 62 -26.83 -42.07 15.70
C CYS A 62 -27.91 -42.96 15.11
N VAL A 63 -27.92 -43.18 13.80
CA VAL A 63 -28.84 -44.11 13.16
C VAL A 63 -28.12 -45.32 12.59
N MET A 64 -26.86 -45.52 12.95
CA MET A 64 -26.09 -46.67 12.49
C MET A 64 -26.19 -47.80 13.50
N ASP A 65 -26.31 -49.02 12.99
CA ASP A 65 -26.33 -50.20 13.85
C ASP A 65 -24.92 -50.51 14.35
N GLY A 66 -24.84 -51.08 15.54
CA GLY A 66 -23.57 -51.46 16.11
C GLY A 66 -22.73 -50.29 16.60
N VAL A 67 -23.35 -49.15 16.87
CA VAL A 67 -22.66 -47.94 17.33
C VAL A 67 -23.37 -47.43 18.57
N GLU A 68 -22.60 -47.15 19.62
CA GLU A 68 -23.12 -46.47 20.80
C GLU A 68 -22.26 -45.24 21.05
N ILE A 69 -22.88 -44.05 20.98
CA ILE A 69 -22.17 -42.80 21.19
C ILE A 69 -22.14 -42.54 22.68
N VAL A 70 -20.98 -42.77 23.30
CA VAL A 70 -20.88 -42.73 24.76
C VAL A 70 -20.49 -41.37 25.31
N GLY A 71 -19.84 -40.53 24.52
CA GLY A 71 -19.37 -39.25 25.03
C GLY A 71 -19.26 -38.22 23.93
N ILE A 72 -19.43 -36.96 24.31
CA ILE A 72 -19.36 -35.82 23.40
C ILE A 72 -18.58 -34.71 24.10
N CYS A 73 -17.58 -34.17 23.43
CA CYS A 73 -16.71 -33.15 23.99
C CYS A 73 -16.52 -32.01 23.01
N ASP A 74 -16.69 -30.78 23.49
CA ASP A 74 -16.47 -29.58 22.71
C ASP A 74 -16.12 -28.47 23.68
N LEU A 75 -15.40 -27.46 23.19
CA LEU A 75 -15.11 -26.31 24.03
C LEU A 75 -16.41 -25.63 24.45
N LYS A 76 -17.39 -25.55 23.55
CA LYS A 76 -18.63 -24.83 23.81
C LYS A 76 -19.66 -25.74 24.46
N GLU A 77 -20.18 -25.29 25.59
CA GLU A 77 -21.17 -26.09 26.33
C GLU A 77 -22.42 -26.34 25.50
N GLU A 78 -22.87 -25.34 24.74
CA GLU A 78 -24.11 -25.47 23.98
C GLU A 78 -23.96 -26.42 22.80
N LEU A 79 -22.75 -26.57 22.27
CA LEU A 79 -22.52 -27.53 21.19
C LEU A 79 -22.47 -28.95 21.72
N THR A 80 -21.84 -29.15 22.89
CA THR A 80 -21.91 -30.44 23.56
C THR A 80 -23.35 -30.83 23.84
N LYS A 81 -24.14 -29.88 24.36
CA LYS A 81 -25.53 -30.17 24.68
C LYS A 81 -26.32 -30.50 23.42
N ARG A 82 -26.07 -29.79 22.33
CA ARG A 82 -26.77 -30.10 21.08
C ARG A 82 -26.49 -31.53 20.64
N GLY A 83 -25.24 -31.97 20.73
CA GLY A 83 -24.92 -33.35 20.39
C GLY A 83 -25.55 -34.37 21.33
N VAL A 84 -25.49 -34.09 22.64
CA VAL A 84 -26.07 -35.02 23.62
C VAL A 84 -27.57 -35.16 23.40
N ASP A 85 -28.26 -34.03 23.20
CA ASP A 85 -29.70 -34.05 22.98
C ASP A 85 -30.06 -34.83 21.73
N ARG A 86 -29.27 -34.66 20.67
CA ARG A 86 -29.53 -35.36 19.42
C ARG A 86 -29.45 -36.86 19.60
N VAL A 87 -28.40 -37.34 20.29
CA VAL A 87 -28.24 -38.78 20.51
C VAL A 87 -29.36 -39.32 21.38
N LEU A 88 -29.71 -38.59 22.46
CA LEU A 88 -30.78 -39.04 23.34
C LEU A 88 -32.10 -39.17 22.57
N SER A 89 -32.37 -38.21 21.68
CA SER A 89 -33.62 -38.24 20.93
C SER A 89 -33.67 -39.43 19.98
N ARG A 90 -32.55 -39.77 19.36
CA ARG A 90 -32.53 -40.83 18.36
C ARG A 90 -32.27 -42.22 18.94
N MET A 91 -31.57 -42.31 20.08
CA MET A 91 -31.14 -43.59 20.61
C MET A 91 -31.67 -43.94 21.99
N GLY A 92 -32.24 -42.98 22.72
CA GLY A 92 -32.82 -43.29 24.01
C GLY A 92 -31.82 -43.41 25.14
N LYS A 93 -30.54 -43.08 24.89
CA LYS A 93 -29.51 -43.13 25.91
C LYS A 93 -28.60 -41.93 25.72
N SER A 94 -28.38 -41.18 26.79
CA SER A 94 -27.59 -39.94 26.68
C SER A 94 -26.11 -40.24 26.77
N PRO A 95 -25.30 -39.70 25.86
CA PRO A 95 -23.85 -39.73 26.07
C PRO A 95 -23.48 -38.79 27.20
N LEU A 96 -22.30 -39.01 27.77
CA LEU A 96 -21.78 -38.09 28.77
C LEU A 96 -21.17 -36.89 28.05
N GLY A 97 -21.44 -35.70 28.58
CA GLY A 97 -21.01 -34.44 27.96
C GLY A 97 -19.85 -33.83 28.70
N TYR A 98 -18.91 -33.25 27.95
CA TYR A 98 -17.73 -32.61 28.51
C TYR A 98 -17.50 -31.30 27.78
N SER A 99 -17.24 -30.24 28.54
CA SER A 99 -17.03 -28.92 27.97
C SER A 99 -16.05 -28.14 28.84
N GLY A 100 -15.57 -27.03 28.30
CA GLY A 100 -14.80 -26.06 29.06
C GLY A 100 -13.42 -25.74 28.51
N GLY A 101 -12.43 -26.58 28.79
CA GLY A 101 -11.07 -26.31 28.40
C GLY A 101 -10.62 -27.26 27.29
N ASP A 102 -9.51 -26.90 26.65
CA ASP A 102 -9.07 -27.67 25.50
C ASP A 102 -8.45 -29.01 25.87
N MET A 103 -8.27 -29.29 27.16
CA MET A 103 -7.79 -30.59 27.62
C MET A 103 -8.89 -31.41 28.30
N GLU A 104 -10.13 -30.93 28.29
CA GLU A 104 -11.23 -31.66 28.91
C GLU A 104 -11.49 -33.00 28.24
N TYR A 105 -11.09 -33.16 26.98
CA TYR A 105 -11.26 -34.45 26.30
C TYR A 105 -10.49 -35.56 26.99
N LEU A 106 -9.40 -35.21 27.68
CA LEU A 106 -8.63 -36.20 28.43
C LEU A 106 -9.47 -36.81 29.54
N THR A 107 -10.30 -35.99 30.21
CA THR A 107 -11.20 -36.52 31.22
C THR A 107 -12.19 -37.49 30.61
N MET A 108 -12.69 -37.19 29.41
CA MET A 108 -13.63 -38.10 28.75
C MET A 108 -12.96 -39.42 28.40
N LEU A 109 -11.76 -39.36 27.82
CA LEU A 109 -11.04 -40.60 27.47
C LEU A 109 -10.83 -41.46 28.70
N LYS A 110 -10.41 -40.86 29.81
CA LYS A 110 -10.14 -41.61 31.02
C LYS A 110 -11.42 -42.21 31.60
N GLU A 111 -12.51 -41.46 31.60
CA GLU A 111 -13.73 -41.91 32.25
C GLU A 111 -14.50 -42.93 31.42
N LEU A 112 -14.57 -42.73 30.10
CA LEU A 112 -15.41 -43.57 29.25
C LEU A 112 -14.64 -44.70 28.58
N LYS A 113 -13.34 -44.54 28.40
CA LYS A 113 -12.50 -45.52 27.71
C LYS A 113 -13.16 -45.99 26.40
N PRO A 114 -13.42 -45.08 25.47
CA PRO A 114 -14.14 -45.46 24.25
C PRO A 114 -13.28 -46.36 23.37
N ASP A 115 -13.95 -47.17 22.55
CA ASP A 115 -13.24 -47.99 21.57
C ASP A 115 -12.64 -47.14 20.45
N ALA A 116 -13.29 -46.03 20.14
CA ALA A 116 -12.85 -45.16 19.06
C ALA A 116 -13.35 -43.75 19.33
N VAL A 117 -12.69 -42.77 18.72
CA VAL A 117 -13.09 -41.38 18.79
C VAL A 117 -13.08 -40.80 17.38
N ILE A 118 -13.97 -39.84 17.16
CA ILE A 118 -14.00 -39.04 15.94
C ILE A 118 -13.63 -37.62 16.32
N ILE A 119 -12.55 -37.12 15.73
CA ILE A 119 -11.96 -35.83 16.09
C ILE A 119 -12.22 -34.86 14.94
N SER A 120 -13.05 -33.86 15.19
CA SER A 120 -13.44 -32.87 14.19
C SER A 120 -13.16 -31.46 14.69
N THR A 121 -11.99 -31.27 15.31
CA THR A 121 -11.57 -29.97 15.81
C THR A 121 -10.84 -29.23 14.70
N ASP A 122 -10.27 -28.07 15.02
CA ASP A 122 -9.46 -27.33 14.06
C ASP A 122 -8.15 -28.05 13.81
N TRP A 123 -7.48 -27.69 12.72
CA TRP A 123 -6.27 -28.37 12.28
C TRP A 123 -5.20 -28.41 13.37
N SER A 124 -5.10 -27.36 14.18
CA SER A 124 -3.97 -27.21 15.10
C SER A 124 -3.93 -28.30 16.16
N SER A 125 -5.09 -28.89 16.51
CA SER A 125 -5.16 -29.85 17.60
C SER A 125 -5.37 -31.28 17.14
N HIS A 126 -5.40 -31.53 15.83
CA HIS A 126 -5.65 -32.88 15.31
C HIS A 126 -4.65 -33.89 15.85
N ALA A 127 -3.35 -33.60 15.73
CA ALA A 127 -2.33 -34.58 16.06
C ALA A 127 -2.30 -34.87 17.56
N ARG A 128 -2.31 -33.82 18.38
CA ARG A 128 -2.25 -34.02 19.83
C ARG A 128 -3.45 -34.80 20.35
N ILE A 129 -4.66 -34.45 19.90
CA ILE A 129 -5.84 -35.13 20.38
C ILE A 129 -5.87 -36.59 19.91
N ALA A 130 -5.45 -36.83 18.66
CA ALA A 130 -5.46 -38.19 18.15
C ALA A 130 -4.40 -39.05 18.82
N CYS A 131 -3.21 -38.48 19.08
CA CYS A 131 -2.18 -39.22 19.80
C CYS A 131 -2.64 -39.56 21.21
N ASP A 132 -3.23 -38.60 21.90
CA ASP A 132 -3.75 -38.86 23.25
C ASP A 132 -4.82 -39.94 23.21
N SER A 133 -5.70 -39.90 22.20
CA SER A 133 -6.76 -40.90 22.10
C SER A 133 -6.18 -42.30 21.94
N MET A 134 -5.23 -42.46 21.02
CA MET A 134 -4.62 -43.77 20.83
C MET A 134 -3.90 -44.23 22.10
N LYS A 135 -3.20 -43.32 22.78
CA LYS A 135 -2.53 -43.67 24.02
C LYS A 135 -3.52 -44.04 25.12
N HIS A 136 -4.77 -43.57 25.03
CA HIS A 136 -5.81 -43.95 25.97
C HIS A 136 -6.61 -45.14 25.48
N GLY A 137 -6.14 -45.84 24.46
CA GLY A 137 -6.73 -47.10 24.06
C GLY A 137 -7.83 -47.01 23.03
N ALA A 138 -7.97 -45.87 22.35
CA ALA A 138 -9.04 -45.67 21.38
C ALA A 138 -8.45 -45.53 19.98
N HIS A 139 -9.14 -46.12 19.00
CA HIS A 139 -8.87 -45.82 17.60
C HIS A 139 -9.19 -44.35 17.32
N ALA A 140 -8.38 -43.72 16.47
CA ALA A 140 -8.51 -42.30 16.20
C ALA A 140 -8.89 -42.08 14.74
N PHE A 141 -10.06 -41.47 14.53
CA PHE A 141 -10.51 -41.08 13.20
C PHE A 141 -10.55 -39.55 13.17
N VAL A 142 -9.75 -38.97 12.27
CA VAL A 142 -9.37 -37.56 12.34
C VAL A 142 -9.80 -36.86 11.05
N GLU A 143 -10.34 -35.66 11.19
CA GLU A 143 -10.74 -34.88 10.04
C GLU A 143 -9.51 -34.36 9.30
N VAL A 144 -9.74 -33.87 8.10
CA VAL A 144 -8.67 -33.44 7.21
C VAL A 144 -8.23 -32.02 7.55
N PRO A 145 -6.95 -31.66 7.35
CA PRO A 145 -5.88 -32.63 7.06
C PRO A 145 -5.48 -33.34 8.34
N LEU A 146 -4.76 -34.46 8.23
CA LEU A 146 -4.45 -35.28 9.41
C LEU A 146 -3.67 -34.47 10.45
N ALA A 147 -2.71 -33.66 10.00
CA ALA A 147 -1.97 -32.75 10.87
C ALA A 147 -1.33 -31.67 10.00
N VAL A 148 -0.56 -30.80 10.62
CA VAL A 148 -0.01 -29.62 9.96
C VAL A 148 1.47 -29.76 9.67
N SER A 149 2.25 -30.28 10.61
CA SER A 149 3.70 -30.36 10.47
C SER A 149 4.16 -31.80 10.24
N LEU A 150 5.39 -31.93 9.75
CA LEU A 150 5.97 -33.26 9.54
C LEU A 150 6.18 -33.99 10.87
N GLU A 151 6.56 -33.26 11.92
CA GLU A 151 6.71 -33.90 13.23
C GLU A 151 5.37 -34.38 13.76
N GLU A 152 4.30 -33.61 13.54
CA GLU A 152 2.99 -34.05 13.97
C GLU A 152 2.58 -35.32 13.25
N LEU A 153 2.84 -35.39 11.94
CA LEU A 153 2.49 -36.58 11.18
C LEU A 153 3.29 -37.79 11.65
N TRP A 154 4.58 -37.60 11.92
CA TRP A 154 5.41 -38.69 12.43
C TRP A 154 4.92 -39.16 13.81
N SER A 155 4.50 -38.23 14.66
CA SER A 155 4.02 -38.62 15.99
C SER A 155 2.75 -39.46 15.88
N LEU A 156 1.89 -39.15 14.92
CA LEU A 156 0.69 -39.97 14.71
C LEU A 156 1.06 -41.36 14.19
N VAL A 157 1.99 -41.41 13.23
CA VAL A 157 2.48 -42.70 12.74
C VAL A 157 3.12 -43.49 13.88
N ASP A 158 4.04 -42.87 14.62
CA ASP A 158 4.76 -43.60 15.67
C ASP A 158 3.84 -44.01 16.81
N THR A 159 2.87 -43.17 17.16
CA THR A 159 1.93 -43.52 18.22
C THR A 159 1.03 -44.68 17.80
N SER A 160 0.55 -44.66 16.55
CA SER A 160 -0.24 -45.78 16.05
C SER A 160 0.55 -47.07 16.08
N GLU A 161 1.82 -47.02 15.63
CA GLU A 161 2.65 -48.21 15.61
C GLU A 161 3.00 -48.68 17.03
N ALA A 162 3.06 -47.76 17.99
CA ALA A 162 3.39 -48.14 19.35
C ALA A 162 2.16 -48.67 20.10
N THR A 163 1.00 -48.08 19.86
CA THR A 163 -0.21 -48.47 20.55
C THR A 163 -0.99 -49.56 19.84
N ARG A 164 -0.72 -49.78 18.56
CA ARG A 164 -1.49 -50.71 17.74
C ARG A 164 -2.96 -50.33 17.74
N LYS A 165 -3.25 -49.04 17.61
CA LYS A 165 -4.60 -48.54 17.43
C LYS A 165 -4.69 -47.90 16.05
N HIS A 166 -5.85 -48.06 15.42
CA HIS A 166 -6.11 -47.43 14.13
C HIS A 166 -5.95 -45.92 14.23
N CYS A 167 -5.35 -45.34 13.20
CA CYS A 167 -5.42 -43.89 12.99
C CYS A 167 -5.74 -43.69 11.51
N MET A 168 -6.91 -43.14 11.22
CA MET A 168 -7.35 -42.92 9.86
C MET A 168 -7.83 -41.49 9.70
N MET A 169 -7.28 -40.79 8.72
CA MET A 169 -7.82 -39.51 8.29
C MET A 169 -9.12 -39.75 7.52
N MET A 170 -10.17 -39.00 7.88
CA MET A 170 -11.50 -39.22 7.31
C MET A 170 -11.63 -38.47 5.99
N GLU A 171 -10.92 -38.98 4.98
CA GLU A 171 -11.01 -38.41 3.63
C GLU A 171 -12.27 -38.97 2.96
N ASN A 172 -13.34 -38.16 2.98
CA ASN A 172 -14.63 -38.62 2.47
C ASN A 172 -14.71 -38.66 0.95
N VAL A 173 -13.88 -37.88 0.24
CA VAL A 173 -14.02 -37.78 -1.21
C VAL A 173 -13.76 -39.12 -1.89
N ASN A 174 -12.90 -39.97 -1.29
CA ASN A 174 -12.66 -41.29 -1.86
C ASN A 174 -13.92 -42.14 -1.95
N TYR A 175 -15.00 -41.74 -1.27
CA TYR A 175 -16.24 -42.50 -1.24
C TYR A 175 -17.35 -41.85 -2.06
N GLY A 176 -17.03 -40.85 -2.88
CA GLY A 176 -17.99 -40.34 -3.82
C GLY A 176 -18.31 -41.36 -4.89
N ARG A 177 -19.49 -41.22 -5.51
CA ARG A 177 -19.89 -42.17 -6.55
C ARG A 177 -18.90 -42.14 -7.71
N ASP A 178 -18.54 -40.95 -8.19
CA ASP A 178 -17.62 -40.86 -9.32
C ASP A 178 -16.23 -41.34 -8.93
N GLU A 179 -15.77 -40.97 -7.73
CA GLU A 179 -14.46 -41.38 -7.26
C GLU A 179 -14.38 -42.89 -7.08
N LEU A 180 -15.45 -43.49 -6.54
CA LEU A 180 -15.49 -44.94 -6.40
C LEU A 180 -15.57 -45.63 -7.76
N MET A 181 -16.33 -45.06 -8.69
CA MET A 181 -16.40 -45.65 -10.03
C MET A 181 -15.03 -45.59 -10.73
N PHE A 182 -14.34 -44.46 -10.63
CA PHE A 182 -13.02 -44.34 -11.25
C PHE A 182 -12.04 -45.35 -10.68
N LEU A 183 -12.09 -45.56 -9.36
CA LEU A 183 -11.26 -46.58 -8.73
C LEU A 183 -11.56 -47.95 -9.32
N ASN A 184 -12.85 -48.27 -9.46
CA ASN A 184 -13.25 -49.55 -10.05
C ASN A 184 -12.76 -49.67 -11.49
N MET A 185 -12.90 -48.60 -12.27
CA MET A 185 -12.43 -48.64 -13.66
C MET A 185 -10.91 -48.79 -13.73
N VAL A 186 -10.19 -48.09 -12.86
CA VAL A 186 -8.74 -48.18 -12.84
C VAL A 186 -8.29 -49.58 -12.47
N ARG A 187 -8.93 -50.16 -11.44
CA ARG A 187 -8.56 -51.51 -11.01
C ARG A 187 -8.83 -52.54 -12.09
N GLN A 188 -9.81 -52.30 -12.95
CA GLN A 188 -10.10 -53.20 -14.05
C GLN A 188 -9.22 -52.95 -15.26
N GLY A 189 -8.31 -51.99 -15.19
CA GLY A 189 -7.42 -51.73 -16.30
C GLY A 189 -8.04 -51.00 -17.46
N VAL A 190 -9.13 -50.26 -17.23
CA VAL A 190 -9.91 -49.66 -18.31
C VAL A 190 -9.13 -48.58 -19.03
N ILE A 191 -8.23 -47.88 -18.34
CA ILE A 191 -7.47 -46.80 -18.95
C ILE A 191 -5.99 -47.16 -19.10
N GLY A 192 -5.66 -48.45 -19.04
CA GLY A 192 -4.30 -48.86 -19.31
C GLY A 192 -3.34 -48.53 -18.17
N ASP A 193 -2.06 -48.39 -18.52
CA ASP A 193 -1.04 -48.06 -17.53
C ASP A 193 -1.14 -46.59 -17.14
N LEU A 194 -1.15 -46.31 -15.84
CA LEU A 194 -1.34 -44.96 -15.34
C LEU A 194 -0.12 -44.08 -15.61
N LEU A 195 -0.39 -42.83 -15.97
CA LEU A 195 0.65 -41.86 -16.30
C LEU A 195 0.63 -40.65 -15.40
N HIS A 196 -0.55 -40.14 -15.07
CA HIS A 196 -0.70 -38.76 -14.62
C HIS A 196 -2.04 -38.60 -13.95
N GLY A 197 -2.08 -37.73 -12.94
CA GLY A 197 -3.31 -37.41 -12.25
C GLY A 197 -3.32 -35.94 -11.89
N GLU A 198 -4.53 -35.43 -11.69
CA GLU A 198 -4.72 -34.02 -11.35
C GLU A 198 -5.68 -33.92 -10.18
N ALA A 199 -5.24 -33.25 -9.12
CA ALA A 199 -5.99 -33.11 -7.88
C ALA A 199 -6.09 -31.63 -7.54
N ALA A 200 -7.23 -31.25 -6.93
CA ALA A 200 -7.42 -29.85 -6.59
C ALA A 200 -8.37 -29.73 -5.40
N TYR A 201 -8.30 -28.56 -4.77
CA TYR A 201 -9.36 -28.10 -3.87
C TYR A 201 -9.58 -26.63 -4.27
N ILE A 202 -10.56 -26.42 -5.15
CA ILE A 202 -10.94 -25.10 -5.61
C ILE A 202 -12.30 -24.81 -5.00
N HIS A 203 -12.35 -23.88 -4.05
CA HIS A 203 -13.57 -23.64 -3.30
C HIS A 203 -13.48 -22.27 -2.65
N CYS A 204 -14.30 -21.32 -3.09
CA CYS A 204 -14.17 -19.95 -2.61
C CYS A 204 -14.65 -19.85 -1.17
N LEU A 205 -13.70 -19.69 -0.24
CA LEU A 205 -13.98 -19.58 1.19
C LEU A 205 -13.60 -18.21 1.74
N VAL A 206 -13.53 -17.19 0.87
CA VAL A 206 -13.03 -15.88 1.29
C VAL A 206 -13.96 -15.23 2.30
N THR A 207 -15.25 -15.56 2.28
CA THR A 207 -16.18 -14.96 3.23
C THR A 207 -15.95 -15.43 4.66
N GLN A 208 -15.10 -16.45 4.88
CA GLN A 208 -14.72 -16.82 6.24
C GLN A 208 -14.00 -15.69 6.95
N LEU A 209 -13.45 -14.74 6.18
CA LEU A 209 -12.80 -13.57 6.78
C LEU A 209 -13.78 -12.74 7.61
N GLY A 210 -15.06 -12.78 7.25
CA GLY A 210 -16.08 -12.08 8.01
C GLY A 210 -16.73 -12.89 9.10
N ASP A 211 -16.23 -14.10 9.36
CA ASP A 211 -16.79 -14.98 10.39
C ASP A 211 -15.87 -14.98 11.61
N THR A 212 -16.46 -14.80 12.79
CA THR A 212 -15.71 -14.90 14.03
C THR A 212 -15.94 -16.23 14.74
N ARG A 213 -16.92 -17.01 14.31
CA ARG A 213 -17.15 -18.36 14.82
C ARG A 213 -17.02 -19.36 13.66
N GLY A 214 -17.15 -20.63 14.00
CA GLY A 214 -16.92 -21.70 13.05
C GLY A 214 -15.51 -21.67 12.51
N GLU A 215 -15.37 -22.01 11.21
CA GLU A 215 -14.04 -22.04 10.61
C GLU A 215 -13.41 -20.66 10.48
N GLY A 216 -14.23 -19.59 10.44
CA GLY A 216 -13.66 -18.26 10.39
C GLY A 216 -12.81 -17.94 11.60
N ALA A 217 -13.12 -18.57 12.74
CA ALA A 217 -12.37 -18.34 13.97
C ALA A 217 -10.91 -18.77 13.84
N TRP A 218 -10.61 -19.78 13.01
CA TRP A 218 -9.26 -20.33 12.97
C TRP A 218 -8.67 -20.54 11.57
N ARG A 219 -9.50 -20.76 10.56
CA ARG A 219 -8.94 -21.13 9.25
C ARG A 219 -8.24 -19.98 8.53
N PRO A 220 -8.81 -18.77 8.42
CA PRO A 220 -8.09 -17.72 7.68
C PRO A 220 -6.71 -17.40 8.26
N GLU A 221 -6.50 -17.57 9.56
CA GLU A 221 -5.20 -17.25 10.16
C GLU A 221 -4.07 -18.06 9.52
N TYR A 222 -4.37 -19.29 9.06
CA TYR A 222 -3.34 -20.09 8.40
C TYR A 222 -2.80 -19.40 7.15
N HIS A 223 -3.63 -18.63 6.46
CA HIS A 223 -3.16 -17.89 5.29
C HIS A 223 -2.18 -16.79 5.65
N THR A 224 -2.16 -16.35 6.91
CA THR A 224 -1.21 -15.33 7.33
C THR A 224 0.13 -15.91 7.76
N ARG A 225 0.25 -17.24 7.85
CA ARG A 225 1.44 -17.87 8.41
C ARG A 225 2.13 -18.85 7.47
N ILE A 226 1.40 -19.47 6.55
CA ILE A 226 1.96 -20.51 5.70
C ILE A 226 1.59 -20.19 4.26
N ASN A 227 2.60 -20.17 3.39
CA ASN A 227 2.38 -20.10 1.95
C ASN A 227 2.62 -21.49 1.38
N GLY A 228 1.54 -22.21 1.15
CA GLY A 228 1.62 -23.58 0.68
C GLY A 228 0.23 -24.16 0.55
N ASN A 229 0.17 -25.44 0.23
CA ASN A 229 -1.13 -26.11 0.06
C ASN A 229 -1.71 -26.48 1.43
N LEU A 230 -2.53 -25.58 1.96
CA LEU A 230 -3.15 -25.74 3.27
C LEU A 230 -4.17 -26.89 3.32
N TYR A 231 -4.70 -27.31 2.17
CA TYR A 231 -5.82 -28.26 2.13
C TYR A 231 -5.63 -29.19 0.93
N PRO A 232 -4.70 -30.14 1.02
CA PRO A 232 -4.32 -30.94 -0.16
C PRO A 232 -5.00 -32.29 -0.31
N THR A 233 -5.85 -32.72 0.63
CA THR A 233 -6.23 -34.13 0.67
C THR A 233 -7.46 -34.49 -0.19
N HIS A 234 -8.42 -33.58 -0.32
CA HIS A 234 -9.70 -33.94 -0.95
C HIS A 234 -9.52 -34.39 -2.39
N GLY A 235 -8.77 -33.62 -3.19
CA GLY A 235 -8.53 -34.02 -4.56
C GLY A 235 -7.50 -35.13 -4.69
N LEU A 236 -6.54 -35.19 -3.77
CA LEU A 236 -5.41 -36.11 -3.88
C LEU A 236 -5.75 -37.52 -3.44
N GLY A 237 -6.57 -37.66 -2.40
CA GLY A 237 -6.95 -38.95 -1.86
C GLY A 237 -7.34 -39.98 -2.90
N PRO A 238 -8.34 -39.64 -3.73
CA PRO A 238 -8.73 -40.59 -4.79
C PRO A 238 -7.61 -40.91 -5.76
N VAL A 239 -6.87 -39.90 -6.22
CA VAL A 239 -5.82 -40.12 -7.21
C VAL A 239 -4.72 -41.00 -6.62
N ALA A 240 -4.38 -40.78 -5.34
CA ALA A 240 -3.35 -41.58 -4.71
C ALA A 240 -3.76 -43.06 -4.65
N GLN A 241 -5.04 -43.32 -4.39
CA GLN A 241 -5.46 -44.72 -4.31
C GLN A 241 -5.67 -45.34 -5.68
N TYR A 242 -6.00 -44.54 -6.71
CA TYR A 242 -5.93 -45.05 -8.08
C TYR A 242 -4.54 -45.58 -8.38
N MET A 243 -3.51 -44.81 -7.99
CA MET A 243 -2.13 -45.16 -8.27
C MET A 243 -1.51 -46.11 -7.25
N ASN A 244 -2.28 -46.57 -6.26
CA ASN A 244 -1.80 -47.48 -5.22
C ASN A 244 -0.57 -46.91 -4.51
N LEU A 245 -0.58 -45.59 -4.31
CA LEU A 245 0.55 -44.95 -3.65
C LEU A 245 0.64 -45.41 -2.19
N GLU A 246 1.86 -45.69 -1.75
CA GLU A 246 2.24 -46.14 -0.41
C GLU A 246 1.82 -47.59 -0.14
N ARG A 247 1.22 -48.27 -1.10
CA ARG A 247 0.70 -49.63 -0.88
C ARG A 247 1.20 -50.55 -2.01
N GLY A 248 2.46 -50.96 -1.90
CA GLY A 248 3.06 -51.97 -2.78
C GLY A 248 3.55 -51.52 -4.13
N GLU A 249 2.72 -50.83 -4.89
CA GLU A 249 3.00 -50.54 -6.30
C GLU A 249 3.87 -49.31 -6.49
N ASP A 250 3.68 -48.29 -5.65
CA ASP A 250 4.26 -46.98 -5.89
C ASP A 250 4.23 -46.20 -4.59
N ARG A 251 4.89 -45.04 -4.59
CA ARG A 251 4.86 -44.15 -3.44
C ARG A 251 5.12 -42.73 -3.90
N PHE A 252 4.71 -41.78 -3.06
CA PHE A 252 5.08 -40.39 -3.28
C PHE A 252 6.59 -40.27 -3.15
N CYS A 253 7.22 -39.60 -4.11
CA CYS A 253 8.67 -39.45 -4.11
C CYS A 253 9.12 -38.01 -3.87
N ARG A 254 8.68 -37.07 -4.73
CA ARG A 254 9.06 -35.68 -4.59
C ARG A 254 7.90 -34.80 -5.04
N VAL A 255 7.98 -33.53 -4.66
CA VAL A 255 6.98 -32.52 -5.01
C VAL A 255 7.69 -31.18 -5.13
N ALA A 256 7.33 -30.42 -6.15
CA ALA A 256 7.77 -29.03 -6.30
C ALA A 256 6.54 -28.15 -6.28
N ALA A 257 6.61 -27.03 -5.57
CA ALA A 257 5.44 -26.22 -5.29
C ALA A 257 5.65 -24.78 -5.72
N PHE A 258 4.55 -24.14 -6.09
CA PHE A 258 4.54 -22.79 -6.62
C PHE A 258 3.26 -22.11 -6.19
N ALA A 259 3.30 -20.78 -6.06
CA ALA A 259 2.16 -20.04 -5.59
C ALA A 259 2.04 -18.73 -6.34
N SER A 260 0.81 -18.36 -6.70
CA SER A 260 0.49 -17.09 -7.33
C SER A 260 0.65 -15.99 -6.29
N PRO A 261 0.47 -14.71 -6.65
CA PRO A 261 0.47 -13.66 -5.61
C PRO A 261 -0.65 -13.88 -4.60
N ALA A 262 -0.44 -13.33 -3.40
CA ALA A 262 -1.42 -13.38 -2.32
C ALA A 262 -2.15 -12.04 -2.31
N LEU A 263 -3.30 -12.01 -2.98
CA LEU A 263 -4.00 -10.74 -3.18
C LEU A 263 -5.47 -10.77 -2.74
N GLY A 264 -6.15 -11.91 -2.92
CA GLY A 264 -7.60 -11.92 -2.76
C GLY A 264 -8.05 -11.56 -1.35
N ARG A 265 -7.42 -12.15 -0.34
CA ARG A 265 -7.89 -11.95 1.03
C ARG A 265 -7.53 -10.57 1.57
N ASN A 266 -6.35 -10.05 1.20
CA ASN A 266 -6.02 -8.66 1.53
C ASN A 266 -7.05 -7.71 0.95
N ALA A 267 -7.44 -7.93 -0.32
CA ALA A 267 -8.43 -7.09 -0.98
C ALA A 267 -9.81 -7.24 -0.33
N TYR A 268 -10.18 -8.48 0.04
CA TYR A 268 -11.48 -8.69 0.67
C TYR A 268 -11.57 -7.94 2.01
N ALA A 269 -10.51 -8.01 2.82
CA ALA A 269 -10.53 -7.32 4.11
C ALA A 269 -10.67 -5.80 3.94
N LYS A 270 -9.92 -5.22 3.00
CA LYS A 270 -10.01 -3.79 2.76
C LYS A 270 -11.39 -3.38 2.27
N LYS A 271 -12.07 -4.26 1.53
CA LYS A 271 -13.35 -3.92 0.94
C LYS A 271 -14.51 -4.06 1.92
N HIS A 272 -14.50 -5.11 2.75
CA HIS A 272 -15.67 -5.44 3.56
C HIS A 272 -15.48 -5.31 5.07
N LEU A 273 -14.26 -5.09 5.55
CA LEU A 273 -14.05 -5.11 6.99
C LEU A 273 -13.52 -3.77 7.48
N PRO A 274 -13.79 -3.41 8.73
CA PRO A 274 -13.32 -2.12 9.25
C PRO A 274 -11.80 -2.04 9.26
N ALA A 275 -11.30 -0.81 9.32
CA ALA A 275 -9.86 -0.57 9.23
C ALA A 275 -9.10 -1.16 10.40
N ASP A 276 -9.73 -1.24 11.57
CA ASP A 276 -9.10 -1.80 12.76
C ASP A 276 -9.26 -3.31 12.86
N HIS A 277 -9.91 -3.93 11.90
CA HIS A 277 -10.07 -5.39 11.92
C HIS A 277 -8.71 -6.06 11.77
N ARG A 278 -8.59 -7.24 12.37
CA ARG A 278 -7.27 -7.89 12.38
C ARG A 278 -6.85 -8.33 10.98
N TRP A 279 -7.81 -8.64 10.11
CA TRP A 279 -7.43 -9.03 8.76
C TRP A 279 -7.02 -7.84 7.89
N ASN A 280 -7.21 -6.61 8.37
CA ASN A 280 -6.68 -5.42 7.71
C ASN A 280 -5.35 -4.99 8.28
N ASN A 281 -4.88 -5.65 9.34
CA ASN A 281 -3.59 -5.37 9.95
C ASN A 281 -2.70 -6.61 10.03
N THR A 282 -3.12 -7.73 9.48
CA THR A 282 -2.30 -8.93 9.39
C THR A 282 -2.23 -9.34 7.93
N PRO A 283 -1.06 -9.30 7.30
CA PRO A 283 -1.01 -9.61 5.86
C PRO A 283 -1.21 -11.09 5.59
N PHE A 284 -1.97 -11.38 4.53
CA PHE A 284 -2.12 -12.74 4.04
C PHE A 284 -0.98 -13.04 3.08
N ILE A 285 -0.29 -14.15 3.31
CA ILE A 285 0.89 -14.49 2.53
C ILE A 285 0.70 -15.73 1.67
N CYS A 286 -0.37 -16.51 1.88
CA CYS A 286 -0.59 -17.70 1.08
C CYS A 286 -1.08 -17.30 -0.31
N GLY A 287 -0.34 -17.68 -1.34
CA GLY A 287 -0.74 -17.40 -2.70
C GLY A 287 -2.13 -17.88 -2.98
N ASP A 288 -2.95 -17.05 -3.65
CA ASP A 288 -4.34 -17.39 -3.90
C ASP A 288 -4.47 -18.78 -4.54
N MET A 289 -3.72 -19.02 -5.61
CA MET A 289 -3.68 -20.32 -6.26
C MET A 289 -2.33 -20.97 -6.01
N ASN A 290 -2.34 -22.09 -5.30
CA ASN A 290 -1.16 -22.90 -5.08
C ASN A 290 -1.15 -24.03 -6.11
N THR A 291 -0.01 -24.21 -6.78
CA THR A 291 0.17 -25.26 -7.77
C THR A 291 1.42 -26.05 -7.42
N ALA A 292 1.29 -27.38 -7.41
CA ALA A 292 2.41 -28.26 -7.12
C ALA A 292 2.36 -29.45 -8.07
N VAL A 293 3.53 -30.04 -8.31
CA VAL A 293 3.64 -31.23 -9.14
C VAL A 293 4.34 -32.29 -8.32
N VAL A 294 3.67 -33.42 -8.13
CA VAL A 294 4.21 -34.57 -7.41
C VAL A 294 4.81 -35.53 -8.41
N LYS A 295 5.98 -36.07 -8.08
CA LYS A 295 6.56 -37.19 -8.80
C LYS A 295 6.48 -38.43 -7.91
N THR A 296 5.97 -39.52 -8.45
CA THR A 296 5.95 -40.79 -7.72
C THR A 296 7.19 -41.60 -8.04
N GLN A 297 7.38 -42.70 -7.31
CA GLN A 297 8.57 -43.52 -7.54
C GLN A 297 8.54 -44.17 -8.92
N LEU A 298 7.35 -44.58 -9.39
CA LEU A 298 7.22 -45.11 -10.74
C LEU A 298 7.33 -44.03 -11.81
N GLY A 299 7.45 -42.77 -11.42
CA GLY A 299 7.60 -41.70 -12.39
C GLY A 299 6.31 -41.01 -12.78
N ARG A 300 5.18 -41.38 -12.18
CA ARG A 300 3.93 -40.69 -12.48
C ARG A 300 3.94 -39.29 -11.92
N THR A 301 3.15 -38.42 -12.54
CA THR A 301 3.01 -37.04 -12.10
C THR A 301 1.61 -36.84 -11.56
N ILE A 302 1.51 -36.03 -10.51
CA ILE A 302 0.22 -35.61 -9.96
C ILE A 302 0.25 -34.10 -9.84
N LEU A 303 -0.63 -33.43 -10.57
CA LEU A 303 -0.87 -32.01 -10.38
C LEU A 303 -1.77 -31.83 -9.17
N VAL A 304 -1.33 -31.00 -8.21
CA VAL A 304 -2.09 -30.72 -7.00
C VAL A 304 -2.22 -29.22 -6.85
N GLN A 305 -3.45 -28.72 -6.77
CA GLN A 305 -3.72 -27.28 -6.73
C GLN A 305 -4.66 -26.95 -5.59
N LEU A 306 -4.46 -25.77 -5.02
CA LEU A 306 -5.33 -25.27 -3.96
C LEU A 306 -5.65 -23.81 -4.22
N ASP A 307 -6.94 -23.48 -4.25
CA ASP A 307 -7.36 -22.08 -4.26
C ASP A 307 -8.68 -22.03 -3.50
N GLU A 308 -8.61 -21.56 -2.25
CA GLU A 308 -9.81 -21.34 -1.45
C GLU A 308 -10.09 -19.86 -1.28
N THR A 309 -9.67 -19.04 -2.24
CA THR A 309 -9.84 -17.59 -2.20
C THR A 309 -10.54 -17.02 -3.42
N SER A 310 -10.09 -17.38 -4.62
CA SER A 310 -10.56 -16.73 -5.84
C SER A 310 -12.04 -17.04 -6.10
N PRO A 311 -12.75 -16.10 -6.74
CA PRO A 311 -14.16 -16.36 -7.10
C PRO A 311 -14.28 -17.17 -8.37
N ARG A 312 -14.52 -18.47 -8.24
CA ARG A 312 -14.69 -19.38 -9.37
C ARG A 312 -15.38 -20.65 -8.87
N PRO A 313 -15.93 -21.48 -9.77
CA PRO A 313 -16.70 -22.64 -9.32
C PRO A 313 -15.88 -23.67 -8.55
N TYR A 314 -16.59 -24.43 -7.71
CA TYR A 314 -15.98 -25.50 -6.92
C TYR A 314 -15.42 -26.61 -7.81
N SER A 315 -14.26 -27.15 -7.42
CA SER A 315 -13.70 -28.27 -8.16
C SER A 315 -12.68 -29.02 -7.33
N ARG A 316 -12.61 -30.33 -7.56
CA ARG A 316 -11.53 -31.17 -7.04
C ARG A 316 -10.70 -31.81 -8.15
N ALA A 317 -10.96 -31.44 -9.41
CA ALA A 317 -10.26 -31.96 -10.59
C ALA A 317 -10.56 -33.44 -10.80
N ASN A 318 -10.05 -34.29 -9.91
CA ASN A 318 -10.25 -35.75 -9.97
C ASN A 318 -10.00 -36.29 -11.38
N LEU A 319 -8.84 -35.95 -11.94
CA LEU A 319 -8.44 -36.46 -13.24
C LEU A 319 -7.41 -37.56 -13.05
N ILE A 320 -7.64 -38.70 -13.70
CA ILE A 320 -6.68 -39.79 -13.73
C ILE A 320 -6.51 -40.25 -15.17
N GLN A 321 -5.27 -40.29 -15.64
CA GLN A 321 -4.95 -40.49 -17.04
C GLN A 321 -4.03 -41.69 -17.22
N GLY A 322 -4.37 -42.55 -18.18
CA GLY A 322 -3.54 -43.69 -18.52
C GLY A 322 -3.33 -43.79 -20.02
N THR A 323 -2.55 -44.79 -20.41
CA THR A 323 -2.23 -44.98 -21.82
C THR A 323 -3.43 -45.36 -22.67
N GLU A 324 -4.56 -45.74 -22.06
CA GLU A 324 -5.72 -46.16 -22.82
C GLU A 324 -6.97 -45.32 -22.58
N GLY A 325 -6.87 -44.25 -21.78
CA GLY A 325 -8.01 -43.39 -21.57
C GLY A 325 -7.78 -42.48 -20.40
N THR A 326 -8.73 -41.55 -20.21
CA THR A 326 -8.69 -40.57 -19.14
C THR A 326 -10.06 -40.45 -18.49
N LEU A 327 -10.07 -40.39 -17.16
CA LEU A 327 -11.27 -40.11 -16.38
C LEU A 327 -11.08 -38.81 -15.63
N ALA A 328 -12.12 -37.98 -15.57
CA ALA A 328 -12.01 -36.71 -14.89
C ALA A 328 -13.36 -36.30 -14.30
N GLY A 329 -13.30 -35.45 -13.28
CA GLY A 329 -14.48 -34.95 -12.62
C GLY A 329 -14.61 -33.44 -12.83
N PHE A 330 -15.76 -32.91 -12.42
CA PHE A 330 -16.06 -31.49 -12.43
C PHE A 330 -15.84 -30.85 -13.80
N PRO A 331 -16.63 -31.21 -14.82
CA PRO A 331 -17.75 -32.17 -14.73
C PRO A 331 -17.29 -33.60 -14.99
N THR A 332 -18.04 -34.59 -14.48
CA THR A 332 -17.70 -35.99 -14.72
C THR A 332 -17.66 -36.27 -16.21
N ARG A 333 -16.53 -36.83 -16.68
CA ARG A 333 -16.34 -37.10 -18.09
C ARG A 333 -15.30 -38.20 -18.24
N VAL A 334 -15.51 -39.08 -19.20
CA VAL A 334 -14.60 -40.19 -19.44
C VAL A 334 -14.35 -40.30 -20.94
N ALA A 335 -13.18 -40.82 -21.30
CA ALA A 335 -12.85 -41.03 -22.69
C ALA A 335 -11.79 -42.11 -22.77
N GLY A 336 -11.94 -43.01 -23.74
CA GLY A 336 -10.99 -44.08 -23.90
C GLY A 336 -11.42 -45.11 -24.93
N GLU A 337 -10.47 -45.92 -25.37
CA GLU A 337 -10.73 -46.92 -26.39
C GLU A 337 -11.76 -47.95 -25.95
N LYS A 338 -11.86 -48.21 -24.65
CA LYS A 338 -12.78 -49.21 -24.14
C LYS A 338 -14.11 -48.63 -23.70
N LEU A 339 -14.28 -47.31 -23.76
CA LEU A 339 -15.44 -46.64 -23.18
C LEU A 339 -16.38 -46.16 -24.28
N GLY A 340 -17.66 -46.51 -24.13
CA GLY A 340 -18.66 -46.08 -25.11
C GLY A 340 -18.35 -46.62 -26.49
N ASN A 341 -18.41 -45.74 -27.49
CA ASN A 341 -18.07 -46.16 -28.85
C ASN A 341 -16.56 -46.18 -29.09
N GLY A 342 -15.76 -45.92 -28.05
CA GLY A 342 -14.31 -45.92 -28.16
C GLY A 342 -13.72 -44.68 -28.79
N ASN A 343 -14.54 -43.68 -29.13
CA ASN A 343 -14.03 -42.45 -29.73
C ASN A 343 -13.49 -41.57 -28.62
N TYR A 344 -12.21 -41.76 -28.30
CA TYR A 344 -11.59 -40.97 -27.23
C TYR A 344 -11.40 -39.51 -27.59
N HIS A 345 -11.68 -39.12 -28.84
CA HIS A 345 -11.53 -37.73 -29.24
C HIS A 345 -12.59 -36.82 -28.63
N GLU A 346 -13.68 -37.39 -28.09
CA GLU A 346 -14.71 -36.59 -27.45
C GLU A 346 -15.02 -37.18 -26.07
N TRP A 347 -15.41 -36.31 -25.15
CA TRP A 347 -15.75 -36.76 -23.81
C TRP A 347 -17.11 -37.46 -23.80
N ILE A 348 -17.20 -38.54 -23.03
CA ILE A 348 -18.49 -39.07 -22.63
C ILE A 348 -18.88 -38.32 -21.36
N GLU A 349 -19.87 -37.43 -21.47
CA GLU A 349 -20.23 -36.57 -20.35
C GLU A 349 -21.72 -36.28 -20.41
N GLY A 350 -22.23 -35.74 -19.32
CA GLY A 350 -23.66 -35.51 -19.20
C GLY A 350 -24.38 -36.74 -18.70
N ARG A 351 -25.55 -36.51 -18.10
CA ARG A 351 -26.27 -37.61 -17.47
C ARG A 351 -26.68 -38.68 -18.46
N GLU A 352 -27.10 -38.28 -19.67
CA GLU A 352 -27.59 -39.25 -20.64
C GLU A 352 -26.49 -40.21 -21.07
N LYS A 353 -25.34 -39.67 -21.49
CA LYS A 353 -24.29 -40.55 -22.00
C LYS A 353 -23.59 -41.31 -20.88
N LEU A 354 -23.49 -40.72 -19.70
CA LEU A 354 -22.83 -41.37 -18.58
C LEU A 354 -23.66 -42.50 -17.99
N ALA A 355 -24.96 -42.57 -18.29
CA ALA A 355 -25.81 -43.59 -17.68
C ALA A 355 -25.27 -44.99 -17.95
N ALA A 356 -24.84 -45.25 -19.18
CA ALA A 356 -24.29 -46.56 -19.49
C ALA A 356 -22.96 -46.79 -18.80
N ILE A 357 -22.21 -45.72 -18.50
CA ILE A 357 -20.94 -45.86 -17.79
C ILE A 357 -21.18 -46.23 -16.33
N TYR A 358 -22.11 -45.52 -15.67
CA TYR A 358 -22.49 -45.88 -14.31
C TYR A 358 -23.02 -47.31 -14.25
N GLU A 359 -23.86 -47.69 -15.21
CA GLU A 359 -24.42 -49.04 -15.23
C GLU A 359 -23.34 -50.09 -15.26
N LYS A 360 -22.28 -49.87 -16.03
CA LYS A 360 -21.24 -50.87 -16.22
C LYS A 360 -20.17 -50.82 -15.14
N TYR A 361 -19.90 -49.65 -14.54
CA TYR A 361 -18.72 -49.49 -13.71
C TYR A 361 -19.00 -48.97 -12.32
N ASP A 362 -20.26 -48.79 -11.92
CA ASP A 362 -20.56 -48.38 -10.56
C ASP A 362 -19.84 -49.30 -9.57
N HIS A 363 -19.15 -48.70 -8.61
CA HIS A 363 -18.46 -49.48 -7.59
C HIS A 363 -19.47 -50.28 -6.79
N PRO A 364 -19.23 -51.58 -6.56
CA PRO A 364 -20.21 -52.36 -5.79
C PRO A 364 -20.49 -51.80 -4.41
N LEU A 365 -19.52 -51.13 -3.80
CA LEU A 365 -19.76 -50.47 -2.52
C LEU A 365 -20.81 -49.37 -2.67
N TRP A 366 -20.77 -48.63 -3.78
CA TRP A 366 -21.77 -47.59 -3.98
C TRP A 366 -23.15 -48.20 -4.24
N LYS A 367 -23.21 -49.29 -5.00
CA LYS A 367 -24.50 -49.92 -5.24
C LYS A 367 -25.11 -50.47 -3.95
N ARG A 368 -24.27 -50.91 -3.01
CA ARG A 368 -24.78 -51.48 -1.77
C ARG A 368 -25.21 -50.39 -0.77
N ILE A 369 -24.46 -49.29 -0.70
CA ILE A 369 -24.71 -48.27 0.30
C ILE A 369 -25.10 -46.92 -0.30
N GLY A 370 -24.79 -46.65 -1.57
CA GLY A 370 -24.91 -45.30 -2.10
C GLY A 370 -26.33 -44.77 -2.13
N GLU A 371 -27.31 -45.64 -2.38
CA GLU A 371 -28.71 -45.20 -2.40
C GLU A 371 -29.13 -44.68 -1.04
N LEU A 372 -28.93 -45.49 0.01
CA LEU A 372 -29.18 -45.02 1.36
C LEU A 372 -28.30 -43.82 1.70
N ALA A 373 -27.07 -43.79 1.18
CA ALA A 373 -26.17 -42.67 1.44
C ALA A 373 -26.69 -41.37 0.81
N THR A 374 -27.27 -41.46 -0.39
CA THR A 374 -27.91 -40.29 -0.99
C THR A 374 -29.13 -39.86 -0.18
N LYS A 375 -29.81 -40.81 0.46
CA LYS A 375 -30.88 -40.46 1.39
C LYS A 375 -30.32 -39.75 2.62
N MET A 376 -29.24 -40.31 3.21
CA MET A 376 -28.63 -39.71 4.38
C MET A 376 -27.96 -38.38 4.03
N GLY A 377 -27.30 -38.30 2.88
CA GLY A 377 -26.65 -37.08 2.46
C GLY A 377 -25.22 -36.96 2.95
N GLY A 378 -24.75 -35.72 3.06
CA GLY A 378 -23.37 -35.48 3.43
C GLY A 378 -22.47 -35.45 2.21
N HIS A 379 -22.39 -34.28 1.56
CA HIS A 379 -21.63 -34.11 0.32
C HIS A 379 -22.07 -35.09 -0.75
N GLY A 380 -23.38 -35.34 -0.84
CA GLY A 380 -23.93 -36.20 -1.87
C GLY A 380 -24.02 -37.67 -1.51
N GLY A 381 -23.57 -38.07 -0.33
CA GLY A 381 -23.61 -39.45 0.10
C GLY A 381 -22.27 -40.03 0.48
N MET A 382 -21.17 -39.41 0.06
CA MET A 382 -19.84 -39.92 0.39
C MET A 382 -19.61 -39.97 1.90
N ASP A 383 -20.21 -39.05 2.66
CA ASP A 383 -20.04 -39.06 4.10
C ASP A 383 -20.64 -40.33 4.71
N PHE A 384 -21.85 -40.69 4.27
CA PHE A 384 -22.48 -41.89 4.83
C PHE A 384 -21.74 -43.16 4.41
N VAL A 385 -21.24 -43.20 3.18
CA VAL A 385 -20.47 -44.36 2.76
C VAL A 385 -19.19 -44.47 3.58
N MET A 386 -18.48 -43.35 3.75
CA MET A 386 -17.25 -43.37 4.54
C MET A 386 -17.50 -43.84 5.96
N LEU A 387 -18.51 -43.28 6.62
CA LEU A 387 -18.80 -43.67 8.00
C LEU A 387 -19.25 -45.12 8.09
N SER A 388 -20.02 -45.58 7.12
CA SER A 388 -20.45 -46.98 7.11
C SER A 388 -19.26 -47.93 6.98
N ARG A 389 -18.30 -47.58 6.13
CA ARG A 389 -17.10 -48.41 5.98
C ARG A 389 -16.27 -48.43 7.26
N ILE A 390 -16.19 -47.28 7.94
CA ILE A 390 -15.49 -47.26 9.22
C ILE A 390 -16.16 -48.21 10.21
N VAL A 391 -17.49 -48.17 10.27
CA VAL A 391 -18.21 -49.05 11.20
C VAL A 391 -18.04 -50.51 10.79
N GLU A 392 -18.18 -50.81 9.50
CA GLU A 392 -18.02 -52.19 9.02
C GLU A 392 -16.64 -52.75 9.36
N CYS A 393 -15.59 -51.97 9.07
CA CYS A 393 -14.25 -52.46 9.33
C CYS A 393 -14.00 -52.66 10.81
N LEU A 394 -14.52 -51.76 11.64
CA LEU A 394 -14.35 -51.92 13.08
C LEU A 394 -15.13 -53.12 13.60
N ARG A 395 -16.36 -53.31 13.11
CA ARG A 395 -17.17 -54.43 13.59
CA ARG A 395 -17.17 -54.43 13.59
C ARG A 395 -16.66 -55.76 13.07
N ASN A 396 -16.14 -55.81 11.84
CA ASN A 396 -15.67 -57.06 11.28
C ASN A 396 -14.21 -57.35 11.57
N GLY A 397 -13.48 -56.42 12.19
CA GLY A 397 -12.07 -56.63 12.42
C GLY A 397 -11.25 -56.64 11.14
N GLU A 398 -11.64 -55.85 10.17
CA GLU A 398 -10.97 -55.75 8.88
C GLU A 398 -10.15 -54.47 8.80
N PRO A 399 -9.14 -54.42 7.94
CA PRO A 399 -8.34 -53.19 7.82
C PRO A 399 -9.19 -52.05 7.26
N MET A 400 -8.78 -50.84 7.60
CA MET A 400 -9.39 -49.63 7.05
C MET A 400 -8.98 -49.45 5.59
N ASP A 401 -9.89 -48.88 4.80
CA ASP A 401 -9.59 -48.61 3.39
C ASP A 401 -8.46 -47.61 3.23
N GLN A 402 -8.23 -46.76 4.23
CA GLN A 402 -7.13 -45.80 4.25
C GLN A 402 -6.32 -46.03 5.51
N ASN A 403 -5.04 -46.33 5.35
CA ASN A 403 -4.20 -46.54 6.52
C ASN A 403 -3.60 -45.21 6.97
N VAL A 404 -2.88 -45.25 8.10
CA VAL A 404 -2.33 -44.02 8.66
C VAL A 404 -1.24 -43.44 7.75
N TYR A 405 -0.50 -44.30 7.04
CA TYR A 405 0.59 -43.81 6.20
C TYR A 405 0.06 -43.05 4.99
N GLU A 406 -1.11 -43.45 4.48
CA GLU A 406 -1.73 -42.70 3.40
C GLU A 406 -2.20 -41.33 3.89
N GLY A 407 -2.89 -41.29 5.03
CA GLY A 407 -3.31 -40.01 5.58
C GLY A 407 -2.14 -39.09 5.85
N ALA A 408 -1.04 -39.64 6.37
CA ALA A 408 0.15 -38.84 6.62
C ALA A 408 0.77 -38.35 5.32
N SER A 409 0.85 -39.22 4.31
CA SER A 409 1.44 -38.82 3.04
C SER A 409 0.61 -37.76 2.33
N TRP A 410 -0.73 -37.93 2.30
CA TRP A 410 -1.57 -36.93 1.65
C TRP A 410 -1.48 -35.59 2.37
N SER A 411 -1.48 -35.61 3.70
CA SER A 411 -1.40 -34.37 4.46
C SER A 411 -0.01 -33.76 4.42
N SER A 412 1.04 -34.57 4.18
CA SER A 412 2.38 -34.01 4.13
C SER A 412 2.56 -33.03 2.97
N LEU A 413 1.63 -33.01 2.02
CA LEU A 413 1.69 -31.98 0.97
C LEU A 413 1.66 -30.58 1.55
N LEU A 414 1.00 -30.39 2.70
CA LEU A 414 0.98 -29.05 3.30
C LEU A 414 2.38 -28.58 3.68
N PRO A 415 3.10 -29.24 4.60
CA PRO A 415 4.45 -28.73 4.92
C PRO A 415 5.44 -28.87 3.77
N LEU A 416 5.29 -29.87 2.91
CA LEU A 416 6.26 -30.08 1.84
C LEU A 416 6.13 -29.02 0.74
N THR A 417 4.89 -28.62 0.40
CA THR A 417 4.74 -27.54 -0.56
C THR A 417 5.26 -26.23 0.03
N ALA A 418 4.98 -25.97 1.31
CA ALA A 418 5.49 -24.76 1.95
C ALA A 418 7.01 -24.74 1.94
N ARG A 419 7.63 -25.89 2.18
CA ARG A 419 9.09 -25.97 2.14
C ARG A 419 9.62 -25.68 0.74
N SER A 420 8.99 -26.30 -0.27
CA SER A 420 9.42 -26.06 -1.65
C SER A 420 9.28 -24.60 -2.03
N ILE A 421 8.15 -23.99 -1.67
CA ILE A 421 7.94 -22.58 -1.98
C ILE A 421 8.95 -21.71 -1.23
N ALA A 422 9.20 -22.02 0.04
CA ALA A 422 10.21 -21.28 0.78
C ALA A 422 11.60 -21.48 0.19
N GLN A 423 11.82 -22.58 -0.53
CA GLN A 423 13.09 -22.88 -1.15
C GLN A 423 13.09 -22.60 -2.65
N GLY A 424 12.26 -21.66 -3.09
CA GLY A 424 12.26 -21.22 -4.47
C GLY A 424 11.67 -22.18 -5.48
N GLY A 425 10.87 -23.14 -5.05
CA GLY A 425 10.26 -24.08 -5.96
C GLY A 425 11.04 -25.36 -6.21
N MET A 426 12.08 -25.62 -5.42
CA MET A 426 12.87 -26.83 -5.59
CA MET A 426 12.85 -26.83 -5.64
C MET A 426 12.04 -28.06 -5.22
N PRO A 427 12.20 -29.18 -5.93
CA PRO A 427 11.53 -30.41 -5.50
C PRO A 427 12.10 -30.87 -4.16
N VAL A 428 11.20 -31.30 -3.28
CA VAL A 428 11.56 -31.78 -1.95
C VAL A 428 11.10 -33.23 -1.84
N GLU A 429 11.86 -34.01 -1.06
CA GLU A 429 11.60 -35.43 -0.95
C GLU A 429 10.49 -35.70 0.05
N PHE A 430 9.69 -36.73 -0.25
CA PHE A 430 8.72 -37.19 0.72
C PHE A 430 9.42 -38.08 1.74
N PRO A 431 9.12 -37.93 3.02
CA PRO A 431 9.58 -38.92 4.00
C PRO A 431 8.84 -40.23 3.79
N ASP A 432 9.52 -41.34 4.09
CA ASP A 432 8.89 -42.67 4.00
C ASP A 432 8.34 -43.03 5.37
N PHE A 433 7.07 -42.70 5.61
CA PHE A 433 6.44 -43.01 6.88
C PHE A 433 6.33 -44.51 7.14
N THR A 434 6.44 -45.33 6.09
CA THR A 434 6.39 -46.78 6.24
C THR A 434 7.74 -47.41 6.54
N ARG A 435 8.82 -46.62 6.51
CA ARG A 435 10.18 -47.12 6.74
C ARG A 435 10.49 -48.32 5.84
N GLY A 436 10.08 -48.21 4.58
CA GLY A 436 10.33 -49.25 3.60
C GLY A 436 9.26 -50.31 3.49
N ASP A 437 8.34 -50.39 4.44
CA ASP A 437 7.33 -51.43 4.42
C ASP A 437 6.19 -51.14 3.46
N TRP A 438 6.21 -50.00 2.77
CA TRP A 438 5.23 -49.76 1.72
C TRP A 438 5.32 -50.82 0.62
N LYS A 439 6.50 -51.40 0.42
CA LYS A 439 6.68 -52.35 -0.67
C LYS A 439 5.85 -53.62 -0.46
N THR A 440 5.55 -53.98 0.78
CA THR A 440 4.80 -55.21 1.06
C THR A 440 3.39 -54.92 1.55
N THR A 441 2.91 -53.70 1.36
CA THR A 441 1.58 -53.30 1.80
C THR A 441 0.58 -53.57 0.68
N MET A 442 -0.50 -54.28 1.01
CA MET A 442 -1.47 -54.66 0.00
C MET A 442 -2.29 -53.45 -0.46
N PRO A 443 -2.47 -53.26 -1.77
CA PRO A 443 -3.29 -52.15 -2.25
C PRO A 443 -4.75 -52.31 -1.86
N LEU A 444 -5.45 -51.18 -1.84
CA LEU A 444 -6.89 -51.19 -1.62
C LEU A 444 -7.58 -51.87 -2.80
N ALA A 445 -8.35 -52.91 -2.51
CA ALA A 445 -9.09 -53.62 -3.55
C ALA A 445 -10.47 -52.99 -3.74
N VAL A 446 -11.22 -53.50 -4.71
CA VAL A 446 -12.60 -53.09 -4.91
C VAL A 446 -13.42 -53.81 -3.84
N VAL A 447 -13.76 -53.08 -2.78
CA VAL A 447 -14.41 -53.68 -1.62
C VAL A 447 -15.82 -54.10 -1.99
N SER A 448 -16.16 -55.35 -1.66
CA SER A 448 -17.49 -55.93 -1.88
C SER A 448 -17.96 -55.79 -3.32
N ALA B 6 27.10 12.18 36.66
CA ALA B 6 26.30 13.40 36.46
C ALA B 6 26.24 13.76 34.99
N VAL B 7 25.05 14.11 34.50
CA VAL B 7 24.89 14.38 33.08
C VAL B 7 25.56 15.72 32.74
N GLU B 8 26.40 15.69 31.71
CA GLU B 8 27.16 16.87 31.30
C GLU B 8 26.33 17.68 30.30
N ILE B 9 25.99 18.91 30.67
CA ILE B 9 25.14 19.74 29.84
C ILE B 9 25.80 21.10 29.63
N PRO B 10 26.19 21.44 28.40
CA PRO B 10 26.74 22.78 28.15
C PRO B 10 25.65 23.83 28.23
N ALA B 11 25.97 24.94 28.88
CA ALA B 11 25.04 26.05 29.00
C ALA B 11 25.77 27.35 28.70
N GLY B 12 24.99 28.42 28.53
CA GLY B 12 25.56 29.73 28.23
C GLY B 12 26.25 29.74 26.88
N ASP B 13 27.35 30.49 26.81
CA ASP B 13 28.06 30.64 25.55
C ASP B 13 28.63 29.31 25.07
N HIS B 14 28.97 28.40 25.99
CA HIS B 14 29.51 27.10 25.59
C HIS B 14 28.54 26.35 24.70
N LEU B 15 27.25 26.66 24.78
CA LEU B 15 26.25 25.98 23.97
C LEU B 15 26.32 26.42 22.50
N TRP B 16 26.58 27.71 22.26
CA TRP B 16 26.47 28.28 20.92
C TRP B 16 27.73 29.01 20.45
N LYS B 17 28.85 28.91 21.15
CA LYS B 17 30.06 29.59 20.73
C LYS B 17 30.86 28.76 19.74
N SER B 18 31.58 29.44 18.85
CA SER B 18 32.44 28.80 17.88
C SER B 18 33.90 28.98 18.28
N ALA B 23 37.08 27.90 11.23
CA ALA B 23 38.34 27.27 10.84
C ALA B 23 38.20 26.52 9.50
N PRO B 24 39.15 26.74 8.60
CA PRO B 24 39.04 26.14 7.26
C PRO B 24 39.19 24.63 7.30
N ARG B 25 38.64 23.99 6.27
CA ARG B 25 38.75 22.54 6.16
C ARG B 25 40.21 22.16 5.95
N PRO B 26 40.74 21.17 6.68
CA PRO B 26 42.12 20.76 6.45
C PRO B 26 42.29 20.20 5.06
N SER B 27 43.49 20.37 4.50
CA SER B 27 43.77 19.95 3.13
C SER B 27 43.54 18.46 2.94
N GLY B 28 43.73 17.67 4.00
CA GLY B 28 43.52 16.24 3.94
C GLY B 28 42.10 15.80 4.19
N SER B 29 41.19 16.73 4.45
CA SER B 29 39.80 16.39 4.70
C SER B 29 38.98 16.48 3.42
N THR B 30 37.87 15.74 3.40
CA THR B 30 37.02 15.59 2.22
C THR B 30 35.61 16.06 2.54
N TYR B 31 35.06 16.91 1.68
CA TYR B 31 33.64 17.24 1.81
C TYR B 31 32.81 15.97 1.62
N MET B 32 31.91 15.72 2.57
CA MET B 32 31.21 14.44 2.64
C MET B 32 29.81 14.48 2.04
N GLY B 33 29.47 15.52 1.30
CA GLY B 33 28.21 15.54 0.58
C GLY B 33 28.18 14.46 -0.48
N GLY B 34 27.13 13.64 -0.46
CA GLY B 34 27.02 12.52 -1.40
C GLY B 34 28.09 11.46 -1.25
N PHE B 35 28.70 11.35 -0.06
CA PHE B 35 29.83 10.44 0.09
C PHE B 35 29.41 8.98 -0.08
N LYS B 36 30.19 8.24 -0.86
CA LYS B 36 30.00 6.81 -1.04
C LYS B 36 31.13 6.07 -0.36
N ALA B 37 30.79 5.27 0.65
CA ALA B 37 31.76 4.43 1.33
C ALA B 37 31.97 3.14 0.56
N PRO B 38 33.07 2.42 0.81
CA PRO B 38 33.25 1.11 0.18
C PRO B 38 32.11 0.18 0.54
N ARG B 39 31.76 -0.70 -0.40
CA ARG B 39 30.67 -1.65 -0.18
C ARG B 39 30.98 -2.55 1.01
N LEU B 40 29.92 -2.91 1.73
CA LEU B 40 30.00 -3.85 2.84
C LEU B 40 29.00 -4.96 2.58
N GLY B 41 29.46 -6.07 2.00
CA GLY B 41 28.58 -7.19 1.76
C GLY B 41 27.98 -7.78 3.02
N ARG B 42 28.65 -7.60 4.15
CA ARG B 42 28.10 -7.99 5.45
C ARG B 42 28.58 -6.95 6.46
N ILE B 43 27.63 -6.25 7.07
CA ILE B 43 27.95 -5.13 7.94
C ILE B 43 28.24 -5.68 9.34
N ARG B 44 29.47 -5.46 9.82
CA ARG B 44 29.81 -5.84 11.20
C ARG B 44 29.42 -4.67 12.08
N LEU B 45 28.30 -4.81 12.79
CA LEU B 45 27.63 -3.72 13.45
C LEU B 45 27.74 -3.85 14.96
N ALA B 46 28.01 -2.74 15.64
CA ALA B 46 28.06 -2.74 17.09
C ALA B 46 27.11 -1.66 17.60
N PHE B 47 26.56 -1.91 18.79
CA PHE B 47 25.61 -1.00 19.41
C PHE B 47 26.25 -0.39 20.66
N ILE B 48 26.10 0.91 20.81
CA ILE B 48 26.58 1.64 21.99
C ILE B 48 25.34 2.31 22.58
N GLY B 49 24.93 1.84 23.76
CA GLY B 49 23.70 2.31 24.36
C GLY B 49 22.54 1.48 23.89
N VAL B 50 22.07 0.56 24.74
CA VAL B 50 20.94 -0.29 24.37
C VAL B 50 19.86 -0.18 25.44
N GLY B 51 19.34 1.03 25.63
CA GLY B 51 18.19 1.20 26.47
C GLY B 51 16.98 0.96 25.60
N GLY B 52 15.90 1.71 25.80
CA GLY B 52 14.72 1.51 24.98
C GLY B 52 15.00 1.59 23.49
N ARG B 53 15.63 2.69 23.05
CA ARG B 53 15.80 2.92 21.61
C ARG B 53 16.86 1.98 21.02
N GLY B 54 18.01 1.86 21.68
CA GLY B 54 19.05 0.99 21.16
C GLY B 54 18.59 -0.45 21.03
N PHE B 55 17.84 -0.95 22.01
CA PHE B 55 17.35 -2.32 21.94
C PHE B 55 16.31 -2.48 20.84
N SER B 56 15.54 -1.42 20.56
CA SER B 56 14.60 -1.45 19.43
C SER B 56 15.35 -1.61 18.12
N HIS B 57 16.41 -0.81 17.92
CA HIS B 57 17.22 -0.95 16.71
C HIS B 57 17.85 -2.34 16.63
N LEU B 58 18.39 -2.82 17.75
CA LEU B 58 19.02 -4.14 17.77
C LEU B 58 18.01 -5.22 17.40
N ALA B 59 16.81 -5.14 17.95
CA ALA B 59 15.79 -6.16 17.68
C ALA B 59 15.40 -6.18 16.21
N GLN B 60 15.29 -5.00 15.60
CA GLN B 60 14.95 -4.96 14.18
C GLN B 60 16.14 -5.39 13.32
N MET B 61 17.36 -5.05 13.75
CA MET B 61 18.55 -5.35 12.95
C MET B 61 18.89 -6.83 12.93
N CYS B 62 18.48 -7.61 13.94
CA CYS B 62 18.80 -9.04 14.05
CA CYS B 62 18.92 -9.00 13.94
C CYS B 62 18.18 -9.87 12.94
N VAL B 63 17.12 -9.36 12.30
CA VAL B 63 16.42 -10.08 11.25
C VAL B 63 16.72 -9.52 9.87
N MET B 64 17.73 -8.65 9.76
CA MET B 64 18.13 -8.06 8.50
C MET B 64 19.21 -8.92 7.85
N ASP B 65 19.11 -9.09 6.54
CA ASP B 65 20.15 -9.79 5.81
C ASP B 65 21.36 -8.87 5.65
N GLY B 66 22.55 -9.48 5.61
CA GLY B 66 23.77 -8.72 5.46
C GLY B 66 24.20 -7.94 6.68
N VAL B 67 23.73 -8.30 7.86
CA VAL B 67 24.10 -7.61 9.10
C VAL B 67 24.57 -8.65 10.11
N GLU B 68 25.72 -8.41 10.72
CA GLU B 68 26.20 -9.22 11.84
C GLU B 68 26.46 -8.30 13.02
N ILE B 69 25.72 -8.50 14.10
CA ILE B 69 25.87 -7.68 15.30
C ILE B 69 27.03 -8.28 16.09
N VAL B 70 28.19 -7.61 16.05
CA VAL B 70 29.40 -8.14 16.63
C VAL B 70 29.64 -7.69 18.07
N GLY B 71 29.07 -6.56 18.48
CA GLY B 71 29.34 -6.04 19.82
C GLY B 71 28.18 -5.22 20.34
N ILE B 72 28.02 -5.24 21.66
CA ILE B 72 26.96 -4.51 22.34
C ILE B 72 27.56 -3.90 23.60
N CYS B 73 27.32 -2.60 23.80
CA CYS B 73 27.90 -1.87 24.92
C CYS B 73 26.84 -1.01 25.58
N ASP B 74 26.78 -1.07 26.91
CA ASP B 74 25.89 -0.22 27.69
C ASP B 74 26.52 -0.04 29.05
N LEU B 75 26.18 1.06 29.72
CA LEU B 75 26.66 1.24 31.09
C LEU B 75 26.15 0.11 31.98
N LYS B 76 24.91 -0.32 31.78
CA LYS B 76 24.28 -1.30 32.64
C LYS B 76 24.55 -2.70 32.11
N GLU B 77 25.10 -3.55 32.98
CA GLU B 77 25.45 -4.91 32.58
C GLU B 77 24.22 -5.70 32.13
N GLU B 78 23.08 -5.48 32.79
CA GLU B 78 21.90 -6.26 32.45
C GLU B 78 21.31 -5.83 31.11
N LEU B 79 21.52 -4.58 30.71
CA LEU B 79 21.05 -4.16 29.38
C LEU B 79 21.96 -4.68 28.27
N THR B 80 23.27 -4.72 28.52
CA THR B 80 24.17 -5.38 27.60
C THR B 80 23.80 -6.84 27.42
N LYS B 81 23.55 -7.54 28.54
CA LYS B 81 23.22 -8.95 28.46
C LYS B 81 21.91 -9.17 27.72
N ARG B 82 20.92 -8.32 27.96
CA ARG B 82 19.65 -8.44 27.24
C ARG B 82 19.86 -8.35 25.73
N GLY B 83 20.72 -7.42 25.29
CA GLY B 83 21.01 -7.32 23.87
C GLY B 83 21.76 -8.54 23.34
N VAL B 84 22.77 -9.00 24.09
CA VAL B 84 23.54 -10.17 23.67
C VAL B 84 22.64 -11.38 23.52
N ASP B 85 21.77 -11.60 24.51
CA ASP B 85 20.86 -12.75 24.48
C ASP B 85 19.89 -12.68 23.30
N ARG B 86 19.42 -11.48 22.97
CA ARG B 86 18.48 -11.35 21.85
C ARG B 86 19.14 -11.78 20.55
N VAL B 87 20.38 -11.34 20.32
CA VAL B 87 21.10 -11.71 19.11
C VAL B 87 21.41 -13.20 19.11
N LEU B 88 21.83 -13.75 20.25
CA LEU B 88 22.11 -15.17 20.32
C LEU B 88 20.86 -16.00 20.00
N SER B 89 19.70 -15.58 20.52
CA SER B 89 18.47 -16.33 20.30
C SER B 89 18.04 -16.32 18.84
N ARG B 90 18.29 -15.22 18.13
CA ARG B 90 17.87 -15.10 16.74
C ARG B 90 18.93 -15.53 15.73
N MET B 91 20.21 -15.28 16.01
CA MET B 91 21.27 -15.48 15.01
C MET B 91 22.21 -16.63 15.32
N GLY B 92 22.20 -17.18 16.52
CA GLY B 92 23.05 -18.33 16.81
C GLY B 92 24.49 -18.00 17.07
N LYS B 93 24.83 -16.71 17.17
CA LYS B 93 26.19 -16.28 17.43
C LYS B 93 26.12 -15.10 18.39
N SER B 94 26.88 -15.18 19.47
CA SER B 94 26.81 -14.15 20.50
C SER B 94 27.72 -12.98 20.15
N PRO B 95 27.23 -11.76 20.20
CA PRO B 95 28.13 -10.61 20.19
C PRO B 95 28.89 -10.54 21.50
N LEU B 96 30.03 -9.85 21.47
CA LEU B 96 30.76 -9.60 22.70
C LEU B 96 30.12 -8.43 23.44
N GLY B 97 30.00 -8.57 24.76
CA GLY B 97 29.34 -7.58 25.59
C GLY B 97 30.33 -6.76 26.40
N TYR B 98 30.01 -5.48 26.55
CA TYR B 98 30.88 -4.55 27.26
C TYR B 98 30.02 -3.69 28.18
N SER B 99 30.45 -3.54 29.44
CA SER B 99 29.70 -2.79 30.43
C SER B 99 30.65 -2.14 31.42
N GLY B 100 30.10 -1.24 32.21
CA GLY B 100 30.82 -0.69 33.35
C GLY B 100 30.96 0.82 33.36
N GLY B 101 31.93 1.35 32.61
CA GLY B 101 32.22 2.77 32.61
C GLY B 101 31.80 3.40 31.30
N ASP B 102 31.75 4.73 31.30
CA ASP B 102 31.25 5.44 30.13
C ASP B 102 32.25 5.46 28.97
N MET B 103 33.47 4.99 29.19
CA MET B 103 34.48 4.87 28.14
C MET B 103 34.73 3.43 27.73
N GLU B 104 33.93 2.49 28.24
CA GLU B 104 34.11 1.07 27.91
C GLU B 104 33.85 0.78 26.44
N TYR B 105 33.05 1.61 25.77
CA TYR B 105 32.82 1.42 24.33
C TYR B 105 34.12 1.53 23.54
N LEU B 106 35.11 2.25 24.07
CA LEU B 106 36.40 2.36 23.41
C LEU B 106 37.09 1.00 23.29
N THR B 107 36.99 0.17 24.35
CA THR B 107 37.55 -1.17 24.29
C THR B 107 36.88 -2.01 23.21
N MET B 108 35.56 -1.86 23.06
CA MET B 108 34.85 -2.58 22.01
C MET B 108 35.32 -2.15 20.63
N LEU B 109 35.43 -0.84 20.41
CA LEU B 109 35.89 -0.36 19.10
C LEU B 109 37.26 -0.92 18.75
N LYS B 110 38.17 -0.99 19.72
CA LYS B 110 39.53 -1.47 19.44
C LYS B 110 39.54 -2.97 19.17
N GLU B 111 38.79 -3.74 19.97
CA GLU B 111 38.82 -5.19 19.88
C GLU B 111 38.06 -5.72 18.67
N LEU B 112 36.91 -5.13 18.36
CA LEU B 112 36.04 -5.67 17.33
C LEU B 112 36.23 -4.98 15.97
N LYS B 113 36.68 -3.72 15.99
CA LYS B 113 36.86 -2.93 14.77
C LYS B 113 35.63 -3.02 13.86
N PRO B 114 34.45 -2.61 14.35
CA PRO B 114 33.23 -2.79 13.55
C PRO B 114 33.22 -1.85 12.36
N ASP B 115 32.46 -2.26 11.33
CA ASP B 115 32.27 -1.40 10.16
C ASP B 115 31.40 -0.20 10.47
N ALA B 116 30.46 -0.35 11.40
CA ALA B 116 29.52 0.71 11.71
C ALA B 116 29.02 0.52 13.14
N VAL B 117 28.55 1.62 13.72
CA VAL B 117 27.97 1.61 15.06
C VAL B 117 26.66 2.37 15.06
N ILE B 118 25.74 1.93 15.90
CA ILE B 118 24.48 2.63 16.17
C ILE B 118 24.54 3.14 17.59
N ILE B 119 24.46 4.45 17.75
CA ILE B 119 24.66 5.12 19.03
C ILE B 119 23.31 5.63 19.50
N SER B 120 22.80 5.05 20.58
CA SER B 120 21.51 5.38 21.16
C SER B 120 21.66 5.73 22.63
N THR B 121 22.69 6.51 22.96
CA THR B 121 22.92 6.94 24.33
C THR B 121 22.12 8.22 24.58
N ASP B 122 22.29 8.82 25.75
CA ASP B 122 21.67 10.10 26.00
C ASP B 122 22.38 11.17 25.17
N TRP B 123 21.71 12.34 25.04
CA TRP B 123 22.19 13.41 24.18
C TRP B 123 23.62 13.83 24.52
N SER B 124 23.99 13.80 25.81
CA SER B 124 25.24 14.41 26.24
C SER B 124 26.45 13.71 25.64
N SER B 125 26.31 12.44 25.29
CA SER B 125 27.43 11.64 24.81
C SER B 125 27.37 11.33 23.32
N HIS B 126 26.38 11.84 22.60
CA HIS B 126 26.27 11.55 21.17
C HIS B 126 27.54 11.93 20.42
N ALA B 127 28.00 13.16 20.59
CA ALA B 127 29.12 13.65 19.79
C ALA B 127 30.42 12.93 20.11
N ARG B 128 30.74 12.77 21.39
CA ARG B 128 32.02 12.16 21.76
C ARG B 128 32.11 10.74 21.22
N ILE B 129 31.03 9.96 21.41
CA ILE B 129 31.04 8.56 21.00
C ILE B 129 31.09 8.43 19.49
N ALA B 130 30.36 9.28 18.77
CA ALA B 130 30.38 9.20 17.31
C ALA B 130 31.73 9.63 16.76
N CYS B 131 32.35 10.66 17.33
CA CYS B 131 33.68 11.05 16.89
C CYS B 131 34.69 9.94 17.16
N ASP B 132 34.64 9.34 18.35
CA ASP B 132 35.53 8.24 18.68
C ASP B 132 35.32 7.05 17.75
N SER B 133 34.06 6.73 17.45
CA SER B 133 33.76 5.62 16.56
C SER B 133 34.37 5.85 15.18
N MET B 134 34.14 7.03 14.61
CA MET B 134 34.72 7.34 13.30
C MET B 134 36.24 7.30 13.35
N LYS B 135 36.84 7.82 14.42
CA LYS B 135 38.29 7.78 14.56
C LYS B 135 38.81 6.35 14.70
N HIS B 136 37.96 5.41 15.14
CA HIS B 136 38.31 4.00 15.21
C HIS B 136 37.88 3.23 13.97
N GLY B 137 37.50 3.93 12.90
CA GLY B 137 37.27 3.30 11.62
C GLY B 137 35.86 2.83 11.34
N ALA B 138 34.88 3.28 12.12
CA ALA B 138 33.50 2.85 11.98
C ALA B 138 32.61 4.00 11.54
N HIS B 139 31.68 3.70 10.63
CA HIS B 139 30.60 4.64 10.35
C HIS B 139 29.75 4.83 11.60
N ALA B 140 29.28 6.06 11.82
CA ALA B 140 28.56 6.41 13.03
C ALA B 140 27.13 6.78 12.68
N PHE B 141 26.18 6.02 13.20
CA PHE B 141 24.76 6.33 13.09
C PHE B 141 24.25 6.67 14.49
N VAL B 142 23.73 7.88 14.66
CA VAL B 142 23.51 8.50 15.96
C VAL B 142 22.05 8.89 16.13
N GLU B 143 21.51 8.65 17.32
CA GLU B 143 20.13 9.04 17.58
C GLU B 143 20.03 10.56 17.71
N VAL B 144 18.79 11.03 17.68
CA VAL B 144 18.48 12.47 17.68
C VAL B 144 18.51 13.00 19.10
N PRO B 145 18.87 14.28 19.30
CA PRO B 145 19.48 15.10 18.25
C PRO B 145 20.93 14.70 18.05
N LEU B 146 21.54 15.09 16.93
CA LEU B 146 22.89 14.62 16.63
C LEU B 146 23.87 15.01 17.73
N ALA B 147 23.75 16.22 18.25
CA ALA B 147 24.58 16.69 19.36
C ALA B 147 23.85 17.87 19.99
N VAL B 148 24.48 18.48 20.99
CA VAL B 148 23.86 19.52 21.78
C VAL B 148 24.43 20.90 21.48
N SER B 149 25.75 21.03 21.35
CA SER B 149 26.36 22.33 21.16
C SER B 149 26.89 22.49 19.74
N LEU B 150 27.11 23.74 19.34
CA LEU B 150 27.66 24.01 18.01
C LEU B 150 29.05 23.43 17.86
N GLU B 151 29.84 23.48 18.94
CA GLU B 151 31.18 22.89 18.88
C GLU B 151 31.10 21.39 18.66
N GLU B 152 30.15 20.74 19.33
CA GLU B 152 29.97 19.29 19.13
C GLU B 152 29.58 18.99 17.70
N LEU B 153 28.67 19.77 17.14
CA LEU B 153 28.25 19.54 15.75
C LEU B 153 29.40 19.75 14.79
N TRP B 154 30.21 20.78 15.02
CA TRP B 154 31.38 21.01 14.17
C TRP B 154 32.38 19.87 14.28
N SER B 155 32.55 19.32 15.49
CA SER B 155 33.50 18.22 15.67
C SER B 155 33.05 16.98 14.90
N LEU B 156 31.74 16.74 14.83
CA LEU B 156 31.25 15.61 14.04
C LEU B 156 31.49 15.82 12.55
N VAL B 157 31.21 17.04 12.05
CA VAL B 157 31.47 17.36 10.66
C VAL B 157 32.95 17.22 10.34
N ASP B 158 33.81 17.85 11.15
CA ASP B 158 35.24 17.82 10.87
C ASP B 158 35.81 16.41 11.00
N THR B 159 35.33 15.63 11.98
CA THR B 159 35.84 14.27 12.13
C THR B 159 35.42 13.40 10.95
N SER B 160 34.17 13.54 10.52
CA SER B 160 33.70 12.79 9.35
C SER B 160 34.49 13.18 8.10
N GLU B 161 34.76 14.47 7.92
CA GLU B 161 35.54 14.88 6.74
C GLU B 161 36.98 14.40 6.83
N ALA B 162 37.54 14.28 8.03
CA ALA B 162 38.93 13.86 8.16
C ALA B 162 39.09 12.34 8.05
N THR B 163 38.13 11.59 8.59
CA THR B 163 38.19 10.13 8.57
C THR B 163 37.54 9.51 7.34
N ARG B 164 36.70 10.28 6.64
CA ARG B 164 35.92 9.77 5.51
C ARG B 164 35.05 8.59 5.91
N LYS B 165 34.40 8.72 7.07
CA LYS B 165 33.41 7.76 7.52
C LYS B 165 32.05 8.44 7.57
N HIS B 166 31.00 7.70 7.23
CA HIS B 166 29.65 8.22 7.33
C HIS B 166 29.36 8.65 8.76
N CYS B 167 28.67 9.76 8.90
CA CYS B 167 28.03 10.16 10.15
C CYS B 167 26.62 10.58 9.79
N MET B 168 25.63 9.83 10.26
CA MET B 168 24.24 10.10 9.94
C MET B 168 23.42 10.14 11.21
N MET B 169 22.68 11.23 11.41
CA MET B 169 21.66 11.25 12.44
C MET B 169 20.47 10.44 11.98
N MET B 170 19.97 9.56 12.85
CA MET B 170 18.91 8.64 12.48
C MET B 170 17.55 9.32 12.66
N GLU B 171 17.23 10.23 11.73
CA GLU B 171 15.92 10.88 11.75
C GLU B 171 14.94 9.94 11.06
N ASN B 172 14.18 9.20 11.86
CA ASN B 172 13.26 8.20 11.33
C ASN B 172 11.99 8.79 10.75
N VAL B 173 11.61 10.01 11.17
CA VAL B 173 10.34 10.57 10.74
C VAL B 173 10.33 10.81 9.24
N ASN B 174 11.49 11.09 8.64
CA ASN B 174 11.57 11.23 7.20
C ASN B 174 11.12 9.96 6.46
N TYR B 175 11.01 8.83 7.15
CA TYR B 175 10.64 7.58 6.51
C TYR B 175 9.22 7.13 6.86
N GLY B 176 8.41 8.01 7.45
CA GLY B 176 7.00 7.71 7.59
C GLY B 176 6.30 7.70 6.24
N ARG B 177 5.16 7.01 6.19
CA ARG B 177 4.42 6.92 4.94
C ARG B 177 3.99 8.30 4.43
N ASP B 178 3.41 9.12 5.31
CA ASP B 178 2.96 10.45 4.91
C ASP B 178 4.15 11.34 4.57
N GLU B 179 5.21 11.28 5.37
CA GLU B 179 6.39 12.10 5.11
C GLU B 179 7.04 11.71 3.78
N LEU B 180 7.09 10.42 3.49
CA LEU B 180 7.63 9.97 2.21
C LEU B 180 6.69 10.36 1.08
N MET B 181 5.37 10.28 1.30
CA MET B 181 4.44 10.67 0.25
C MET B 181 4.53 12.16 -0.06
N PHE B 182 4.61 13.00 0.98
CA PHE B 182 4.73 14.45 0.75
C PHE B 182 6.01 14.77 -0.02
N LEU B 183 7.10 14.09 0.33
CA LEU B 183 8.35 14.26 -0.41
C LEU B 183 8.12 13.96 -1.89
N ASN B 184 7.45 12.84 -2.17
CA ASN B 184 7.16 12.48 -3.56
C ASN B 184 6.27 13.53 -4.21
N MET B 185 5.24 14.01 -3.50
CA MET B 185 4.37 15.03 -4.07
C MET B 185 5.12 16.33 -4.33
N VAL B 186 6.00 16.73 -3.40
CA VAL B 186 6.77 17.96 -3.58
C VAL B 186 7.70 17.84 -4.79
N ARG B 187 8.40 16.71 -4.90
CA ARG B 187 9.33 16.51 -5.99
C ARG B 187 8.63 16.54 -7.35
N GLN B 188 7.37 16.10 -7.41
CA GLN B 188 6.62 16.14 -8.66
C GLN B 188 5.99 17.51 -8.92
N GLY B 189 6.23 18.50 -8.06
CA GLY B 189 5.68 19.82 -8.28
C GLY B 189 4.22 19.96 -7.99
N VAL B 190 3.66 19.08 -7.15
CA VAL B 190 2.21 19.03 -6.95
C VAL B 190 1.70 20.28 -6.24
N ILE B 191 2.50 20.90 -5.39
CA ILE B 191 2.07 22.10 -4.68
C ILE B 191 2.80 23.35 -5.17
N GLY B 192 3.43 23.28 -6.34
CA GLY B 192 4.02 24.49 -6.91
C GLY B 192 5.30 24.90 -6.20
N ASP B 193 5.60 26.20 -6.28
CA ASP B 193 6.81 26.73 -5.66
C ASP B 193 6.64 26.78 -4.15
N LEU B 194 7.63 26.24 -3.42
CA LEU B 194 7.52 26.15 -1.97
C LEU B 194 7.63 27.53 -1.32
N LEU B 195 6.83 27.73 -0.29
CA LEU B 195 6.78 29.00 0.44
C LEU B 195 7.14 28.87 1.91
N HIS B 196 6.64 27.82 2.56
CA HIS B 196 6.51 27.85 4.00
C HIS B 196 6.34 26.42 4.48
N GLY B 197 6.87 26.15 5.67
CA GLY B 197 6.70 24.85 6.30
C GLY B 197 6.51 25.02 7.79
N GLU B 198 5.91 24.00 8.41
CA GLU B 198 5.66 24.02 9.85
C GLU B 198 6.07 22.68 10.43
N ALA B 199 6.95 22.73 11.42
CA ALA B 199 7.50 21.55 12.06
C ALA B 199 7.25 21.64 13.56
N ALA B 200 7.04 20.48 14.18
CA ALA B 200 6.78 20.51 15.60
C ALA B 200 7.21 19.21 16.23
N TYR B 201 7.41 19.26 17.54
CA TYR B 201 7.46 18.06 18.38
C TYR B 201 6.60 18.38 19.59
N ILE B 202 5.33 17.98 19.52
CA ILE B 202 4.37 18.15 20.60
C ILE B 202 4.08 16.75 21.13
N HIS B 203 4.53 16.48 22.36
CA HIS B 203 4.44 15.14 22.94
C HIS B 203 4.59 15.28 24.44
N CYS B 204 3.53 14.99 25.19
CA CYS B 204 3.57 15.22 26.63
C CYS B 204 4.47 14.19 27.32
N LEU B 205 5.65 14.64 27.76
CA LEU B 205 6.61 13.78 28.45
C LEU B 205 6.78 14.18 29.91
N VAL B 206 5.80 14.87 30.48
CA VAL B 206 5.97 15.42 31.83
C VAL B 206 6.14 14.30 32.85
N THR B 207 5.59 13.12 32.59
CA THR B 207 5.72 12.01 33.54
C THR B 207 7.14 11.47 33.63
N GLN B 208 8.05 11.90 32.75
CA GLN B 208 9.46 11.54 32.91
C GLN B 208 10.03 12.10 34.20
N LEU B 209 9.41 13.14 34.76
CA LEU B 209 9.86 13.69 36.03
C LEU B 209 9.77 12.66 37.15
N GLY B 210 8.83 11.72 37.04
CA GLY B 210 8.66 10.65 37.99
C GLY B 210 9.43 9.38 37.65
N ASP B 211 10.26 9.40 36.62
CA ASP B 211 11.04 8.23 36.23
C ASP B 211 12.48 8.44 36.67
N THR B 212 13.06 7.43 37.31
CA THR B 212 14.46 7.45 37.71
C THR B 212 15.32 6.64 36.78
N ARG B 213 14.72 5.80 35.94
CA ARG B 213 15.42 5.03 34.92
C ARG B 213 14.88 5.39 33.54
N GLY B 214 15.62 4.98 32.53
CA GLY B 214 15.31 5.38 31.16
C GLY B 214 15.57 6.86 30.96
N GLU B 215 14.72 7.50 30.15
CA GLU B 215 14.91 8.91 29.82
C GLU B 215 14.73 9.85 31.02
N GLY B 216 13.96 9.43 32.02
CA GLY B 216 13.83 10.26 33.21
C GLY B 216 15.15 10.53 33.90
N ALA B 217 16.11 9.62 33.75
CA ALA B 217 17.43 9.79 34.35
C ALA B 217 18.17 11.01 33.82
N TRP B 218 17.91 11.41 32.56
CA TRP B 218 18.73 12.48 31.98
C TRP B 218 17.96 13.59 31.26
N ARG B 219 16.80 13.29 30.69
CA ARG B 219 16.14 14.28 29.83
C ARG B 219 15.54 15.45 30.58
N PRO B 220 14.77 15.27 31.66
CA PRO B 220 14.20 16.46 32.33
C PRO B 220 15.23 17.44 32.83
N GLU B 221 16.45 16.97 33.17
CA GLU B 221 17.47 17.89 33.64
C GLU B 221 17.83 18.95 32.59
N TYR B 222 17.71 18.62 31.31
CA TYR B 222 17.97 19.62 30.27
C TYR B 222 17.04 20.82 30.40
N HIS B 223 15.80 20.59 30.87
CA HIS B 223 14.86 21.68 31.08
C HIS B 223 15.30 22.60 32.21
N THR B 224 16.22 22.17 33.07
CA THR B 224 16.73 23.03 34.13
C THR B 224 17.97 23.82 33.71
N ARG B 225 18.48 23.57 32.52
CA ARG B 225 19.76 24.11 32.06
C ARG B 225 19.67 24.93 30.79
N ILE B 226 18.74 24.61 29.89
CA ILE B 226 18.66 25.23 28.57
C ILE B 226 17.21 25.63 28.30
N ASN B 227 17.01 26.89 27.92
CA ASN B 227 15.72 27.38 27.43
C ASN B 227 15.82 27.49 25.91
N GLY B 228 15.27 26.50 25.21
CA GLY B 228 15.36 26.47 23.77
C GLY B 228 14.69 25.21 23.26
N ASN B 229 14.81 24.98 21.95
CA ASN B 229 14.21 23.79 21.33
C ASN B 229 15.14 22.60 21.54
N LEU B 230 14.88 21.84 22.62
CA LEU B 230 15.68 20.68 22.98
C LEU B 230 15.54 19.52 21.99
N TYR B 231 14.48 19.50 21.19
CA TYR B 231 14.17 18.34 20.34
C TYR B 231 13.59 18.83 19.02
N PRO B 232 14.43 19.40 18.15
CA PRO B 232 13.92 20.08 16.95
C PRO B 232 13.90 19.22 15.68
N THR B 233 14.37 17.98 15.71
CA THR B 233 14.65 17.31 14.44
C THR B 233 13.45 16.56 13.85
N HIS B 234 12.54 16.02 14.68
CA HIS B 234 11.51 15.12 14.16
C HIS B 234 10.60 15.82 13.16
N GLY B 235 10.08 17.00 13.51
CA GLY B 235 9.23 17.70 12.57
C GLY B 235 9.99 18.38 11.46
N LEU B 236 11.23 18.80 11.73
CA LEU B 236 11.98 19.61 10.78
C LEU B 236 12.61 18.78 9.67
N GLY B 237 13.09 17.58 10.00
CA GLY B 237 13.73 16.71 9.03
C GLY B 237 13.00 16.59 7.72
N PRO B 238 11.72 16.16 7.75
CA PRO B 238 10.98 16.06 6.48
C PRO B 238 10.85 17.39 5.76
N VAL B 239 10.52 18.46 6.50
CA VAL B 239 10.33 19.77 5.87
C VAL B 239 11.62 20.25 5.24
N ALA B 240 12.76 20.02 5.91
CA ALA B 240 14.04 20.44 5.37
C ALA B 240 14.34 19.75 4.05
N GLN B 241 14.00 18.47 3.94
CA GLN B 241 14.30 17.76 2.70
C GLN B 241 13.27 18.04 1.61
N TYR B 242 12.03 18.38 1.97
CA TYR B 242 11.10 18.93 0.97
C TYR B 242 11.73 20.15 0.30
N MET B 243 12.32 21.04 1.09
CA MET B 243 12.90 22.28 0.60
C MET B 243 14.33 22.13 0.09
N ASN B 244 14.88 20.91 0.11
CA ASN B 244 16.24 20.65 -0.35
C ASN B 244 17.26 21.52 0.37
N LEU B 245 17.02 21.77 1.66
CA LEU B 245 17.94 22.58 2.44
C LEU B 245 19.28 21.87 2.56
N GLU B 246 20.37 22.63 2.39
CA GLU B 246 21.76 22.20 2.48
C GLU B 246 22.18 21.37 1.28
N ARG B 247 21.31 21.14 0.30
CA ARG B 247 21.63 20.29 -0.85
C ARG B 247 21.25 21.01 -2.14
N GLY B 248 22.09 21.94 -2.55
CA GLY B 248 21.98 22.62 -3.84
C GLY B 248 20.99 23.76 -3.96
N GLU B 249 19.75 23.53 -3.55
CA GLU B 249 18.67 24.48 -3.85
C GLU B 249 18.60 25.62 -2.84
N ASP B 250 18.88 25.34 -1.58
CA ASP B 250 18.57 26.27 -0.50
C ASP B 250 19.37 25.83 0.71
N ARG B 251 19.35 26.66 1.75
CA ARG B 251 20.01 26.32 3.00
C ARG B 251 19.35 27.09 4.13
N PHE B 252 19.53 26.57 5.36
CA PHE B 252 19.14 27.32 6.55
C PHE B 252 19.97 28.59 6.63
N CYS B 253 19.31 29.73 6.86
CA CYS B 253 19.99 31.02 6.91
C CYS B 253 19.98 31.62 8.31
N ARG B 254 18.81 31.86 8.90
CA ARG B 254 18.78 32.38 10.26
C ARG B 254 17.52 31.88 10.97
N VAL B 255 17.50 32.02 12.29
CA VAL B 255 16.38 31.58 13.11
C VAL B 255 16.23 32.55 14.28
N ALA B 256 14.98 32.91 14.58
CA ALA B 256 14.64 33.67 15.76
C ALA B 256 13.72 32.83 16.64
N ALA B 257 13.97 32.84 17.95
CA ALA B 257 13.33 31.90 18.85
C ALA B 257 12.65 32.62 20.01
N PHE B 258 11.60 31.98 20.52
CA PHE B 258 10.75 32.52 21.57
C PHE B 258 10.26 31.36 22.41
N ALA B 259 9.95 31.65 23.67
CA ALA B 259 9.52 30.62 24.59
C ALA B 259 8.44 31.18 25.50
N SER B 260 7.42 30.37 25.77
CA SER B 260 6.35 30.67 26.71
C SER B 260 6.93 30.60 28.13
N PRO B 261 6.15 30.89 29.17
CA PRO B 261 6.65 30.65 30.53
C PRO B 261 6.97 29.17 30.75
N ALA B 262 7.86 28.92 31.72
CA ALA B 262 8.21 27.55 32.13
C ALA B 262 7.42 27.23 33.39
N LEU B 263 6.28 26.57 33.22
CA LEU B 263 5.36 26.35 34.34
C LEU B 263 5.00 24.89 34.57
N GLY B 264 4.84 24.11 33.49
CA GLY B 264 4.24 22.78 33.63
C GLY B 264 5.04 21.86 34.53
N ARG B 265 6.35 21.82 34.34
CA ARG B 265 7.16 20.84 35.07
C ARG B 265 7.31 21.23 36.53
N ASN B 266 7.43 22.53 36.84
CA ASN B 266 7.38 22.95 38.23
C ASN B 266 6.07 22.53 38.89
N ALA B 267 4.94 22.73 38.19
CA ALA B 267 3.65 22.36 38.74
C ALA B 267 3.51 20.85 38.90
N TYR B 268 4.02 20.07 37.93
CA TYR B 268 3.97 18.62 38.06
C TYR B 268 4.78 18.15 39.26
N ALA B 269 5.96 18.73 39.47
CA ALA B 269 6.80 18.33 40.59
C ALA B 269 6.12 18.63 41.92
N LYS B 270 5.50 19.82 42.04
CA LYS B 270 4.81 20.16 43.28
C LYS B 270 3.63 19.22 43.54
N LYS B 271 2.99 18.75 42.47
CA LYS B 271 1.77 17.95 42.62
C LYS B 271 2.07 16.48 42.91
N HIS B 272 3.10 15.91 42.25
CA HIS B 272 3.31 14.47 42.28
C HIS B 272 4.59 14.00 42.96
N LEU B 273 5.50 14.91 43.31
CA LEU B 273 6.77 14.47 43.85
C LEU B 273 6.97 15.02 45.26
N PRO B 274 7.76 14.34 46.09
CA PRO B 274 7.97 14.83 47.46
C PRO B 274 8.64 16.20 47.47
N ALA B 275 8.49 16.89 48.61
CA ALA B 275 8.98 18.26 48.72
C ALA B 275 10.49 18.34 48.59
N ASP B 276 11.21 17.30 49.01
CA ASP B 276 12.66 17.30 48.92
C ASP B 276 13.18 16.73 47.60
N HIS B 277 12.30 16.36 46.68
CA HIS B 277 12.72 15.80 45.41
C HIS B 277 13.51 16.83 44.61
N ARG B 278 14.48 16.34 43.82
CA ARG B 278 15.32 17.24 43.04
C ARG B 278 14.49 18.18 42.17
N TRP B 279 13.39 17.69 41.59
CA TRP B 279 12.58 18.49 40.69
C TRP B 279 11.68 19.49 41.41
N ASN B 280 11.60 19.42 42.73
CA ASN B 280 10.95 20.45 43.53
C ASN B 280 11.95 21.46 44.09
N ASN B 281 13.24 21.24 43.87
CA ASN B 281 14.27 22.15 44.34
C ASN B 281 15.23 22.59 43.24
N THR B 282 14.98 22.20 41.98
CA THR B 282 15.74 22.64 40.83
C THR B 282 14.77 23.27 39.86
N PRO B 283 14.87 24.57 39.57
CA PRO B 283 13.85 25.21 38.74
C PRO B 283 13.97 24.78 37.29
N PHE B 284 12.82 24.56 36.66
CA PHE B 284 12.75 24.33 35.23
C PHE B 284 12.69 25.67 34.52
N ILE B 285 13.58 25.87 33.55
CA ILE B 285 13.70 27.15 32.86
C ILE B 285 13.31 27.07 31.39
N CYS B 286 13.18 25.87 30.83
CA CYS B 286 12.79 25.74 29.43
C CYS B 286 11.29 26.02 29.29
N GLY B 287 10.95 27.04 28.51
CA GLY B 287 9.57 27.38 28.26
C GLY B 287 8.76 26.19 27.78
N ASP B 288 7.55 26.02 28.33
CA ASP B 288 6.73 24.86 27.99
C ASP B 288 6.55 24.71 26.48
N MET B 289 6.17 25.80 25.81
CA MET B 289 6.05 25.81 24.35
C MET B 289 7.15 26.71 23.79
N ASN B 290 8.05 26.12 23.01
CA ASN B 290 9.08 26.86 22.31
C ASN B 290 8.62 27.09 20.87
N THR B 291 8.72 28.34 20.41
CA THR B 291 8.35 28.70 19.05
C THR B 291 9.51 29.42 18.39
N ALA B 292 9.86 28.99 17.18
CA ALA B 292 10.94 29.61 16.43
C ALA B 292 10.54 29.73 14.97
N VAL B 293 11.12 30.70 14.27
CA VAL B 293 10.87 30.89 12.84
C VAL B 293 12.21 30.84 12.13
N VAL B 294 12.35 29.91 11.20
CA VAL B 294 13.55 29.80 10.38
C VAL B 294 13.31 30.53 9.07
N LYS B 295 14.32 31.27 8.63
CA LYS B 295 14.39 31.84 7.28
C LYS B 295 15.45 31.08 6.51
N THR B 296 15.11 30.63 5.30
CA THR B 296 16.10 30.00 4.44
C THR B 296 16.70 31.03 3.49
N GLN B 297 17.73 30.63 2.76
CA GLN B 297 18.39 31.56 1.85
C GLN B 297 17.46 32.00 0.71
N LEU B 298 16.63 31.08 0.23
CA LEU B 298 15.66 31.48 -0.79
C LEU B 298 14.53 32.32 -0.24
N GLY B 299 14.46 32.52 1.08
CA GLY B 299 13.42 33.30 1.70
C GLY B 299 12.25 32.50 2.23
N ARG B 300 12.28 31.18 2.16
CA ARG B 300 11.21 30.39 2.74
C ARG B 300 11.24 30.47 4.26
N THR B 301 10.08 30.27 4.88
CA THR B 301 9.94 30.28 6.32
C THR B 301 9.59 28.89 6.83
N ILE B 302 10.12 28.52 7.99
CA ILE B 302 9.76 27.28 8.65
C ILE B 302 9.44 27.60 10.10
N LEU B 303 8.19 27.38 10.48
CA LEU B 303 7.79 27.43 11.87
C LEU B 303 8.25 26.14 12.56
N VAL B 304 8.99 26.27 13.67
CA VAL B 304 9.49 25.12 14.40
C VAL B 304 9.08 25.25 15.86
N GLN B 305 8.38 24.24 16.38
CA GLN B 305 7.85 24.30 17.72
C GLN B 305 8.18 23.06 18.52
N LEU B 306 8.37 23.26 19.83
CA LEU B 306 8.62 22.18 20.77
C LEU B 306 7.75 22.38 22.00
N ASP B 307 6.99 21.36 22.35
CA ASP B 307 6.32 21.33 23.65
C ASP B 307 6.27 19.88 24.08
N GLU B 308 7.17 19.49 24.98
CA GLU B 308 7.15 18.15 25.54
C GLU B 308 6.65 18.15 26.99
N THR B 309 5.80 19.11 27.33
CA THR B 309 5.28 19.25 28.69
C THR B 309 3.75 19.33 28.76
N SER B 310 3.15 20.19 27.95
CA SER B 310 1.72 20.47 28.09
C SER B 310 0.86 19.26 27.74
N PRO B 311 -0.30 19.12 28.40
CA PRO B 311 -1.21 18.01 28.06
C PRO B 311 -2.03 18.32 26.82
N ARG B 312 -1.64 17.77 25.67
CA ARG B 312 -2.37 17.97 24.43
C ARG B 312 -1.95 16.86 23.46
N PRO B 313 -2.70 16.64 22.38
CA PRO B 313 -2.41 15.49 21.51
C PRO B 313 -1.03 15.59 20.87
N TYR B 314 -0.47 14.42 20.56
CA TYR B 314 0.82 14.33 19.89
C TYR B 314 0.72 14.94 18.49
N SER B 315 1.78 15.64 18.08
CA SER B 315 1.83 16.19 16.73
C SER B 315 3.27 16.52 16.33
N ARG B 316 3.54 16.35 15.04
CA ARG B 316 4.78 16.85 14.43
C ARG B 316 4.52 17.92 13.39
N ALA B 317 3.26 18.36 13.25
CA ALA B 317 2.82 19.38 12.31
C ALA B 317 2.96 18.91 10.86
N ASN B 318 4.19 18.73 10.39
CA ASN B 318 4.49 18.25 9.04
C ASN B 318 3.66 18.97 7.98
N LEU B 319 3.70 20.30 8.03
CA LEU B 319 2.99 21.12 7.06
C LEU B 319 4.01 21.66 6.06
N ILE B 320 3.72 21.52 4.77
CA ILE B 320 4.54 22.11 3.72
C ILE B 320 3.60 22.80 2.74
N GLN B 321 3.86 24.07 2.46
CA GLN B 321 2.94 24.91 1.72
C GLN B 321 3.63 25.51 0.51
N GLY B 322 2.97 25.42 -0.64
CA GLY B 322 3.45 26.01 -1.87
C GLY B 322 2.37 26.83 -2.56
N THR B 323 2.76 27.46 -3.66
CA THR B 323 1.85 28.35 -4.38
C THR B 323 0.66 27.64 -4.98
N GLU B 324 0.67 26.30 -5.04
CA GLU B 324 -0.43 25.57 -5.64
C GLU B 324 -1.11 24.59 -4.69
N GLY B 325 -0.72 24.55 -3.42
CA GLY B 325 -1.38 23.67 -2.48
C GLY B 325 -0.63 23.55 -1.18
N THR B 326 -1.24 22.84 -0.24
CA THR B 326 -0.69 22.62 1.08
C THR B 326 -0.87 21.17 1.49
N LEU B 327 0.19 20.57 2.01
CA LEU B 327 0.16 19.25 2.59
C LEU B 327 0.51 19.39 4.07
N ALA B 328 -0.22 18.66 4.92
CA ALA B 328 0.00 18.74 6.35
C ALA B 328 -0.37 17.41 7.00
N GLY B 329 0.18 17.20 8.19
CA GLY B 329 -0.09 16.01 8.97
C GLY B 329 -0.77 16.37 10.28
N PHE B 330 -1.20 15.32 10.99
CA PHE B 330 -1.80 15.37 12.32
C PHE B 330 -3.00 16.32 12.40
N PRO B 331 -4.11 16.02 11.71
CA PRO B 331 -4.31 14.80 10.89
C PRO B 331 -3.82 14.98 9.45
N THR B 332 -3.51 13.87 8.78
CA THR B 332 -3.09 13.93 7.39
C THR B 332 -4.18 14.58 6.55
N ARG B 333 -3.80 15.62 5.82
CA ARG B 333 -4.76 16.39 5.03
C ARG B 333 -3.99 17.09 3.93
N VAL B 334 -4.61 17.16 2.75
CA VAL B 334 -4.00 17.82 1.59
C VAL B 334 -5.06 18.68 0.93
N ALA B 335 -4.63 19.73 0.24
CA ALA B 335 -5.54 20.60 -0.46
C ALA B 335 -4.77 21.31 -1.57
N GLY B 336 -5.38 21.39 -2.74
CA GLY B 336 -4.71 22.05 -3.85
C GLY B 336 -5.42 21.87 -5.17
N GLU B 337 -5.05 22.72 -6.13
CA GLU B 337 -5.69 22.72 -7.43
C GLU B 337 -5.49 21.39 -8.17
N LYS B 338 -4.39 20.70 -7.90
CA LYS B 338 -4.08 19.45 -8.57
C LYS B 338 -4.54 18.22 -7.81
N LEU B 339 -5.11 18.40 -6.62
CA LEU B 339 -5.43 17.29 -5.72
C LEU B 339 -6.95 17.07 -5.66
N GLY B 340 -7.36 15.81 -5.83
CA GLY B 340 -8.79 15.50 -5.72
C GLY B 340 -9.61 16.28 -6.72
N ASN B 341 -10.71 16.87 -6.25
CA ASN B 341 -11.55 17.69 -7.12
C ASN B 341 -11.00 19.08 -7.33
N GLY B 342 -9.83 19.39 -6.77
CA GLY B 342 -9.19 20.67 -6.92
C GLY B 342 -9.76 21.79 -6.09
N ASN B 343 -10.79 21.53 -5.29
CA ASN B 343 -11.37 22.58 -4.46
C ASN B 343 -10.51 22.70 -3.20
N TYR B 344 -9.49 23.58 -3.28
CA TYR B 344 -8.57 23.77 -2.18
C TYR B 344 -9.20 24.45 -0.96
N HIS B 345 -10.45 24.90 -1.06
CA HIS B 345 -11.11 25.53 0.08
C HIS B 345 -11.44 24.53 1.17
N GLU B 346 -11.38 23.23 0.89
CA GLU B 346 -11.63 22.22 1.92
C GLU B 346 -10.51 21.19 1.90
N TRP B 347 -10.21 20.66 3.09
CA TRP B 347 -9.17 19.65 3.21
C TRP B 347 -9.65 18.31 2.68
N ILE B 348 -8.77 17.63 1.96
CA ILE B 348 -8.91 16.20 1.70
C ILE B 348 -8.29 15.47 2.88
N GLU B 349 -9.12 14.84 3.70
CA GLU B 349 -8.64 14.19 4.91
C GLU B 349 -9.51 12.97 5.18
N GLY B 350 -9.04 12.14 6.11
CA GLY B 350 -9.74 10.92 6.44
C GLY B 350 -9.35 9.76 5.53
N ARG B 351 -9.55 8.55 6.06
CA ARG B 351 -9.12 7.34 5.36
C ARG B 351 -9.80 7.23 4.00
N GLU B 352 -11.11 7.49 3.94
CA GLU B 352 -11.87 7.28 2.72
C GLU B 352 -11.39 8.17 1.59
N LYS B 353 -11.29 9.48 1.85
CA LYS B 353 -10.91 10.43 0.81
C LYS B 353 -9.42 10.37 0.48
N LEU B 354 -8.57 10.05 1.46
CA LEU B 354 -7.14 9.98 1.22
C LEU B 354 -6.70 8.74 0.46
N ALA B 355 -7.57 7.72 0.36
CA ALA B 355 -7.18 6.47 -0.32
C ALA B 355 -6.71 6.75 -1.74
N ALA B 356 -7.41 7.63 -2.46
CA ALA B 356 -6.98 7.96 -3.82
C ALA B 356 -5.67 8.75 -3.83
N ILE B 357 -5.39 9.49 -2.77
CA ILE B 357 -4.14 10.24 -2.69
C ILE B 357 -2.96 9.28 -2.47
N TYR B 358 -3.10 8.35 -1.53
CA TYR B 358 -2.07 7.33 -1.34
C TYR B 358 -1.87 6.53 -2.62
N GLU B 359 -2.97 6.14 -3.28
CA GLU B 359 -2.85 5.34 -4.49
C GLU B 359 -2.00 6.06 -5.54
N LYS B 360 -2.19 7.37 -5.67
CA LYS B 360 -1.50 8.11 -6.73
C LYS B 360 -0.09 8.54 -6.33
N TYR B 361 0.17 8.78 -5.03
CA TYR B 361 1.40 9.45 -4.62
C TYR B 361 2.21 8.71 -3.58
N ASP B 362 1.83 7.48 -3.20
CA ASP B 362 2.66 6.70 -2.29
C ASP B 362 4.09 6.65 -2.80
N HIS B 363 5.03 6.97 -1.91
CA HIS B 363 6.44 6.95 -2.26
C HIS B 363 6.85 5.53 -2.66
N PRO B 364 7.60 5.36 -3.75
CA PRO B 364 8.01 4.00 -4.16
C PRO B 364 8.77 3.25 -3.08
N LEU B 365 9.54 3.94 -2.23
CA LEU B 365 10.22 3.28 -1.13
C LEU B 365 9.22 2.67 -0.16
N TRP B 366 8.12 3.40 0.11
CA TRP B 366 7.10 2.86 1.00
C TRP B 366 6.38 1.67 0.37
N LYS B 367 6.12 1.73 -0.93
CA LYS B 367 5.47 0.60 -1.60
C LYS B 367 6.36 -0.64 -1.58
N ARG B 368 7.68 -0.46 -1.63
CA ARG B 368 8.59 -1.60 -1.67
C ARG B 368 8.80 -2.22 -0.29
N ILE B 369 8.89 -1.39 0.75
CA ILE B 369 9.25 -1.86 2.08
C ILE B 369 8.12 -1.67 3.11
N GLY B 370 7.14 -0.81 2.85
CA GLY B 370 6.22 -0.38 3.90
C GLY B 370 5.36 -1.48 4.48
N GLU B 371 4.97 -2.48 3.68
CA GLU B 371 4.14 -3.56 4.19
C GLU B 371 4.92 -4.45 5.14
N LEU B 372 6.18 -4.71 4.84
CA LEU B 372 7.05 -5.40 5.80
C LEU B 372 7.40 -4.48 6.97
N ALA B 373 7.53 -3.17 6.72
CA ALA B 373 7.83 -2.23 7.79
C ALA B 373 6.68 -2.11 8.79
N THR B 374 5.44 -2.18 8.31
CA THR B 374 4.29 -2.20 9.20
C THR B 374 4.28 -3.47 10.05
N LYS B 375 4.62 -4.60 9.44
CA LYS B 375 4.72 -5.85 10.19
C LYS B 375 5.79 -5.75 11.28
N MET B 376 6.96 -5.19 10.94
CA MET B 376 8.04 -5.04 11.90
C MET B 376 7.70 -3.99 12.96
N GLY B 377 7.05 -2.90 12.55
CA GLY B 377 6.67 -1.85 13.48
C GLY B 377 7.74 -0.79 13.66
N GLY B 378 7.74 -0.16 14.83
CA GLY B 378 8.65 0.93 15.09
C GLY B 378 8.11 2.28 14.64
N HIS B 379 7.29 2.89 15.49
CA HIS B 379 6.61 4.15 15.19
C HIS B 379 5.78 4.04 13.90
N GLY B 380 5.13 2.89 13.72
CA GLY B 380 4.26 2.66 12.57
C GLY B 380 4.93 2.06 11.35
N GLY B 381 6.24 1.83 11.38
CA GLY B 381 6.97 1.28 10.26
C GLY B 381 8.14 2.14 9.79
N MET B 382 8.16 3.42 10.14
CA MET B 382 9.24 4.29 9.71
C MET B 382 10.60 3.80 10.19
N ASP B 383 10.65 3.17 11.36
CA ASP B 383 11.93 2.68 11.88
C ASP B 383 12.51 1.59 10.99
N PHE B 384 11.68 0.63 10.57
CA PHE B 384 12.17 -0.43 9.71
C PHE B 384 12.59 0.10 8.35
N VAL B 385 11.84 1.06 7.80
CA VAL B 385 12.23 1.67 6.53
C VAL B 385 13.57 2.37 6.67
N MET B 386 13.73 3.15 7.74
CA MET B 386 14.97 3.87 7.95
C MET B 386 16.15 2.90 8.04
N LEU B 387 16.03 1.89 8.90
CA LEU B 387 17.13 0.95 9.09
C LEU B 387 17.41 0.17 7.81
N SER B 388 16.36 -0.17 7.05
CA SER B 388 16.57 -0.86 5.78
C SER B 388 17.38 0.02 4.81
N ARG B 389 17.07 1.31 4.77
CA ARG B 389 17.83 2.21 3.89
C ARG B 389 19.27 2.33 4.33
N ILE B 390 19.53 2.35 5.64
CA ILE B 390 20.91 2.37 6.13
C ILE B 390 21.66 1.12 5.66
N VAL B 391 21.03 -0.05 5.80
CA VAL B 391 21.68 -1.29 5.38
C VAL B 391 21.88 -1.31 3.87
N GLU B 392 20.87 -0.90 3.10
CA GLU B 392 21.00 -0.89 1.65
C GLU B 392 22.16 0.00 1.22
N CYS B 393 22.23 1.21 1.75
CA CYS B 393 23.28 2.15 1.35
C CYS B 393 24.65 1.64 1.76
N LEU B 394 24.76 1.05 2.95
CA LEU B 394 26.03 0.49 3.37
C LEU B 394 26.42 -0.71 2.51
N ARG B 395 25.42 -1.51 2.10
CA ARG B 395 25.68 -2.72 1.33
CA ARG B 395 25.70 -2.71 1.33
C ARG B 395 26.08 -2.39 -0.11
N ASN B 396 25.38 -1.44 -0.74
CA ASN B 396 25.62 -1.09 -2.13
C ASN B 396 26.66 0.01 -2.32
N GLY B 397 27.18 0.59 -1.25
CA GLY B 397 28.11 1.69 -1.40
C GLY B 397 27.50 2.95 -1.95
N GLU B 398 26.24 3.19 -1.66
CA GLU B 398 25.49 4.36 -2.07
C GLU B 398 25.50 5.40 -0.97
N PRO B 399 25.28 6.67 -1.31
CA PRO B 399 25.23 7.70 -0.26
C PRO B 399 24.01 7.54 0.62
N MET B 400 24.14 8.00 1.86
CA MET B 400 23.01 8.01 2.77
C MET B 400 22.00 9.07 2.34
N ASP B 401 20.72 8.78 2.62
CA ASP B 401 19.65 9.73 2.32
C ASP B 401 19.78 11.02 3.12
N GLN B 402 20.44 10.96 4.28
CA GLN B 402 20.67 12.14 5.11
C GLN B 402 22.17 12.23 5.36
N ASN B 403 22.79 13.33 4.93
CA ASN B 403 24.22 13.46 5.15
C ASN B 403 24.49 14.15 6.48
N VAL B 404 25.79 14.22 6.84
CA VAL B 404 26.16 14.72 8.16
C VAL B 404 25.80 16.20 8.30
N TYR B 405 25.84 16.97 7.21
CA TYR B 405 25.53 18.39 7.28
C TYR B 405 24.05 18.63 7.53
N GLU B 406 23.19 17.76 7.01
CA GLU B 406 21.76 17.91 7.32
C GLU B 406 21.50 17.62 8.80
N GLY B 407 22.04 16.51 9.31
CA GLY B 407 21.85 16.20 10.72
C GLY B 407 22.38 17.29 11.63
N ALA B 408 23.51 17.89 11.26
CA ALA B 408 24.07 18.99 12.04
C ALA B 408 23.19 20.24 11.95
N SER B 409 22.69 20.54 10.75
CA SER B 409 21.87 21.73 10.58
C SER B 409 20.56 21.61 11.33
N TRP B 410 19.89 20.46 11.22
CA TRP B 410 18.62 20.27 11.93
C TRP B 410 18.84 20.34 13.44
N SER B 411 19.91 19.71 13.93
CA SER B 411 20.20 19.68 15.36
C SER B 411 20.68 21.03 15.86
N SER B 412 21.27 21.86 15.00
CA SER B 412 21.76 23.16 15.45
C SER B 412 20.63 24.07 15.90
N LEU B 413 19.37 23.72 15.61
CA LEU B 413 18.25 24.48 16.14
C LEU B 413 18.29 24.52 17.66
N LEU B 414 18.85 23.50 18.30
CA LEU B 414 18.91 23.52 19.77
C LEU B 414 19.78 24.67 20.27
N PRO B 415 21.08 24.74 19.96
CA PRO B 415 21.87 25.88 20.48
C PRO B 415 21.50 27.21 19.84
N LEU B 416 21.03 27.22 18.59
CA LEU B 416 20.73 28.48 17.95
C LEU B 416 19.45 29.11 18.50
N THR B 417 18.43 28.29 18.79
CA THR B 417 17.24 28.85 19.41
C THR B 417 17.57 29.35 20.83
N ALA B 418 18.38 28.59 21.56
CA ALA B 418 18.76 29.01 22.91
C ALA B 418 19.51 30.34 22.87
N ARG B 419 20.39 30.52 21.88
CA ARG B 419 21.11 31.78 21.75
C ARG B 419 20.17 32.92 21.41
N SER B 420 19.23 32.70 20.50
CA SER B 420 18.28 33.74 20.12
C SER B 420 17.44 34.16 21.32
N ILE B 421 16.97 33.20 22.12
CA ILE B 421 16.20 33.52 23.32
C ILE B 421 17.07 34.29 24.31
N ALA B 422 18.34 33.89 24.44
CA ALA B 422 19.26 34.62 25.32
C ALA B 422 19.51 36.05 24.84
N GLN B 423 19.35 36.30 23.55
CA GLN B 423 19.53 37.63 22.97
C GLN B 423 18.18 38.31 22.69
N GLY B 424 17.15 37.97 23.45
CA GLY B 424 15.87 38.63 23.35
C GLY B 424 15.04 38.29 22.12
N GLY B 425 15.33 37.17 21.46
CA GLY B 425 14.55 36.77 20.32
C GLY B 425 15.04 37.25 18.97
N MET B 426 16.17 37.94 18.90
CA MET B 426 16.68 38.40 17.62
C MET B 426 17.14 37.22 16.78
N PRO B 427 17.04 37.32 15.45
CA PRO B 427 17.49 36.21 14.59
C PRO B 427 18.99 35.99 14.74
N VAL B 428 19.37 34.72 14.74
CA VAL B 428 20.78 34.33 14.80
C VAL B 428 21.10 33.52 13.56
N GLU B 429 22.33 33.65 13.07
CA GLU B 429 22.72 33.02 11.82
C GLU B 429 23.10 31.55 12.02
N PHE B 430 22.77 30.73 11.02
CA PHE B 430 23.20 29.33 10.99
C PHE B 430 24.65 29.24 10.53
N PRO B 431 25.45 28.39 11.16
CA PRO B 431 26.78 28.11 10.58
C PRO B 431 26.62 27.34 9.29
N ASP B 432 27.54 27.56 8.37
CA ASP B 432 27.56 26.80 7.12
C ASP B 432 28.50 25.63 7.33
N PHE B 433 27.94 24.50 7.79
CA PHE B 433 28.76 23.31 8.04
C PHE B 433 29.39 22.76 6.76
N THR B 434 28.85 23.09 5.59
CA THR B 434 29.39 22.64 4.33
C THR B 434 30.47 23.55 3.79
N ARG B 435 30.72 24.69 4.44
CA ARG B 435 31.74 25.65 3.99
C ARG B 435 31.56 26.02 2.53
N GLY B 436 30.31 26.24 2.13
CA GLY B 436 29.99 26.65 0.77
C GLY B 436 29.69 25.52 -0.19
N ASP B 437 29.99 24.27 0.16
CA ASP B 437 29.80 23.17 -0.77
C ASP B 437 28.35 22.70 -0.85
N TRP B 438 27.45 23.29 -0.06
CA TRP B 438 26.03 22.99 -0.21
C TRP B 438 25.56 23.33 -1.62
N LYS B 439 26.21 24.30 -2.27
CA LYS B 439 25.77 24.74 -3.59
C LYS B 439 25.91 23.63 -4.64
N THR B 440 26.85 22.71 -4.44
CA THR B 440 27.10 21.65 -5.41
C THR B 440 26.68 20.27 -4.88
N THR B 441 25.87 20.23 -3.82
CA THR B 441 25.42 18.98 -3.24
C THR B 441 24.08 18.58 -3.85
N MET B 442 24.00 17.34 -4.32
CA MET B 442 22.80 16.88 -5.02
C MET B 442 21.64 16.70 -4.05
N PRO B 443 20.44 17.17 -4.38
CA PRO B 443 19.29 16.95 -3.52
C PRO B 443 18.94 15.47 -3.43
N LEU B 444 18.26 15.11 -2.35
CA LEU B 444 17.76 13.75 -2.19
C LEU B 444 16.70 13.46 -3.25
N ALA B 445 16.90 12.40 -4.02
CA ALA B 445 15.93 12.00 -5.03
C ALA B 445 14.87 11.09 -4.42
N VAL B 446 13.87 10.76 -5.23
CA VAL B 446 12.82 9.82 -4.84
C VAL B 446 13.38 8.41 -5.04
N VAL B 447 13.84 7.80 -3.95
CA VAL B 447 14.49 6.50 -4.02
C VAL B 447 13.45 5.44 -4.39
N SER B 448 13.77 4.62 -5.38
CA SER B 448 12.86 3.55 -5.77
C SER B 448 13.20 2.25 -5.07
N ILE C 9 18.76 -33.05 -34.80
CA ILE C 9 18.10 -32.78 -33.53
C ILE C 9 19.15 -32.62 -32.42
N PRO C 10 19.25 -31.41 -31.86
CA PRO C 10 20.16 -31.20 -30.73
C PRO C 10 19.62 -31.88 -29.47
N ALA C 11 20.51 -32.55 -28.75
CA ALA C 11 20.14 -33.22 -27.51
C ALA C 11 21.16 -32.88 -26.43
N GLY C 12 20.80 -33.18 -25.19
CA GLY C 12 21.67 -32.88 -24.08
C GLY C 12 21.86 -31.38 -23.91
N ASP C 13 23.07 -30.99 -23.50
CA ASP C 13 23.36 -29.58 -23.23
C ASP C 13 23.23 -28.72 -24.48
N HIS C 14 23.48 -29.29 -25.67
CA HIS C 14 23.35 -28.52 -26.91
C HIS C 14 21.94 -27.95 -27.08
N LEU C 15 20.95 -28.55 -26.43
CA LEU C 15 19.59 -28.06 -26.57
C LEU C 15 19.40 -26.73 -25.82
N TRP C 16 20.04 -26.57 -24.67
CA TRP C 16 19.77 -25.43 -23.80
C TRP C 16 21.01 -24.61 -23.44
N LYS C 17 22.15 -24.85 -24.07
CA LYS C 17 23.35 -24.07 -23.78
C LYS C 17 23.37 -22.79 -24.60
N SER C 18 24.00 -21.76 -24.03
CA SER C 18 24.15 -20.47 -24.72
C SER C 18 25.16 -19.58 -23.99
N ALA C 23 26.40 -13.09 -25.47
CA ALA C 23 27.06 -12.13 -26.36
C ALA C 23 26.21 -10.86 -26.50
N PRO C 24 26.86 -9.70 -26.44
CA PRO C 24 26.10 -8.45 -26.43
C PRO C 24 25.56 -8.10 -27.80
N ARG C 25 24.51 -7.28 -27.79
CA ARG C 25 23.93 -6.78 -29.03
C ARG C 25 24.96 -5.91 -29.75
N PRO C 26 25.15 -6.08 -31.06
CA PRO C 26 26.08 -5.20 -31.77
C PRO C 26 25.55 -3.77 -31.77
N SER C 27 26.48 -2.81 -31.73
CA SER C 27 26.09 -1.41 -31.63
C SER C 27 25.22 -0.98 -32.80
N GLY C 28 25.40 -1.60 -33.96
CA GLY C 28 24.63 -1.31 -35.16
C GLY C 28 23.32 -2.04 -35.30
N SER C 29 22.98 -2.91 -34.34
CA SER C 29 21.73 -3.64 -34.36
C SER C 29 20.64 -2.87 -33.60
N THR C 30 19.39 -3.20 -33.90
CA THR C 30 18.24 -2.47 -33.38
C THR C 30 17.34 -3.42 -32.59
N TYR C 31 16.95 -3.01 -31.39
CA TYR C 31 15.92 -3.74 -30.67
C TYR C 31 14.61 -3.70 -31.46
N MET C 32 14.00 -4.86 -31.67
CA MET C 32 12.88 -4.97 -32.60
C MET C 32 11.51 -4.94 -31.94
N GLY C 33 11.45 -4.56 -30.66
CA GLY C 33 10.15 -4.37 -30.01
C GLY C 33 9.39 -3.24 -30.67
N GLY C 34 8.14 -3.48 -31.05
CA GLY C 34 7.35 -2.46 -31.73
C GLY C 34 7.91 -2.01 -33.06
N PHE C 35 8.71 -2.84 -33.72
CA PHE C 35 9.36 -2.40 -34.95
C PHE C 35 8.32 -2.19 -36.05
N LYS C 36 8.44 -1.06 -36.74
CA LYS C 36 7.60 -0.73 -37.88
C LYS C 36 8.45 -0.81 -39.14
N ALA C 37 8.10 -1.73 -40.03
CA ALA C 37 8.80 -1.89 -41.29
C ALA C 37 8.27 -0.88 -42.32
N PRO C 38 9.03 -0.63 -43.39
CA PRO C 38 8.51 0.22 -44.47
C PRO C 38 7.22 -0.37 -45.05
N ARG C 39 6.31 0.50 -45.46
CA ARG C 39 5.03 0.05 -45.98
C ARG C 39 5.23 -0.71 -47.29
N LEU C 40 4.42 -1.74 -47.49
CA LEU C 40 4.44 -2.51 -48.72
C LEU C 40 3.04 -2.45 -49.35
N GLY C 41 2.84 -1.54 -50.28
CA GLY C 41 1.57 -1.50 -50.99
C GLY C 41 1.35 -2.78 -51.76
N ARG C 42 2.41 -3.34 -52.33
CA ARG C 42 2.42 -4.66 -52.93
C ARG C 42 3.42 -5.51 -52.17
N ILE C 43 2.97 -6.67 -51.69
CA ILE C 43 3.81 -7.58 -50.94
C ILE C 43 4.19 -8.74 -51.85
N ARG C 44 5.49 -8.88 -52.12
CA ARG C 44 6.00 -10.01 -52.89
C ARG C 44 6.35 -11.12 -51.91
N LEU C 45 5.51 -12.15 -51.89
CA LEU C 45 5.54 -13.20 -50.87
C LEU C 45 6.01 -14.52 -51.46
N ALA C 46 6.83 -15.24 -50.72
CA ALA C 46 7.30 -16.56 -51.13
C ALA C 46 7.03 -17.57 -50.02
N PHE C 47 6.84 -18.82 -50.40
CA PHE C 47 6.56 -19.90 -49.47
C PHE C 47 7.72 -20.91 -49.48
N ILE C 48 8.15 -21.30 -48.29
CA ILE C 48 9.19 -22.31 -48.13
C ILE C 48 8.58 -23.44 -47.31
N GLY C 49 8.38 -24.59 -47.94
CA GLY C 49 7.69 -25.68 -47.30
C GLY C 49 6.21 -25.58 -47.55
N VAL C 50 5.71 -26.41 -48.47
CA VAL C 50 4.29 -26.41 -48.78
C VAL C 50 3.72 -27.82 -48.60
N GLY C 51 3.83 -28.34 -47.38
CA GLY C 51 3.15 -29.57 -47.04
C GLY C 51 1.75 -29.23 -46.59
N GLY C 52 1.23 -29.91 -45.58
CA GLY C 52 -0.12 -29.61 -45.12
C GLY C 52 -0.29 -28.16 -44.71
N ARG C 53 0.57 -27.68 -43.82
CA ARG C 53 0.41 -26.33 -43.28
C ARG C 53 0.77 -25.26 -44.31
N GLY C 54 1.89 -25.44 -45.02
CA GLY C 54 2.29 -24.46 -46.00
C GLY C 54 1.26 -24.26 -47.10
N PHE C 55 0.68 -25.37 -47.58
CA PHE C 55 -0.34 -25.24 -48.61
C PHE C 55 -1.61 -24.59 -48.08
N SER C 56 -1.92 -24.80 -46.80
CA SER C 56 -3.07 -24.13 -46.18
C SER C 56 -2.87 -22.62 -46.19
N HIS C 57 -1.70 -22.16 -45.76
CA HIS C 57 -1.39 -20.74 -45.82
C HIS C 57 -1.46 -20.21 -47.25
N LEU C 58 -0.88 -20.96 -48.19
CA LEU C 58 -0.88 -20.54 -49.59
C LEU C 58 -2.30 -20.37 -50.12
N ALA C 59 -3.16 -21.34 -49.83
CA ALA C 59 -4.54 -21.30 -50.33
C ALA C 59 -5.28 -20.08 -49.80
N GLN C 60 -5.08 -19.75 -48.51
CA GLN C 60 -5.74 -18.59 -47.93
C GLN C 60 -5.14 -17.29 -48.42
N MET C 61 -3.83 -17.27 -48.67
CA MET C 61 -3.19 -16.03 -49.12
C MET C 61 -3.61 -15.65 -50.53
N CYS C 62 -4.17 -16.60 -51.30
CA CYS C 62 -4.58 -16.30 -52.67
C CYS C 62 -5.73 -15.31 -52.75
N VAL C 63 -6.51 -15.13 -51.67
CA VAL C 63 -7.64 -14.22 -51.68
C VAL C 63 -7.29 -12.88 -51.05
N MET C 64 -6.02 -12.63 -50.77
CA MET C 64 -5.61 -11.39 -50.13
C MET C 64 -5.28 -10.35 -51.19
N ASP C 65 -5.75 -9.12 -50.96
CA ASP C 65 -5.42 -8.00 -51.80
C ASP C 65 -4.04 -7.47 -51.47
N GLY C 66 -3.36 -6.95 -52.50
CA GLY C 66 -2.04 -6.40 -52.29
C GLY C 66 -0.96 -7.43 -52.06
N VAL C 67 -1.18 -8.67 -52.47
CA VAL C 67 -0.24 -9.76 -52.24
C VAL C 67 0.07 -10.43 -53.57
N GLU C 68 1.36 -10.60 -53.86
CA GLU C 68 1.80 -11.33 -55.05
C GLU C 68 2.66 -12.49 -54.59
N ILE C 69 2.19 -13.71 -54.85
CA ILE C 69 2.95 -14.91 -54.48
C ILE C 69 3.94 -15.18 -55.60
N VAL C 70 5.21 -14.85 -55.36
CA VAL C 70 6.22 -14.90 -56.41
C VAL C 70 6.99 -16.21 -56.47
N GLY C 71 7.06 -16.96 -55.38
CA GLY C 71 7.85 -18.18 -55.36
C GLY C 71 7.33 -19.20 -54.37
N ILE C 72 7.55 -20.46 -54.69
CA ILE C 72 7.13 -21.59 -53.86
C ILE C 72 8.25 -22.62 -53.86
N CYS C 73 8.63 -23.09 -52.69
CA CYS C 73 9.76 -24.00 -52.54
C CYS C 73 9.40 -25.15 -51.61
N ASP C 74 9.72 -26.36 -52.03
CA ASP C 74 9.54 -27.55 -51.21
C ASP C 74 10.54 -28.58 -51.69
N LEU C 75 10.92 -29.50 -50.80
CA LEU C 75 11.78 -30.60 -51.21
C LEU C 75 11.13 -31.41 -52.32
N LYS C 76 9.82 -31.62 -52.23
CA LYS C 76 9.09 -32.48 -53.15
C LYS C 76 8.59 -31.67 -54.35
N GLU C 77 8.96 -32.13 -55.54
CA GLU C 77 8.56 -31.43 -56.76
C GLU C 77 7.04 -31.39 -56.91
N GLU C 78 6.35 -32.46 -56.54
CA GLU C 78 4.91 -32.49 -56.75
C GLU C 78 4.19 -31.55 -55.79
N LEU C 79 4.77 -31.28 -54.62
CA LEU C 79 4.16 -30.34 -53.71
C LEU C 79 4.37 -28.90 -54.17
N THR C 80 5.56 -28.61 -54.70
CA THR C 80 5.81 -27.31 -55.33
C THR C 80 4.81 -27.07 -56.45
N LYS C 81 4.62 -28.08 -57.31
CA LYS C 81 3.72 -27.92 -58.45
C LYS C 81 2.28 -27.70 -57.99
N ARG C 82 1.85 -28.41 -56.94
CA ARG C 82 0.51 -28.20 -56.40
C ARG C 82 0.32 -26.76 -55.95
N GLY C 83 1.33 -26.19 -55.27
CA GLY C 83 1.23 -24.81 -54.86
C GLY C 83 1.22 -23.85 -56.04
N VAL C 84 2.12 -24.07 -57.01
CA VAL C 84 2.19 -23.22 -58.19
C VAL C 84 0.86 -23.26 -58.96
N ASP C 85 0.31 -24.46 -59.15
CA ASP C 85 -0.94 -24.58 -59.87
C ASP C 85 -2.08 -23.86 -59.16
N ARG C 86 -2.11 -23.95 -57.83
CA ARG C 86 -3.17 -23.32 -57.06
C ARG C 86 -3.12 -21.80 -57.20
N VAL C 87 -1.92 -21.22 -57.11
CA VAL C 87 -1.82 -19.77 -57.24
C VAL C 87 -2.22 -19.32 -58.64
N LEU C 88 -1.80 -20.05 -59.67
CA LEU C 88 -2.17 -19.66 -61.03
C LEU C 88 -3.68 -19.71 -61.23
N SER C 89 -4.33 -20.77 -60.74
CA SER C 89 -5.77 -20.89 -60.95
C SER C 89 -6.55 -19.83 -60.17
N ARG C 90 -6.04 -19.40 -59.02
CA ARG C 90 -6.76 -18.47 -58.16
C ARG C 90 -6.36 -17.01 -58.37
N MET C 91 -5.10 -16.74 -58.70
CA MET C 91 -4.61 -15.38 -58.81
C MET C 91 -4.27 -14.97 -60.24
N GLY C 92 -4.20 -15.90 -61.18
CA GLY C 92 -3.97 -15.61 -62.58
C GLY C 92 -2.53 -15.39 -63.00
N LYS C 93 -1.56 -15.58 -62.10
CA LYS C 93 -0.15 -15.44 -62.44
C LYS C 93 0.65 -16.53 -61.72
N SER C 94 1.53 -17.20 -62.46
CA SER C 94 2.26 -18.34 -61.89
C SER C 94 3.47 -17.86 -61.10
N PRO C 95 3.64 -18.30 -59.86
CA PRO C 95 4.91 -18.11 -59.17
C PRO C 95 5.98 -19.03 -59.74
N LEU C 96 7.24 -18.68 -59.44
CA LEU C 96 8.34 -19.57 -59.78
C LEU C 96 8.43 -20.68 -58.75
N GLY C 97 8.67 -21.90 -59.21
CA GLY C 97 8.71 -23.08 -58.36
C GLY C 97 10.14 -23.58 -58.18
N TYR C 98 10.46 -24.03 -56.96
CA TYR C 98 11.79 -24.51 -56.63
C TYR C 98 11.69 -25.80 -55.81
N SER C 99 12.44 -26.82 -56.23
CA SER C 99 12.43 -28.10 -55.53
C SER C 99 13.77 -28.78 -55.78
N GLY C 100 14.01 -29.87 -55.05
CA GLY C 100 15.11 -30.78 -55.35
C GLY C 100 16.09 -30.99 -54.21
N GLY C 101 16.26 -30.00 -53.34
CA GLY C 101 17.24 -30.12 -52.28
C GLY C 101 16.91 -29.17 -51.16
N ASP C 102 17.51 -29.43 -50.00
CA ASP C 102 17.17 -28.65 -48.82
C ASP C 102 17.82 -27.27 -48.78
N MET C 103 18.70 -26.95 -49.73
CA MET C 103 19.27 -25.61 -49.85
C MET C 103 18.73 -24.87 -51.06
N GLU C 104 17.76 -25.45 -51.76
CA GLU C 104 17.17 -24.81 -52.93
C GLU C 104 16.41 -23.54 -52.55
N TYR C 105 15.93 -23.43 -51.31
CA TYR C 105 15.26 -22.20 -50.90
C TYR C 105 16.18 -20.99 -50.99
N LEU C 106 17.50 -21.20 -50.85
CA LEU C 106 18.45 -20.10 -51.02
C LEU C 106 18.44 -19.56 -52.43
N THR C 107 18.34 -20.46 -53.42
CA THR C 107 18.26 -20.04 -54.81
C THR C 107 17.03 -19.18 -55.05
N MET C 108 15.90 -19.55 -54.43
CA MET C 108 14.69 -18.75 -54.56
C MET C 108 14.87 -17.38 -53.93
N LEU C 109 15.42 -17.34 -52.71
CA LEU C 109 15.68 -16.07 -52.04
C LEU C 109 16.56 -15.17 -52.88
N LYS C 110 17.61 -15.74 -53.49
CA LYS C 110 18.55 -14.95 -54.29
C LYS C 110 17.90 -14.47 -55.59
N GLU C 111 17.17 -15.36 -56.27
CA GLU C 111 16.59 -15.00 -57.56
C GLU C 111 15.41 -14.06 -57.41
N LEU C 112 14.57 -14.28 -56.39
CA LEU C 112 13.32 -13.53 -56.29
C LEU C 112 13.39 -12.35 -55.33
N LYS C 113 14.26 -12.41 -54.31
CA LYS C 113 14.37 -11.38 -53.27
C LYS C 113 12.99 -10.94 -52.78
N PRO C 114 12.21 -11.85 -52.22
CA PRO C 114 10.85 -11.48 -51.81
C PRO C 114 10.87 -10.53 -50.62
N ASP C 115 9.77 -9.77 -50.49
CA ASP C 115 9.62 -8.91 -49.31
C ASP C 115 9.41 -9.72 -48.05
N ALA C 116 8.78 -10.90 -48.17
CA ALA C 116 8.46 -11.72 -47.01
C ALA C 116 8.39 -13.18 -47.43
N VAL C 117 8.60 -14.06 -46.45
CA VAL C 117 8.48 -15.50 -46.67
C VAL C 117 7.65 -16.10 -45.55
N ILE C 118 6.90 -17.15 -45.89
CA ILE C 118 6.17 -17.95 -44.93
C ILE C 118 6.83 -19.33 -44.88
N ILE C 119 7.37 -19.69 -43.72
CA ILE C 119 8.20 -20.87 -43.55
C ILE C 119 7.39 -21.91 -42.77
N SER C 120 7.04 -23.01 -43.44
CA SER C 120 6.24 -24.09 -42.88
C SER C 120 6.97 -25.41 -43.02
N THR C 121 8.26 -25.42 -42.73
CA THR C 121 9.02 -26.66 -42.80
C THR C 121 8.93 -27.39 -41.47
N ASP C 122 9.66 -28.51 -41.36
CA ASP C 122 9.75 -29.21 -40.09
C ASP C 122 10.58 -28.37 -39.12
N TRP C 123 10.45 -28.72 -37.83
CA TRP C 123 11.06 -27.91 -36.77
C TRP C 123 12.56 -27.70 -36.97
N SER C 124 13.26 -28.70 -37.50
CA SER C 124 14.72 -28.68 -37.50
C SER C 124 15.29 -27.54 -38.34
N SER C 125 14.55 -27.09 -39.35
CA SER C 125 15.05 -26.10 -40.29
C SER C 125 14.43 -24.71 -40.12
N HIS C 126 13.55 -24.52 -39.13
CA HIS C 126 12.89 -23.23 -38.95
C HIS C 126 13.92 -22.11 -38.80
N ALA C 127 14.88 -22.27 -37.87
CA ALA C 127 15.79 -21.18 -37.53
C ALA C 127 16.71 -20.86 -38.69
N ARG C 128 17.32 -21.87 -39.30
CA ARG C 128 18.25 -21.64 -40.41
C ARG C 128 17.55 -20.97 -41.59
N ILE C 129 16.38 -21.47 -41.97
CA ILE C 129 15.70 -20.89 -43.13
C ILE C 129 15.27 -19.46 -42.84
N ALA C 130 14.78 -19.20 -41.63
CA ALA C 130 14.34 -17.84 -41.30
C ALA C 130 15.53 -16.88 -41.21
N CYS C 131 16.67 -17.35 -40.69
CA CYS C 131 17.85 -16.50 -40.64
C CYS C 131 18.33 -16.15 -42.04
N ASP C 132 18.42 -17.15 -42.92
CA ASP C 132 18.82 -16.90 -44.30
C ASP C 132 17.84 -15.97 -45.00
N SER C 133 16.54 -16.14 -44.75
CA SER C 133 15.55 -15.28 -45.38
C SER C 133 15.75 -13.82 -44.99
N MET C 134 15.92 -13.56 -43.68
CA MET C 134 16.15 -12.20 -43.21
C MET C 134 17.45 -11.62 -43.77
N LYS C 135 18.51 -12.43 -43.81
CA LYS C 135 19.78 -11.96 -44.38
C LYS C 135 19.67 -11.68 -45.87
N HIS C 136 18.70 -12.29 -46.55
CA HIS C 136 18.42 -11.99 -47.95
C HIS C 136 17.34 -10.93 -48.10
N GLY C 137 16.98 -10.24 -47.02
CA GLY C 137 16.14 -9.07 -47.11
C GLY C 137 14.64 -9.30 -46.97
N ALA C 138 14.22 -10.47 -46.50
CA ALA C 138 12.81 -10.79 -46.41
C ALA C 138 12.38 -10.88 -44.95
N HIS C 139 11.19 -10.37 -44.66
CA HIS C 139 10.57 -10.64 -43.37
C HIS C 139 10.28 -12.14 -43.27
N ALA C 140 10.44 -12.70 -42.08
CA ALA C 140 10.32 -14.14 -41.88
C ALA C 140 9.13 -14.44 -40.99
N PHE C 141 8.16 -15.18 -41.53
CA PHE C 141 7.02 -15.69 -40.77
C PHE C 141 7.15 -17.20 -40.69
N VAL C 142 7.28 -17.70 -39.46
CA VAL C 142 7.77 -19.05 -39.19
C VAL C 142 6.70 -19.81 -38.43
N GLU C 143 6.49 -21.07 -38.82
CA GLU C 143 5.54 -21.91 -38.11
C GLU C 143 6.09 -22.28 -36.73
N VAL C 144 5.22 -22.84 -35.90
CA VAL C 144 5.52 -23.19 -34.51
C VAL C 144 6.20 -24.55 -34.44
N PRO C 145 7.09 -24.78 -33.46
CA PRO C 145 7.63 -23.70 -32.63
C PRO C 145 8.69 -22.94 -33.42
N LEU C 146 9.05 -21.73 -32.97
CA LEU C 146 9.97 -20.89 -33.75
C LEU C 146 11.29 -21.58 -34.01
N ALA C 147 11.83 -22.28 -33.00
CA ALA C 147 13.04 -23.07 -33.16
C ALA C 147 13.08 -24.08 -32.02
N VAL C 148 14.16 -24.85 -31.96
CA VAL C 148 14.27 -25.97 -31.03
C VAL C 148 15.23 -25.68 -29.88
N SER C 149 16.37 -25.07 -30.17
CA SER C 149 17.38 -24.85 -29.14
C SER C 149 17.47 -23.36 -28.79
N LEU C 150 18.08 -23.09 -27.64
CA LEU C 150 18.27 -21.71 -27.22
C LEU C 150 19.21 -20.97 -28.17
N GLU C 151 20.25 -21.64 -28.68
CA GLU C 151 21.16 -21.00 -29.62
C GLU C 151 20.44 -20.63 -30.91
N GLU C 152 19.55 -21.49 -31.39
CA GLU C 152 18.78 -21.17 -32.58
C GLU C 152 17.86 -19.98 -32.33
N LEU C 153 17.24 -19.92 -31.16
CA LEU C 153 16.38 -18.79 -30.84
C LEU C 153 17.18 -17.50 -30.73
N TRP C 154 18.37 -17.56 -30.13
CA TRP C 154 19.23 -16.37 -30.08
C TRP C 154 19.65 -15.94 -31.47
N SER C 155 19.95 -16.90 -32.36
CA SER C 155 20.36 -16.53 -33.71
C SER C 155 19.23 -15.82 -34.45
N LEU C 156 17.98 -16.20 -34.19
CA LEU C 156 16.85 -15.51 -34.80
C LEU C 156 16.71 -14.09 -34.26
N VAL C 157 16.85 -13.92 -32.94
CA VAL C 157 16.79 -12.59 -32.35
C VAL C 157 17.90 -11.70 -32.91
N ASP C 158 19.14 -12.21 -32.89
CA ASP C 158 20.27 -11.39 -33.32
C ASP C 158 20.19 -11.08 -34.81
N THR C 159 19.73 -12.03 -35.62
CA THR C 159 19.61 -11.76 -37.06
C THR C 159 18.53 -10.73 -37.34
N SER C 160 17.39 -10.83 -36.65
CA SER C 160 16.34 -9.83 -36.82
C SER C 160 16.84 -8.45 -36.42
N GLU C 161 17.56 -8.35 -35.30
CA GLU C 161 18.08 -7.06 -34.85
C GLU C 161 19.14 -6.51 -35.78
N ALA C 162 19.92 -7.40 -36.42
CA ALA C 162 20.97 -6.93 -37.32
C ALA C 162 20.41 -6.54 -38.68
N THR C 163 19.42 -7.28 -39.18
CA THR C 163 18.85 -7.01 -40.50
C THR C 163 17.69 -6.04 -40.46
N ARG C 164 17.11 -5.80 -39.28
CA ARG C 164 15.91 -4.97 -39.13
C ARG C 164 14.79 -5.48 -40.02
N LYS C 165 14.63 -6.80 -40.07
CA LYS C 165 13.52 -7.45 -40.76
C LYS C 165 12.65 -8.14 -39.71
N HIS C 166 11.34 -8.14 -39.94
CA HIS C 166 10.41 -8.84 -39.03
C HIS C 166 10.78 -10.32 -38.94
N CYS C 167 10.67 -10.86 -37.74
CA CYS C 167 10.65 -12.31 -37.52
C CYS C 167 9.49 -12.60 -36.59
N MET C 168 8.47 -13.29 -37.08
CA MET C 168 7.27 -13.56 -36.30
C MET C 168 6.94 -15.03 -36.36
N MET C 169 6.80 -15.66 -35.20
CA MET C 169 6.25 -17.00 -35.13
C MET C 169 4.75 -16.92 -35.35
N MET C 170 4.23 -17.74 -36.25
CA MET C 170 2.81 -17.68 -36.62
C MET C 170 1.97 -18.48 -35.62
N GLU C 171 1.82 -17.91 -34.43
CA GLU C 171 0.95 -18.52 -33.42
C GLU C 171 -0.48 -18.12 -33.73
N ASN C 172 -1.21 -19.02 -34.40
CA ASN C 172 -2.56 -18.71 -34.85
C ASN C 172 -3.58 -18.74 -33.72
N VAL C 173 -3.29 -19.44 -32.61
CA VAL C 173 -4.28 -19.60 -31.56
C VAL C 173 -4.64 -18.26 -30.93
N ASN C 174 -3.69 -17.32 -30.89
CA ASN C 174 -3.98 -15.99 -30.35
C ASN C 174 -5.09 -15.27 -31.10
N TYR C 175 -5.47 -15.75 -32.28
CA TYR C 175 -6.50 -15.12 -33.10
C TYR C 175 -7.80 -15.91 -33.12
N GLY C 176 -7.96 -16.88 -32.24
CA GLY C 176 -9.25 -17.50 -32.07
C GLY C 176 -10.25 -16.53 -31.47
N ARG C 177 -11.53 -16.81 -31.70
CA ARG C 177 -12.58 -15.92 -31.19
C ARG C 177 -12.53 -15.83 -29.66
N ASP C 178 -12.46 -16.98 -28.99
CA ASP C 178 -12.43 -16.99 -27.53
C ASP C 178 -11.15 -16.38 -27.00
N GLU C 179 -10.03 -16.70 -27.64
CA GLU C 179 -8.74 -16.15 -27.22
C GLU C 179 -8.70 -14.63 -27.41
N LEU C 180 -9.26 -14.14 -28.50
CA LEU C 180 -9.35 -12.70 -28.71
C LEU C 180 -10.34 -12.05 -27.74
N MET C 181 -11.46 -12.74 -27.46
CA MET C 181 -12.41 -12.20 -26.49
C MET C 181 -11.80 -12.15 -25.09
N PHE C 182 -11.09 -13.22 -24.68
CA PHE C 182 -10.47 -13.21 -23.37
C PHE C 182 -9.45 -12.09 -23.26
N LEU C 183 -8.66 -11.86 -24.32
CA LEU C 183 -7.75 -10.73 -24.35
C LEU C 183 -8.50 -9.42 -24.12
N ASN C 184 -9.61 -9.25 -24.82
CA ASN C 184 -10.41 -8.04 -24.67
C ASN C 184 -10.94 -7.91 -23.24
N MET C 185 -11.42 -9.00 -22.66
CA MET C 185 -11.92 -8.95 -21.29
C MET C 185 -10.79 -8.64 -20.30
N VAL C 186 -9.61 -9.24 -20.49
CA VAL C 186 -8.50 -8.98 -19.58
C VAL C 186 -8.06 -7.53 -19.68
N ARG C 187 -7.96 -6.98 -20.89
CA ARG C 187 -7.56 -5.59 -21.06
C ARG C 187 -8.54 -4.64 -20.39
N GLN C 188 -9.81 -5.02 -20.31
CA GLN C 188 -10.82 -4.19 -19.66
C GLN C 188 -10.89 -4.40 -18.14
N GLY C 189 -10.03 -5.24 -17.59
CA GLY C 189 -10.00 -5.44 -16.14
C GLY C 189 -11.14 -6.27 -15.61
N VAL C 190 -11.77 -7.10 -16.44
CA VAL C 190 -13.00 -7.79 -16.05
C VAL C 190 -12.75 -8.82 -14.95
N ILE C 191 -11.56 -9.42 -14.91
CA ILE C 191 -11.28 -10.43 -13.90
C ILE C 191 -10.28 -9.93 -12.85
N GLY C 192 -10.11 -8.61 -12.75
CA GLY C 192 -9.26 -8.07 -11.69
C GLY C 192 -7.78 -8.29 -11.98
N ASP C 193 -6.99 -8.33 -10.91
CA ASP C 193 -5.56 -8.54 -11.02
C ASP C 193 -5.26 -9.99 -11.38
N LEU C 194 -4.41 -10.19 -12.38
CA LEU C 194 -4.11 -11.53 -12.86
C LEU C 194 -3.27 -12.28 -11.84
N LEU C 195 -3.58 -13.56 -11.69
CA LEU C 195 -2.89 -14.44 -10.75
C LEU C 195 -2.25 -15.64 -11.41
N HIS C 196 -2.91 -16.24 -12.40
CA HIS C 196 -2.60 -17.60 -12.76
C HIS C 196 -3.14 -17.89 -14.16
N GLY C 197 -2.43 -18.74 -14.89
CA GLY C 197 -2.88 -19.15 -16.20
C GLY C 197 -2.56 -20.62 -16.41
N GLU C 198 -3.31 -21.23 -17.32
CA GLU C 198 -3.13 -22.64 -17.64
C GLU C 198 -3.13 -22.79 -19.16
N ALA C 199 -2.06 -23.38 -19.68
CA ALA C 199 -1.83 -23.55 -21.10
C ALA C 199 -1.56 -25.02 -21.38
N ALA C 200 -2.00 -25.49 -22.54
CA ALA C 200 -1.77 -26.88 -22.89
C ALA C 200 -1.79 -27.06 -24.39
N TYR C 201 -1.19 -28.17 -24.82
CA TYR C 201 -1.42 -28.76 -26.14
C TYR C 201 -1.63 -30.25 -25.91
N ILE C 202 -2.90 -30.64 -25.83
CA ILE C 202 -3.30 -32.03 -25.68
C ILE C 202 -3.98 -32.44 -26.99
N HIS C 203 -3.36 -33.37 -27.71
CA HIS C 203 -3.82 -33.72 -29.05
C HIS C 203 -3.20 -35.08 -29.40
N CYS C 204 -4.03 -36.11 -29.54
CA CYS C 204 -3.47 -37.45 -29.75
C CYS C 204 -2.89 -37.57 -31.16
N LEU C 205 -1.56 -37.58 -31.26
CA LEU C 205 -0.87 -37.69 -32.54
C LEU C 205 -0.09 -39.00 -32.67
N VAL C 206 -0.47 -40.02 -31.88
CA VAL C 206 0.31 -41.25 -31.82
C VAL C 206 0.32 -41.99 -33.15
N THR C 207 -0.70 -41.79 -34.00
CA THR C 207 -0.74 -42.48 -35.29
C THR C 207 0.30 -41.96 -36.28
N GLN C 208 1.01 -40.88 -35.95
CA GLN C 208 2.13 -40.44 -36.77
C GLN C 208 3.25 -41.48 -36.81
N LEU C 209 3.31 -42.36 -35.80
CA LEU C 209 4.31 -43.42 -35.79
C LEU C 209 4.15 -44.35 -36.99
N GLY C 210 2.92 -44.54 -37.47
CA GLY C 210 2.68 -45.36 -38.64
C GLY C 210 2.61 -44.63 -39.95
N ASP C 211 2.85 -43.32 -39.94
CA ASP C 211 2.77 -42.49 -41.13
C ASP C 211 4.18 -42.13 -41.57
N THR C 212 4.47 -42.33 -42.85
CA THR C 212 5.76 -41.99 -43.40
C THR C 212 5.75 -40.73 -44.28
N ARG C 213 4.57 -40.18 -44.57
CA ARG C 213 4.46 -39.13 -45.59
C ARG C 213 4.43 -37.72 -45.00
N GLY C 214 3.59 -37.48 -44.01
CA GLY C 214 3.40 -36.16 -43.46
C GLY C 214 4.33 -35.87 -42.30
N GLU C 215 3.76 -35.37 -41.20
CA GLU C 215 4.54 -35.08 -40.00
C GLU C 215 5.19 -36.33 -39.44
N GLY C 216 4.67 -37.52 -39.78
CA GLY C 216 5.30 -38.74 -39.34
C GLY C 216 6.74 -38.86 -39.80
N ALA C 217 7.08 -38.23 -40.93
CA ALA C 217 8.44 -38.27 -41.44
C ALA C 217 9.45 -37.66 -40.48
N TRP C 218 9.04 -36.70 -39.65
CA TRP C 218 10.01 -36.00 -38.81
C TRP C 218 9.60 -35.80 -37.35
N ARG C 219 8.30 -35.71 -37.06
CA ARG C 219 7.89 -35.31 -35.72
C ARG C 219 8.13 -36.41 -34.68
N PRO C 220 7.72 -37.68 -34.88
CA PRO C 220 7.95 -38.67 -33.82
C PRO C 220 9.41 -38.83 -33.42
N GLU C 221 10.35 -38.58 -34.33
CA GLU C 221 11.76 -38.75 -33.98
C GLU C 221 12.18 -37.86 -32.82
N TYR C 222 11.55 -36.69 -32.67
CA TYR C 222 11.87 -35.80 -31.55
C TYR C 222 11.58 -36.45 -30.20
N HIS C 223 10.57 -37.32 -30.14
CA HIS C 223 10.24 -38.04 -28.91
C HIS C 223 11.31 -39.05 -28.49
N THR C 224 12.19 -39.43 -29.42
CA THR C 224 13.30 -40.33 -29.10
C THR C 224 14.54 -39.57 -28.65
N ARG C 225 14.54 -38.25 -28.73
CA ARG C 225 15.73 -37.46 -28.48
C ARG C 225 15.58 -36.45 -27.35
N ILE C 226 14.38 -35.94 -27.08
CA ILE C 226 14.14 -34.87 -26.13
C ILE C 226 13.02 -35.28 -25.19
N ASN C 227 13.25 -35.16 -23.89
CA ASN C 227 12.19 -35.31 -22.90
C ASN C 227 11.84 -33.91 -22.38
N GLY C 228 10.77 -33.34 -22.92
CA GLY C 228 10.40 -32.00 -22.56
C GLY C 228 9.18 -31.57 -23.36
N ASN C 229 8.81 -30.30 -23.21
CA ASN C 229 7.64 -29.78 -23.91
C ASN C 229 8.04 -29.44 -25.34
N LEU C 230 7.82 -30.40 -26.24
CA LEU C 230 8.14 -30.26 -27.65
C LEU C 230 7.25 -29.23 -28.37
N TYR C 231 6.09 -28.90 -27.82
CA TYR C 231 5.10 -28.08 -28.52
C TYR C 231 4.40 -27.17 -27.52
N PRO C 232 5.09 -26.13 -27.06
CA PRO C 232 4.57 -25.34 -25.93
C PRO C 232 3.82 -24.06 -26.30
N THR C 233 3.68 -23.71 -27.58
CA THR C 233 3.25 -22.36 -27.90
C THR C 233 1.74 -22.18 -28.01
N HIS C 234 1.01 -23.22 -28.44
CA HIS C 234 -0.40 -23.05 -28.78
C HIS C 234 -1.22 -22.59 -27.57
N GLY C 235 -1.06 -23.26 -26.44
CA GLY C 235 -1.79 -22.83 -25.26
C GLY C 235 -1.18 -21.61 -24.60
N LEU C 236 0.14 -21.45 -24.72
CA LEU C 236 0.85 -20.43 -23.96
C LEU C 236 0.71 -19.05 -24.58
N GLY C 237 0.70 -18.97 -25.91
CA GLY C 237 0.61 -17.72 -26.62
C GLY C 237 -0.46 -16.77 -26.10
N PRO C 238 -1.72 -17.21 -26.06
CA PRO C 238 -2.78 -16.33 -25.53
C PRO C 238 -2.55 -15.93 -24.09
N VAL C 239 -2.18 -16.89 -23.23
CA VAL C 239 -1.99 -16.58 -21.82
C VAL C 239 -0.86 -15.59 -21.62
N ALA C 240 0.22 -15.73 -22.39
CA ALA C 240 1.35 -14.80 -22.26
C ALA C 240 0.93 -13.38 -22.59
N GLN C 241 0.10 -13.21 -23.63
CA GLN C 241 -0.30 -11.86 -24.01
C GLN C 241 -1.41 -11.31 -23.11
N TYR C 242 -2.23 -12.18 -22.50
CA TYR C 242 -3.09 -11.71 -21.42
C TYR C 242 -2.28 -11.02 -20.34
N MET C 243 -1.15 -11.63 -19.97
CA MET C 243 -0.29 -11.15 -18.90
C MET C 243 0.73 -10.12 -19.37
N ASN C 244 0.71 -9.74 -20.66
CA ASN C 244 1.64 -8.76 -21.21
C ASN C 244 3.09 -9.18 -20.96
N LEU C 245 3.35 -10.48 -21.03
CA LEU C 245 4.70 -10.98 -20.81
C LEU C 245 5.63 -10.48 -21.92
N GLU C 246 6.83 -10.05 -21.52
CA GLU C 246 7.91 -9.53 -22.37
C GLU C 246 7.61 -8.14 -22.92
N ARG C 247 6.47 -7.53 -22.58
CA ARG C 247 6.09 -6.23 -23.13
C ARG C 247 5.65 -5.30 -21.99
N GLY C 248 6.64 -4.77 -21.29
CA GLY C 248 6.46 -3.74 -20.27
C GLY C 248 6.01 -4.18 -18.91
N GLU C 249 4.95 -4.98 -18.84
CA GLU C 249 4.29 -5.23 -17.57
C GLU C 249 4.97 -6.36 -16.78
N ASP C 250 5.46 -7.38 -17.47
CA ASP C 250 5.89 -8.62 -16.83
C ASP C 250 6.78 -9.37 -17.80
N ARG C 251 7.38 -10.46 -17.32
CA ARG C 251 8.20 -11.32 -18.18
C ARG C 251 8.24 -12.73 -17.62
N PHE C 252 8.55 -13.69 -18.49
CA PHE C 252 8.86 -15.03 -18.04
C PHE C 252 10.11 -14.98 -17.17
N CYS C 253 10.05 -15.59 -15.99
CA CYS C 253 11.17 -15.54 -15.06
C CYS C 253 11.85 -16.89 -14.91
N ARG C 254 11.13 -17.92 -14.45
CA ARG C 254 11.70 -19.25 -14.31
C ARG C 254 10.62 -20.29 -14.55
N VAL C 255 11.06 -21.53 -14.78
CA VAL C 255 10.13 -22.63 -15.07
C VAL C 255 10.73 -23.93 -14.52
N ALA C 256 9.87 -24.74 -13.90
CA ALA C 256 10.22 -26.09 -13.46
C ALA C 256 9.35 -27.09 -14.23
N ALA C 257 9.97 -28.17 -14.68
CA ALA C 257 9.31 -29.09 -15.60
C ALA C 257 9.35 -30.52 -15.08
N PHE C 258 8.33 -31.29 -15.46
CA PHE C 258 8.13 -32.65 -14.98
C PHE C 258 7.47 -33.43 -16.10
N ALA C 259 7.71 -34.74 -16.11
CA ALA C 259 7.21 -35.57 -17.19
C ALA C 259 6.75 -36.91 -16.62
N SER C 260 5.65 -37.41 -17.15
CA SER C 260 5.13 -38.72 -16.80
C SER C 260 6.04 -39.78 -17.40
N PRO C 261 5.81 -41.07 -17.16
CA PRO C 261 6.58 -42.09 -17.88
C PRO C 261 6.36 -41.98 -19.38
N ALA C 262 7.33 -42.49 -20.14
CA ALA C 262 7.26 -42.52 -21.61
C ALA C 262 6.82 -43.92 -22.01
N LEU C 263 5.51 -44.09 -22.22
CA LEU C 263 4.94 -45.43 -22.44
C LEU C 263 4.12 -45.54 -23.71
N GLY C 264 3.34 -44.51 -24.07
CA GLY C 264 2.35 -44.66 -25.11
C GLY C 264 2.94 -45.03 -26.46
N ARG C 265 4.00 -44.33 -26.86
CA ARG C 265 4.52 -44.53 -28.22
C ARG C 265 5.27 -45.85 -28.34
N ASN C 266 5.99 -46.26 -27.29
CA ASN C 266 6.58 -47.60 -27.28
C ASN C 266 5.51 -48.67 -27.44
N ALA C 267 4.39 -48.53 -26.73
CA ALA C 267 3.31 -49.51 -26.81
C ALA C 267 2.69 -49.54 -28.20
N TYR C 268 2.52 -48.37 -28.81
CA TYR C 268 1.96 -48.31 -30.16
C TYR C 268 2.86 -49.02 -31.16
N ALA C 269 4.17 -48.80 -31.07
CA ALA C 269 5.10 -49.42 -32.02
C ALA C 269 5.08 -50.95 -31.91
N LYS C 270 5.10 -51.49 -30.69
CA LYS C 270 5.04 -52.94 -30.53
C LYS C 270 3.73 -53.52 -31.02
N LYS C 271 2.64 -52.74 -30.93
CA LYS C 271 1.33 -53.26 -31.26
C LYS C 271 1.09 -53.23 -32.77
N HIS C 272 1.53 -52.17 -33.44
CA HIS C 272 1.19 -51.94 -34.84
C HIS C 272 2.36 -52.03 -35.81
N LEU C 273 3.60 -52.10 -35.32
CA LEU C 273 4.73 -52.04 -36.23
C LEU C 273 5.61 -53.28 -36.11
N PRO C 274 6.29 -53.67 -37.19
CA PRO C 274 7.15 -54.85 -37.14
C PRO C 274 8.29 -54.68 -36.15
N ALA C 275 8.85 -55.81 -35.72
CA ALA C 275 9.89 -55.80 -34.70
C ALA C 275 11.15 -55.08 -35.16
N ASP C 276 11.44 -55.11 -36.47
CA ASP C 276 12.62 -54.45 -37.01
C ASP C 276 12.36 -52.99 -37.38
N HIS C 277 11.16 -52.48 -37.15
CA HIS C 277 10.86 -51.09 -37.44
C HIS C 277 11.69 -50.18 -36.54
N ARG C 278 12.03 -48.99 -37.07
CA ARG C 278 12.87 -48.08 -36.29
C ARG C 278 12.20 -47.64 -35.00
N TRP C 279 10.87 -47.58 -34.95
CA TRP C 279 10.21 -47.19 -33.71
C TRP C 279 10.12 -48.33 -32.71
N ASN C 280 10.44 -49.55 -33.11
CA ASN C 280 10.58 -50.66 -32.19
C ASN C 280 12.03 -50.90 -31.79
N ASN C 281 12.97 -50.17 -32.37
CA ASN C 281 14.37 -50.31 -32.00
C ASN C 281 14.99 -48.99 -31.55
N THR C 282 14.21 -47.92 -31.49
CA THR C 282 14.64 -46.65 -30.95
C THR C 282 13.68 -46.28 -29.83
N PRO C 283 14.11 -46.23 -28.58
CA PRO C 283 13.16 -46.00 -27.49
C PRO C 283 12.65 -44.56 -27.47
N PHE C 284 11.37 -44.41 -27.16
CA PHE C 284 10.79 -43.09 -26.94
C PHE C 284 11.03 -42.67 -25.50
N ILE C 285 11.63 -41.49 -25.31
CA ILE C 285 12.01 -41.03 -23.99
C ILE C 285 11.20 -39.83 -23.52
N CYS C 286 10.43 -39.20 -24.39
CA CYS C 286 9.63 -38.05 -23.98
C CYS C 286 8.40 -38.53 -23.20
N GLY C 287 8.29 -38.10 -21.95
CA GLY C 287 7.13 -38.45 -21.15
C GLY C 287 5.83 -38.11 -21.84
N ASP C 288 4.86 -39.04 -21.81
CA ASP C 288 3.61 -38.85 -22.53
C ASP C 288 2.96 -37.51 -22.17
N MET C 289 2.83 -37.23 -20.88
CA MET C 289 2.31 -35.95 -20.40
C MET C 289 3.44 -35.17 -19.78
N ASN C 290 3.77 -34.04 -20.37
CA ASN C 290 4.74 -33.11 -19.81
C ASN C 290 3.98 -32.03 -19.06
N THR C 291 4.40 -31.75 -17.83
CA THR C 291 3.80 -30.72 -16.99
C THR C 291 4.88 -29.78 -16.47
N ALA C 292 4.66 -28.48 -16.64
CA ALA C 292 5.61 -27.48 -16.17
C ALA C 292 4.86 -26.33 -15.54
N VAL C 293 5.54 -25.62 -14.64
CA VAL C 293 4.98 -24.45 -13.98
C VAL C 293 5.93 -23.29 -14.20
N VAL C 294 5.42 -22.22 -14.82
CA VAL C 294 6.18 -21.00 -15.06
C VAL C 294 5.88 -20.02 -13.93
N LYS C 295 6.91 -19.32 -13.46
CA LYS C 295 6.76 -18.17 -12.58
C LYS C 295 7.14 -16.93 -13.38
N THR C 296 6.28 -15.90 -13.34
CA THR C 296 6.62 -14.64 -13.98
C THR C 296 7.27 -13.71 -12.96
N GLN C 297 7.81 -12.59 -13.46
CA GLN C 297 8.49 -11.65 -12.58
C GLN C 297 7.51 -11.04 -11.57
N LEU C 298 6.28 -10.77 -12.00
CA LEU C 298 5.28 -10.29 -11.04
C LEU C 298 4.79 -11.38 -10.11
N GLY C 299 5.23 -12.62 -10.27
CA GLY C 299 4.83 -13.69 -9.39
C GLY C 299 3.66 -14.52 -9.87
N ARG C 300 3.15 -14.27 -11.06
CA ARG C 300 2.07 -15.08 -11.58
C ARG C 300 2.60 -16.46 -11.94
N THR C 301 1.70 -17.45 -11.91
CA THR C 301 2.03 -18.81 -12.30
C THR C 301 1.33 -19.14 -13.61
N ILE C 302 1.99 -19.93 -14.44
CA ILE C 302 1.41 -20.46 -15.66
C ILE C 302 1.67 -21.96 -15.67
N LEU C 303 0.59 -22.74 -15.61
CA LEU C 303 0.67 -24.17 -15.84
C LEU C 303 0.76 -24.44 -17.35
N VAL C 304 1.78 -25.17 -17.78
CA VAL C 304 1.99 -25.49 -19.19
C VAL C 304 2.12 -27.00 -19.33
N GLN C 305 1.27 -27.60 -20.17
CA GLN C 305 1.25 -29.05 -20.31
C GLN C 305 1.30 -29.45 -21.78
N LEU C 306 1.95 -30.60 -22.03
CA LEU C 306 1.99 -31.17 -23.38
C LEU C 306 1.74 -32.66 -23.31
N ASP C 307 0.75 -33.12 -24.08
CA ASP C 307 0.57 -34.56 -24.30
C ASP C 307 0.04 -34.72 -25.72
N GLU C 308 0.92 -35.13 -26.63
CA GLU C 308 0.51 -35.43 -27.99
C GLU C 308 0.51 -36.93 -28.26
N THR C 309 0.31 -37.73 -27.22
CA THR C 309 0.35 -39.18 -27.30
C THR C 309 -0.90 -39.87 -26.78
N SER C 310 -1.33 -39.53 -25.55
CA SER C 310 -2.38 -40.27 -24.89
C SER C 310 -3.73 -40.08 -25.59
N PRO C 311 -4.59 -41.10 -25.55
CA PRO C 311 -5.93 -40.98 -26.15
C PRO C 311 -6.93 -40.26 -25.26
N ARG C 312 -7.16 -38.99 -25.56
CA ARG C 312 -8.10 -38.14 -24.83
C ARG C 312 -8.45 -36.95 -25.72
N PRO C 313 -9.51 -36.21 -25.39
CA PRO C 313 -9.94 -35.13 -26.29
C PRO C 313 -8.92 -34.00 -26.43
N TYR C 314 -9.01 -33.30 -27.56
CA TYR C 314 -8.15 -32.16 -27.83
C TYR C 314 -8.42 -31.04 -26.83
N SER C 315 -7.36 -30.35 -26.41
CA SER C 315 -7.53 -29.21 -25.52
C SER C 315 -6.29 -28.32 -25.53
N ARG C 316 -6.53 -27.02 -25.37
CA ARG C 316 -5.47 -26.05 -25.13
C ARG C 316 -5.60 -25.36 -23.77
N ALA C 317 -6.57 -25.78 -22.95
CA ALA C 317 -6.82 -25.22 -21.63
C ALA C 317 -7.29 -23.76 -21.69
N ASN C 318 -6.41 -22.85 -22.10
CA ASN C 318 -6.74 -21.43 -22.25
C ASN C 318 -7.47 -20.89 -21.01
N LEU C 319 -6.88 -21.12 -19.84
CA LEU C 319 -7.43 -20.62 -18.59
C LEU C 319 -6.62 -19.41 -18.13
N ILE C 320 -7.32 -18.32 -17.81
CA ILE C 320 -6.70 -17.14 -17.23
C ILE C 320 -7.52 -16.73 -16.03
N GLN C 321 -6.87 -16.59 -14.87
CA GLN C 321 -7.55 -16.42 -13.60
C GLN C 321 -7.07 -15.14 -12.92
N GLY C 322 -8.02 -14.36 -12.43
CA GLY C 322 -7.71 -13.15 -11.68
C GLY C 322 -8.50 -13.09 -10.38
N THR C 323 -8.23 -12.03 -9.62
CA THR C 323 -8.88 -11.85 -8.32
C THR C 323 -10.38 -11.65 -8.42
N GLU C 324 -10.92 -11.37 -9.62
CA GLU C 324 -12.34 -11.12 -9.76
C GLU C 324 -13.04 -12.08 -10.70
N GLY C 325 -12.35 -13.08 -11.23
CA GLY C 325 -13.00 -14.04 -12.09
C GLY C 325 -11.99 -14.88 -12.82
N THR C 326 -12.52 -15.88 -13.53
CA THR C 326 -11.72 -16.83 -14.28
C THR C 326 -12.35 -17.02 -15.64
N LEU C 327 -11.52 -16.99 -16.69
CA LEU C 327 -11.92 -17.32 -18.05
C LEU C 327 -11.17 -18.57 -18.49
N ALA C 328 -11.87 -19.49 -19.14
CA ALA C 328 -11.25 -20.75 -19.52
C ALA C 328 -11.89 -21.29 -20.80
N GLY C 329 -11.12 -22.14 -21.49
CA GLY C 329 -11.58 -22.77 -22.71
C GLY C 329 -11.65 -24.28 -22.55
N PHE C 330 -12.23 -24.92 -23.56
CA PHE C 330 -12.32 -26.38 -23.68
C PHE C 330 -12.94 -27.01 -22.43
N PRO C 331 -14.23 -26.75 -22.15
CA PRO C 331 -15.13 -25.90 -22.95
C PRO C 331 -15.05 -24.44 -22.54
N THR C 332 -15.41 -23.53 -23.44
CA THR C 332 -15.42 -22.12 -23.13
C THR C 332 -16.37 -21.85 -21.96
N ARG C 333 -15.86 -21.23 -20.91
CA ARG C 333 -16.64 -20.97 -19.71
C ARG C 333 -16.03 -19.78 -18.98
N VAL C 334 -16.89 -18.93 -18.41
CA VAL C 334 -16.44 -17.76 -17.67
C VAL C 334 -17.24 -17.66 -16.38
N ALA C 335 -16.61 -17.07 -15.36
CA ALA C 335 -17.24 -16.86 -14.06
C ALA C 335 -16.52 -15.73 -13.35
N GLY C 336 -17.30 -14.87 -12.69
CA GLY C 336 -16.70 -13.74 -12.00
C GLY C 336 -17.75 -12.80 -11.46
N GLU C 337 -17.29 -11.92 -10.56
CA GLU C 337 -18.20 -10.97 -9.92
C GLU C 337 -18.83 -10.02 -10.92
N LYS C 338 -18.15 -9.74 -12.03
CA LYS C 338 -18.65 -8.81 -13.04
C LYS C 338 -19.36 -9.51 -14.19
N LEU C 339 -19.41 -10.84 -14.19
CA LEU C 339 -19.92 -11.61 -15.32
C LEU C 339 -21.29 -12.18 -14.98
N GLY C 340 -22.24 -11.98 -15.89
CA GLY C 340 -23.60 -12.46 -15.69
C GLY C 340 -24.23 -11.84 -14.45
N ASN C 341 -24.89 -12.67 -13.64
CA ASN C 341 -25.46 -12.21 -12.38
C ASN C 341 -24.44 -12.16 -11.26
N GLY C 342 -23.16 -12.38 -11.56
CA GLY C 342 -22.12 -12.35 -10.55
C GLY C 342 -22.02 -13.59 -9.69
N ASN C 343 -22.83 -14.62 -9.94
CA ASN C 343 -22.75 -15.87 -9.18
C ASN C 343 -21.60 -16.69 -9.74
N TYR C 344 -20.40 -16.43 -9.23
CA TYR C 344 -19.20 -17.11 -9.70
C TYR C 344 -19.14 -18.58 -9.29
N HIS C 345 -20.08 -19.05 -8.46
CA HIS C 345 -20.06 -20.45 -8.04
C HIS C 345 -20.42 -21.40 -9.17
N GLU C 346 -20.97 -20.92 -10.28
CA GLU C 346 -21.30 -21.76 -11.42
C GLU C 346 -20.71 -21.15 -12.69
N TRP C 347 -20.35 -22.01 -13.63
CA TRP C 347 -19.80 -21.54 -14.89
C TRP C 347 -20.88 -20.94 -15.76
N ILE C 348 -20.53 -19.86 -16.45
CA ILE C 348 -21.30 -19.39 -17.61
C ILE C 348 -20.73 -20.14 -18.80
N GLU C 349 -21.47 -21.14 -19.29
CA GLU C 349 -20.97 -21.99 -20.36
C GLU C 349 -22.15 -22.44 -21.21
N GLY C 350 -21.81 -23.02 -22.37
CA GLY C 350 -22.83 -23.43 -23.32
C GLY C 350 -23.22 -22.29 -24.25
N ARG C 351 -23.78 -22.67 -25.39
CA ARG C 351 -24.08 -21.69 -26.42
C ARG C 351 -25.14 -20.68 -25.96
N GLU C 352 -26.13 -21.14 -25.20
CA GLU C 352 -27.20 -20.24 -24.75
C GLU C 352 -26.68 -19.14 -23.84
N LYS C 353 -25.93 -19.53 -22.79
CA LYS C 353 -25.50 -18.59 -21.77
C LYS C 353 -24.34 -17.73 -22.22
N LEU C 354 -23.47 -18.26 -23.08
CA LEU C 354 -22.32 -17.50 -23.56
C LEU C 354 -22.68 -16.44 -24.59
N ALA C 355 -23.90 -16.50 -25.17
CA ALA C 355 -24.28 -15.55 -26.20
C ALA C 355 -24.16 -14.12 -25.72
N ALA C 356 -24.64 -13.84 -24.49
CA ALA C 356 -24.55 -12.49 -23.96
C ALA C 356 -23.11 -12.08 -23.68
N ILE C 357 -22.24 -13.05 -23.39
CA ILE C 357 -20.83 -12.75 -23.16
C ILE C 357 -20.15 -12.35 -24.47
N TYR C 358 -20.41 -13.11 -25.55
CA TYR C 358 -19.87 -12.72 -26.85
C TYR C 358 -20.37 -11.34 -27.28
N GLU C 359 -21.66 -11.09 -27.10
CA GLU C 359 -22.24 -9.80 -27.49
C GLU C 359 -21.53 -8.63 -26.80
N LYS C 360 -21.19 -8.80 -25.52
CA LYS C 360 -20.61 -7.71 -24.75
C LYS C 360 -19.10 -7.61 -24.95
N TYR C 361 -18.42 -8.72 -25.22
CA TYR C 361 -16.97 -8.75 -25.16
C TYR C 361 -16.28 -9.27 -26.42
N ASP C 362 -17.01 -9.50 -27.51
CA ASP C 362 -16.36 -9.89 -28.76
C ASP C 362 -15.26 -8.91 -29.11
N HIS C 363 -14.09 -9.44 -29.41
CA HIS C 363 -12.95 -8.61 -29.80
C HIS C 363 -13.27 -7.90 -31.11
N PRO C 364 -13.01 -6.59 -31.22
CA PRO C 364 -13.32 -5.87 -32.47
C PRO C 364 -12.68 -6.47 -33.70
N LEU C 365 -11.49 -7.07 -33.57
CA LEU C 365 -10.87 -7.73 -34.70
C LEU C 365 -11.72 -8.91 -35.16
N TRP C 366 -12.28 -9.67 -34.23
CA TRP C 366 -13.12 -10.80 -34.62
C TRP C 366 -14.42 -10.30 -35.25
N LYS C 367 -14.99 -9.22 -34.73
CA LYS C 367 -16.21 -8.70 -35.34
C LYS C 367 -15.95 -8.17 -36.75
N ARG C 368 -14.74 -7.67 -37.03
CA ARG C 368 -14.45 -7.13 -38.34
C ARG C 368 -14.15 -8.23 -39.37
N ILE C 369 -13.44 -9.28 -38.96
CA ILE C 369 -13.00 -10.30 -39.90
C ILE C 369 -13.62 -11.67 -39.62
N GLY C 370 -14.17 -11.91 -38.44
CA GLY C 370 -14.52 -13.28 -38.05
C GLY C 370 -15.58 -13.92 -38.93
N GLU C 371 -16.52 -13.13 -39.46
CA GLU C 371 -17.54 -13.69 -40.33
C GLU C 371 -16.93 -14.23 -41.63
N LEU C 372 -15.90 -13.55 -42.15
CA LEU C 372 -15.17 -14.05 -43.31
C LEU C 372 -14.18 -15.14 -42.92
N ALA C 373 -13.59 -15.05 -41.74
CA ALA C 373 -12.65 -16.08 -41.29
C ALA C 373 -13.34 -17.41 -41.06
N THR C 374 -14.58 -17.38 -40.53
CA THR C 374 -15.34 -18.61 -40.38
C THR C 374 -15.65 -19.23 -41.73
N LYS C 375 -16.02 -18.41 -42.72
CA LYS C 375 -16.21 -18.91 -44.07
C LYS C 375 -14.92 -19.52 -44.61
N MET C 376 -13.79 -18.86 -44.37
CA MET C 376 -12.51 -19.36 -44.86
C MET C 376 -12.05 -20.60 -44.10
N GLY C 377 -12.25 -20.61 -42.79
CA GLY C 377 -11.84 -21.76 -42.01
C GLY C 377 -10.38 -21.67 -41.59
N GLY C 378 -9.76 -22.83 -41.36
CA GLY C 378 -8.41 -22.86 -40.85
C GLY C 378 -8.44 -22.81 -39.34
N HIS C 379 -8.63 -23.97 -38.72
CA HIS C 379 -8.78 -24.11 -37.27
C HIS C 379 -9.91 -23.23 -36.73
N GLY C 380 -11.01 -23.15 -37.49
CA GLY C 380 -12.18 -22.41 -37.09
C GLY C 380 -12.22 -20.96 -37.52
N GLY C 381 -11.18 -20.47 -38.18
CA GLY C 381 -11.11 -19.09 -38.64
C GLY C 381 -9.91 -18.33 -38.12
N MET C 382 -9.27 -18.81 -37.05
CA MET C 382 -8.11 -18.13 -36.49
C MET C 382 -6.97 -18.01 -37.51
N ASP C 383 -6.84 -18.96 -38.42
CA ASP C 383 -5.78 -18.91 -39.42
C ASP C 383 -5.97 -17.71 -40.34
N PHE C 384 -7.19 -17.50 -40.81
CA PHE C 384 -7.45 -16.38 -41.71
C PHE C 384 -7.30 -15.04 -41.00
N VAL C 385 -7.72 -14.96 -39.73
CA VAL C 385 -7.54 -13.72 -38.97
C VAL C 385 -6.04 -13.42 -38.82
N MET C 386 -5.25 -14.44 -38.46
CA MET C 386 -3.81 -14.24 -38.31
C MET C 386 -3.18 -13.74 -39.60
N LEU C 387 -3.46 -14.42 -40.72
CA LEU C 387 -2.86 -14.03 -41.99
C LEU C 387 -3.33 -12.64 -42.40
N SER C 388 -4.60 -12.30 -42.14
CA SER C 388 -5.07 -10.96 -42.47
C SER C 388 -4.33 -9.89 -41.68
N ARG C 389 -4.07 -10.14 -40.39
CA ARG C 389 -3.32 -9.16 -39.60
C ARG C 389 -1.88 -9.04 -40.09
N ILE C 390 -1.27 -10.15 -40.50
CA ILE C 390 0.08 -10.10 -41.04
C ILE C 390 0.11 -9.20 -42.27
N VAL C 391 -0.85 -9.39 -43.18
CA VAL C 391 -0.91 -8.59 -44.39
C VAL C 391 -1.20 -7.12 -44.07
N GLU C 392 -2.14 -6.88 -43.15
CA GLU C 392 -2.47 -5.51 -42.76
C GLU C 392 -1.24 -4.79 -42.22
N CYS C 393 -0.52 -5.45 -41.32
CA CYS C 393 0.66 -4.84 -40.71
C CYS C 393 1.75 -4.59 -41.74
N LEU C 394 1.93 -5.53 -42.68
CA LEU C 394 2.92 -5.32 -43.74
C LEU C 394 2.50 -4.19 -44.67
N ARG C 395 1.21 -4.14 -45.02
CA ARG C 395 0.73 -3.11 -45.94
CA ARG C 395 0.74 -3.11 -45.94
C ARG C 395 0.79 -1.73 -45.30
N ASN C 396 0.43 -1.62 -44.03
CA ASN C 396 0.34 -0.32 -43.35
C ASN C 396 1.62 0.07 -42.63
N GLY C 397 2.62 -0.79 -42.59
CA GLY C 397 3.82 -0.48 -41.83
C GLY C 397 3.60 -0.45 -40.33
N GLU C 398 2.67 -1.28 -39.83
CA GLU C 398 2.39 -1.42 -38.41
C GLU C 398 3.27 -2.48 -37.78
N PRO C 399 3.47 -2.44 -36.46
CA PRO C 399 4.17 -3.55 -35.79
C PRO C 399 3.32 -4.81 -35.83
N MET C 400 4.00 -5.95 -35.79
CA MET C 400 3.30 -7.23 -35.67
C MET C 400 2.74 -7.37 -34.26
N ASP C 401 1.59 -8.05 -34.16
CA ASP C 401 0.98 -8.29 -32.84
C ASP C 401 1.84 -9.17 -31.95
N GLN C 402 2.72 -9.97 -32.54
CA GLN C 402 3.66 -10.82 -31.83
C GLN C 402 5.04 -10.47 -32.32
N ASN C 403 5.92 -10.00 -31.44
CA ASN C 403 7.26 -9.64 -31.87
C ASN C 403 8.18 -10.87 -31.78
N VAL C 404 9.43 -10.70 -32.23
CA VAL C 404 10.32 -11.86 -32.28
C VAL C 404 10.62 -12.37 -30.87
N TYR C 405 10.67 -11.48 -29.88
CA TYR C 405 11.04 -11.88 -28.52
C TYR C 405 9.96 -12.71 -27.86
N GLU C 406 8.70 -12.44 -28.18
CA GLU C 406 7.61 -13.29 -27.67
C GLU C 406 7.68 -14.68 -28.27
N GLY C 407 7.86 -14.76 -29.60
CA GLY C 407 7.98 -16.07 -30.22
C GLY C 407 9.14 -16.86 -29.65
N ALA C 408 10.27 -16.19 -29.38
CA ALA C 408 11.42 -16.85 -28.78
C ALA C 408 11.11 -17.29 -27.36
N SER C 409 10.46 -16.43 -26.57
CA SER C 409 10.17 -16.78 -25.19
C SER C 409 9.21 -17.96 -25.11
N TRP C 410 8.14 -17.95 -25.91
CA TRP C 410 7.18 -19.04 -25.87
C TRP C 410 7.84 -20.35 -26.30
N SER C 411 8.65 -20.30 -27.36
CA SER C 411 9.31 -21.48 -27.88
C SER C 411 10.42 -21.98 -26.97
N SER C 412 11.00 -21.08 -26.16
CA SER C 412 12.08 -21.46 -25.25
C SER C 412 11.61 -22.44 -24.19
N LEU C 413 10.29 -22.61 -24.02
CA LEU C 413 9.79 -23.65 -23.11
C LEU C 413 10.31 -25.03 -23.51
N LEU C 414 10.55 -25.24 -24.81
CA LEU C 414 11.07 -26.55 -25.23
C LEU C 414 12.43 -26.84 -24.61
N PRO C 415 13.49 -26.06 -24.88
CA PRO C 415 14.78 -26.38 -24.25
C PRO C 415 14.80 -26.15 -22.74
N LEU C 416 14.00 -25.22 -22.21
CA LEU C 416 14.04 -24.95 -20.78
C LEU C 416 13.35 -26.06 -19.99
N THR C 417 12.23 -26.60 -20.48
CA THR C 417 11.63 -27.72 -19.78
C THR C 417 12.51 -28.96 -19.86
N ALA C 418 13.12 -29.19 -21.02
CA ALA C 418 14.04 -30.32 -21.15
C ALA C 418 15.20 -30.16 -20.18
N ARG C 419 15.72 -28.93 -20.04
CA ARG C 419 16.80 -28.70 -19.09
C ARG C 419 16.35 -28.90 -17.66
N SER C 420 15.17 -28.40 -17.30
CA SER C 420 14.69 -28.59 -15.93
C SER C 420 14.51 -30.07 -15.62
N ILE C 421 13.94 -30.84 -16.56
CA ILE C 421 13.78 -32.27 -16.35
C ILE C 421 15.13 -32.95 -16.21
N ALA C 422 16.11 -32.54 -17.02
CA ALA C 422 17.45 -33.10 -16.88
C ALA C 422 18.07 -32.80 -15.52
N GLN C 423 17.62 -31.74 -14.84
CA GLN C 423 18.11 -31.38 -13.52
C GLN C 423 17.15 -31.80 -12.42
N GLY C 424 16.36 -32.84 -12.65
CA GLY C 424 15.50 -33.35 -11.61
C GLY C 424 14.32 -32.48 -11.26
N GLY C 425 13.94 -31.55 -12.14
CA GLY C 425 12.82 -30.68 -11.89
C GLY C 425 13.16 -29.35 -11.26
N MET C 426 14.45 -29.05 -11.07
CA MET C 426 14.87 -27.74 -10.56
CA MET C 426 14.81 -27.75 -10.52
C MET C 426 14.32 -26.65 -11.47
N PRO C 427 13.88 -25.52 -10.90
CA PRO C 427 13.51 -24.37 -11.74
C PRO C 427 14.72 -23.84 -12.48
N VAL C 428 14.52 -23.47 -13.74
CA VAL C 428 15.58 -22.91 -14.57
C VAL C 428 15.16 -21.52 -15.02
N GLU C 429 16.14 -20.63 -15.16
CA GLU C 429 15.84 -19.24 -15.49
C GLU C 429 15.64 -19.07 -17.00
N PHE C 430 14.72 -18.16 -17.36
CA PHE C 430 14.51 -17.77 -18.75
C PHE C 430 15.59 -16.78 -19.18
N PRO C 431 16.15 -16.92 -20.37
CA PRO C 431 17.01 -15.85 -20.90
C PRO C 431 16.15 -14.64 -21.24
N ASP C 432 16.76 -13.45 -21.11
CA ASP C 432 16.09 -12.22 -21.50
C ASP C 432 16.49 -11.89 -22.92
N PHE C 433 15.68 -12.34 -23.89
CA PHE C 433 15.99 -12.10 -25.29
C PHE C 433 15.96 -10.63 -25.65
N THR C 434 15.29 -9.79 -24.85
CA THR C 434 15.25 -8.35 -25.12
C THR C 434 16.43 -7.60 -24.52
N ARG C 435 17.29 -8.29 -23.75
CA ARG C 435 18.44 -7.67 -23.11
C ARG C 435 18.01 -6.46 -22.28
N GLY C 436 16.90 -6.60 -21.56
CA GLY C 436 16.39 -5.56 -20.70
C GLY C 436 15.38 -4.64 -21.33
N ASP C 437 15.24 -4.65 -22.66
CA ASP C 437 14.36 -3.71 -23.33
C ASP C 437 12.89 -4.11 -23.26
N TRP C 438 12.58 -5.26 -22.68
CA TRP C 438 11.17 -5.60 -22.44
C TRP C 438 10.47 -4.55 -21.60
N LYS C 439 11.22 -3.86 -20.73
CA LYS C 439 10.59 -2.90 -19.81
C LYS C 439 9.99 -1.71 -20.54
N THR C 440 10.51 -1.35 -21.72
CA THR C 440 10.01 -0.21 -22.46
C THR C 440 9.24 -0.62 -23.71
N THR C 441 8.83 -1.89 -23.79
CA THR C 441 8.10 -2.41 -24.95
C THR C 441 6.60 -2.28 -24.69
N MET C 442 5.88 -1.69 -25.64
CA MET C 442 4.45 -1.43 -25.46
C MET C 442 3.65 -2.74 -25.51
N PRO C 443 2.72 -2.94 -24.59
CA PRO C 443 1.87 -4.14 -24.64
C PRO C 443 0.99 -4.16 -25.87
N LEU C 444 0.58 -5.36 -26.27
CA LEU C 444 -0.38 -5.51 -27.35
C LEU C 444 -1.71 -4.92 -26.93
N ALA C 445 -2.22 -3.97 -27.71
CA ALA C 445 -3.51 -3.37 -27.43
C ALA C 445 -4.62 -4.17 -28.11
N VAL C 446 -5.86 -3.77 -27.88
CA VAL C 446 -7.00 -4.37 -28.58
C VAL C 446 -7.07 -3.72 -29.96
N VAL C 447 -6.51 -4.38 -30.96
CA VAL C 447 -6.44 -3.81 -32.30
C VAL C 447 -7.82 -3.86 -32.97
N SER C 448 -8.09 -2.86 -33.80
CA SER C 448 -9.37 -2.78 -34.50
C SER C 448 -9.39 -3.71 -35.72
N ILE D 9 -1.01 55.17 0.48
CA ILE D 9 -0.52 54.09 1.33
C ILE D 9 0.83 54.47 1.94
N PRO D 10 0.87 54.61 3.26
CA PRO D 10 2.14 54.90 3.92
C PRO D 10 3.05 53.68 3.89
N ALA D 11 4.30 53.90 3.49
CA ALA D 11 5.28 52.83 3.43
C ALA D 11 6.59 53.33 4.01
N GLY D 12 7.51 52.39 4.24
CA GLY D 12 8.80 52.77 4.80
C GLY D 12 8.66 53.33 6.21
N ASP D 13 9.49 54.33 6.51
CA ASP D 13 9.54 54.89 7.85
C ASP D 13 8.21 55.52 8.25
N HIS D 14 7.47 56.07 7.28
CA HIS D 14 6.17 56.66 7.55
C HIS D 14 5.15 55.65 8.07
N LEU D 15 5.37 54.36 7.80
CA LEU D 15 4.41 53.35 8.25
C LEU D 15 4.49 53.14 9.76
N TRP D 16 5.70 53.17 10.33
CA TRP D 16 5.89 52.75 11.71
C TRP D 16 6.54 53.79 12.61
N LYS D 17 6.71 55.02 12.14
CA LYS D 17 7.29 56.04 13.00
C LYS D 17 6.20 56.71 13.84
N SER D 18 6.58 57.16 15.02
CA SER D 18 5.64 57.83 15.91
C SER D 18 5.87 59.34 15.95
N ALA D 22 7.07 58.38 23.06
CA ALA D 22 6.19 58.12 24.19
C ALA D 22 6.18 59.32 25.14
N ALA D 23 5.10 60.10 25.07
CA ALA D 23 4.94 61.28 25.89
C ALA D 23 3.62 61.21 26.66
N PRO D 24 3.58 61.78 27.87
CA PRO D 24 2.35 61.72 28.67
C PRO D 24 1.15 62.34 27.94
N ARG D 25 -0.02 61.89 28.38
CA ARG D 25 -1.29 62.36 27.81
C ARG D 25 -1.48 63.85 28.06
N PRO D 26 -1.96 64.61 27.06
CA PRO D 26 -2.18 66.04 27.28
C PRO D 26 -3.25 66.33 28.33
N SER D 27 -3.07 67.45 29.03
CA SER D 27 -4.05 67.84 30.04
C SER D 27 -5.40 68.06 29.38
N GLY D 28 -6.46 67.66 30.08
CA GLY D 28 -7.79 67.78 29.54
C GLY D 28 -8.22 66.60 28.69
N SER D 29 -7.34 65.64 28.45
CA SER D 29 -7.69 64.41 27.77
C SER D 29 -7.99 63.35 28.83
N THR D 30 -8.81 62.38 28.46
CA THR D 30 -9.30 61.39 29.40
C THR D 30 -8.91 60.00 28.92
N TYR D 31 -8.32 59.20 29.81
CA TYR D 31 -8.11 57.79 29.51
C TYR D 31 -9.46 57.11 29.31
N MET D 32 -9.60 56.40 28.19
CA MET D 32 -10.88 55.86 27.76
C MET D 32 -11.08 54.39 28.11
N GLY D 33 -10.24 53.84 28.99
CA GLY D 33 -10.46 52.47 29.45
C GLY D 33 -11.75 52.38 30.26
N GLY D 34 -12.60 51.43 29.90
CA GLY D 34 -13.88 51.29 30.58
C GLY D 34 -14.78 52.50 30.46
N PHE D 35 -14.63 53.29 29.40
CA PHE D 35 -15.39 54.53 29.29
C PHE D 35 -16.88 54.26 29.14
N LYS D 36 -17.68 54.99 29.90
CA LYS D 36 -19.15 54.96 29.85
C LYS D 36 -19.64 56.28 29.27
N ALA D 37 -20.26 56.21 28.09
CA ALA D 37 -20.84 57.37 27.45
C ALA D 37 -22.26 57.60 27.98
N PRO D 38 -22.81 58.82 27.81
CA PRO D 38 -24.21 59.04 28.19
C PRO D 38 -25.12 58.08 27.44
N ARG D 39 -26.23 57.74 28.08
CA ARG D 39 -27.16 56.78 27.52
C ARG D 39 -27.87 57.36 26.30
N LEU D 40 -28.11 56.50 25.31
CA LEU D 40 -28.85 56.88 24.11
C LEU D 40 -30.10 56.02 24.01
N GLY D 41 -31.23 56.54 24.50
CA GLY D 41 -32.49 55.81 24.38
C GLY D 41 -32.89 55.57 22.95
N ARG D 42 -32.49 56.46 22.04
CA ARG D 42 -32.54 56.22 20.61
C ARG D 42 -31.21 56.67 20.03
N ILE D 43 -30.69 55.91 19.08
CA ILE D 43 -29.37 56.13 18.51
C ILE D 43 -29.56 56.64 17.11
N ARG D 44 -29.08 57.86 16.85
CA ARG D 44 -29.07 58.45 15.51
C ARG D 44 -27.77 58.02 14.85
N LEU D 45 -27.88 57.06 13.92
CA LEU D 45 -26.74 56.35 13.37
C LEU D 45 -26.54 56.71 11.90
N ALA D 46 -25.29 56.91 11.50
CA ALA D 46 -24.95 57.18 10.10
C ALA D 46 -23.90 56.19 9.63
N PHE D 47 -23.93 55.88 8.33
CA PHE D 47 -22.99 54.94 7.73
C PHE D 47 -22.08 55.69 6.74
N ILE D 48 -20.79 55.41 6.82
CA ILE D 48 -19.80 55.96 5.90
C ILE D 48 -19.14 54.77 5.22
N GLY D 49 -19.39 54.63 3.93
CA GLY D 49 -18.93 53.47 3.19
C GLY D 49 -19.96 52.37 3.26
N VAL D 50 -20.70 52.17 2.17
CA VAL D 50 -21.70 51.11 2.13
C VAL D 50 -21.43 50.21 0.93
N GLY D 51 -20.25 49.60 0.90
CA GLY D 51 -19.95 48.57 -0.07
C GLY D 51 -20.44 47.25 0.48
N GLY D 52 -19.69 46.17 0.26
CA GLY D 52 -20.11 44.87 0.77
C GLY D 52 -20.34 44.88 2.28
N ARG D 53 -19.34 45.35 3.03
CA ARG D 53 -19.43 45.27 4.49
C ARG D 53 -20.40 46.30 5.06
N GLY D 54 -20.29 47.56 4.62
CA GLY D 54 -21.18 48.59 5.13
C GLY D 54 -22.65 48.28 4.88
N PHE D 55 -22.97 47.78 3.69
CA PHE D 55 -24.36 47.42 3.43
C PHE D 55 -24.80 46.25 4.29
N SER D 56 -23.89 45.34 4.63
CA SER D 56 -24.22 44.24 5.53
C SER D 56 -24.59 44.76 6.92
N HIS D 57 -23.77 45.67 7.45
CA HIS D 57 -24.10 46.28 8.73
C HIS D 57 -25.44 47.02 8.64
N LEU D 58 -25.64 47.77 7.56
CA LEU D 58 -26.88 48.52 7.40
C LEU D 58 -28.09 47.60 7.39
N ALA D 59 -28.01 46.49 6.66
CA ALA D 59 -29.16 45.59 6.56
C ALA D 59 -29.51 44.99 7.93
N GLN D 60 -28.50 44.66 8.74
CA GLN D 60 -28.76 44.09 10.04
C GLN D 60 -29.27 45.14 11.03
N MET D 61 -28.74 46.36 10.94
CA MET D 61 -29.16 47.40 11.88
C MET D 61 -30.57 47.90 11.63
N CYS D 62 -31.21 47.49 10.52
CA CYS D 62 -32.58 47.90 10.25
C CYS D 62 -33.58 47.24 11.20
N VAL D 63 -33.25 46.05 11.72
CA VAL D 63 -34.18 45.29 12.54
C VAL D 63 -33.88 45.52 14.02
N MET D 64 -33.03 46.49 14.33
CA MET D 64 -32.69 46.79 15.70
C MET D 64 -33.61 47.86 16.27
N ASP D 65 -34.04 47.66 17.51
CA ASP D 65 -34.85 48.64 18.22
C ASP D 65 -33.97 49.77 18.77
N GLY D 66 -34.57 50.96 18.85
CA GLY D 66 -33.86 52.11 19.38
C GLY D 66 -32.78 52.68 18.50
N VAL D 67 -32.84 52.41 17.19
CA VAL D 67 -31.84 52.87 16.24
C VAL D 67 -32.55 53.61 15.12
N GLU D 68 -32.04 54.78 14.76
CA GLU D 68 -32.51 55.55 13.62
C GLU D 68 -31.33 55.80 12.70
N ILE D 69 -31.39 55.27 11.47
CA ILE D 69 -30.33 55.45 10.49
C ILE D 69 -30.61 56.78 9.78
N VAL D 70 -29.85 57.82 10.12
CA VAL D 70 -30.17 59.17 9.63
C VAL D 70 -29.43 59.56 8.36
N GLY D 71 -28.29 58.94 8.07
CA GLY D 71 -27.50 59.33 6.92
C GLY D 71 -26.69 58.19 6.38
N ILE D 72 -26.43 58.24 5.07
CA ILE D 72 -25.64 57.22 4.39
C ILE D 72 -24.72 57.91 3.40
N CYS D 73 -23.43 57.58 3.44
CA CYS D 73 -22.45 58.21 2.59
C CYS D 73 -21.57 57.16 1.94
N ASP D 74 -21.36 57.29 0.63
CA ASP D 74 -20.47 56.43 -0.13
C ASP D 74 -19.98 57.21 -1.34
N LEU D 75 -18.80 56.82 -1.85
CA LEU D 75 -18.29 57.45 -3.05
C LEU D 75 -19.24 57.25 -4.22
N LYS D 76 -19.81 56.06 -4.34
CA LYS D 76 -20.65 55.69 -5.49
C LYS D 76 -22.10 56.06 -5.21
N GLU D 77 -22.69 56.81 -6.15
CA GLU D 77 -24.07 57.26 -6.00
C GLU D 77 -25.04 56.08 -5.92
N GLU D 78 -24.78 55.02 -6.70
CA GLU D 78 -25.71 53.89 -6.70
C GLU D 78 -25.61 53.08 -5.42
N LEU D 79 -24.46 53.09 -4.74
CA LEU D 79 -24.37 52.38 -3.47
C LEU D 79 -25.07 53.14 -2.36
N THR D 80 -24.97 54.47 -2.36
CA THR D 80 -25.75 55.27 -1.43
C THR D 80 -27.24 55.02 -1.60
N LYS D 81 -27.70 54.98 -2.86
CA LYS D 81 -29.11 54.75 -3.12
C LYS D 81 -29.54 53.36 -2.65
N ARG D 82 -28.69 52.34 -2.87
CA ARG D 82 -29.01 51.01 -2.38
C ARG D 82 -29.20 50.99 -0.87
N GLY D 83 -28.31 51.68 -0.15
CA GLY D 83 -28.48 51.78 1.29
C GLY D 83 -29.71 52.56 1.71
N VAL D 84 -29.95 53.69 1.06
CA VAL D 84 -31.12 54.52 1.40
C VAL D 84 -32.41 53.76 1.15
N ASP D 85 -32.51 53.10 -0.01
CA ASP D 85 -33.73 52.33 -0.30
C ASP D 85 -33.91 51.18 0.68
N ARG D 86 -32.81 50.52 1.06
CA ARG D 86 -32.93 49.41 2.00
C ARG D 86 -33.49 49.88 3.35
N VAL D 87 -32.99 51.01 3.85
CA VAL D 87 -33.50 51.53 5.13
C VAL D 87 -34.96 51.93 4.98
N LEU D 88 -35.29 52.59 3.87
CA LEU D 88 -36.68 52.98 3.64
C LEU D 88 -37.59 51.76 3.54
N SER D 89 -37.13 50.71 2.83
CA SER D 89 -37.95 49.52 2.65
C SER D 89 -38.13 48.73 3.94
N ARG D 90 -37.21 48.85 4.89
CA ARG D 90 -37.27 48.08 6.13
C ARG D 90 -37.72 48.89 7.34
N MET D 91 -37.42 50.20 7.37
CA MET D 91 -37.71 51.02 8.54
C MET D 91 -38.75 52.10 8.28
N GLY D 92 -39.09 52.37 7.03
CA GLY D 92 -40.14 53.32 6.71
C GLY D 92 -39.75 54.78 6.73
N LYS D 93 -38.47 55.12 6.90
CA LYS D 93 -38.02 56.50 6.87
C LYS D 93 -36.70 56.55 6.13
N SER D 94 -36.60 57.48 5.17
CA SER D 94 -35.42 57.53 4.34
C SER D 94 -34.31 58.31 5.03
N PRO D 95 -33.10 57.75 5.13
CA PRO D 95 -31.95 58.54 5.55
C PRO D 95 -31.53 59.49 4.44
N LEU D 96 -30.75 60.50 4.82
CA LEU D 96 -30.20 61.40 3.83
C LEU D 96 -29.00 60.75 3.15
N GLY D 97 -28.92 60.93 1.84
CA GLY D 97 -27.89 60.29 1.02
C GLY D 97 -26.83 61.29 0.61
N TYR D 98 -25.57 60.84 0.61
CA TYR D 98 -24.42 61.66 0.28
C TYR D 98 -23.49 60.85 -0.62
N SER D 99 -23.03 61.47 -1.70
CA SER D 99 -22.16 60.78 -2.65
C SER D 99 -21.19 61.79 -3.26
N GLY D 100 -20.16 61.26 -3.92
CA GLY D 100 -19.26 62.11 -4.67
C GLY D 100 -17.84 61.97 -4.16
N GLY D 101 -17.24 63.11 -3.82
CA GLY D 101 -15.86 63.12 -3.37
C GLY D 101 -15.65 62.43 -2.04
N ASP D 102 -14.39 62.18 -1.74
CA ASP D 102 -14.01 61.44 -0.54
C ASP D 102 -14.14 62.27 0.74
N MET D 103 -14.47 63.56 0.62
CA MET D 103 -14.72 64.42 1.78
C MET D 103 -16.20 64.73 1.97
N GLU D 104 -17.07 64.10 1.20
CA GLU D 104 -18.51 64.35 1.33
C GLU D 104 -19.05 63.88 2.67
N TYR D 105 -18.39 62.92 3.33
CA TYR D 105 -18.82 62.48 4.66
C TYR D 105 -18.76 63.61 5.68
N LEU D 106 -17.86 64.59 5.48
CA LEU D 106 -17.82 65.73 6.38
C LEU D 106 -19.10 66.53 6.33
N THR D 107 -19.66 66.71 5.14
CA THR D 107 -20.94 67.41 5.01
C THR D 107 -22.04 66.67 5.79
N MET D 108 -22.04 65.34 5.73
CA MET D 108 -23.03 64.57 6.47
C MET D 108 -22.84 64.74 7.97
N LEU D 109 -21.59 64.65 8.44
CA LEU D 109 -21.33 64.85 9.86
C LEU D 109 -21.82 66.21 10.33
N LYS D 110 -21.54 67.27 9.56
CA LYS D 110 -21.93 68.61 9.98
C LYS D 110 -23.45 68.78 9.93
N GLU D 111 -24.09 68.25 8.87
CA GLU D 111 -25.52 68.48 8.71
C GLU D 111 -26.34 67.62 9.67
N LEU D 112 -25.93 66.38 9.92
CA LEU D 112 -26.73 65.46 10.70
C LEU D 112 -26.31 65.34 12.16
N LYS D 113 -25.03 65.60 12.47
CA LYS D 113 -24.50 65.46 13.82
C LYS D 113 -24.97 64.14 14.46
N PRO D 114 -24.63 63.00 13.88
CA PRO D 114 -25.13 61.72 14.40
C PRO D 114 -24.50 61.39 15.75
N ASP D 115 -25.23 60.56 16.51
CA ASP D 115 -24.67 60.07 17.76
C ASP D 115 -23.53 59.10 17.52
N ALA D 116 -23.57 58.35 16.42
CA ALA D 116 -22.55 57.34 16.15
C ALA D 116 -22.48 57.10 14.65
N VAL D 117 -21.33 56.62 14.20
CA VAL D 117 -21.16 56.27 12.80
C VAL D 117 -20.54 54.88 12.71
N ILE D 118 -20.89 54.18 11.65
CA ILE D 118 -20.27 52.90 11.30
C ILE D 118 -19.47 53.13 10.02
N ILE D 119 -18.16 52.93 10.11
CA ILE D 119 -17.22 53.25 9.03
C ILE D 119 -16.71 51.94 8.43
N SER D 120 -17.09 51.68 7.18
CA SER D 120 -16.73 50.48 6.44
C SER D 120 -16.10 50.85 5.11
N THR D 121 -15.18 51.81 5.12
CA THR D 121 -14.48 52.21 3.91
C THR D 121 -13.22 51.36 3.75
N ASP D 122 -12.40 51.67 2.74
CA ASP D 122 -11.13 50.98 2.61
C ASP D 122 -10.19 51.42 3.73
N TRP D 123 -9.13 50.62 3.93
CA TRP D 123 -8.23 50.81 5.06
C TRP D 123 -7.65 52.23 5.11
N SER D 124 -7.37 52.82 3.95
CA SER D 124 -6.61 54.07 3.91
C SER D 124 -7.35 55.21 4.57
N SER D 125 -8.69 55.15 4.62
CA SER D 125 -9.50 56.24 5.11
C SER D 125 -10.13 55.96 6.48
N HIS D 126 -9.84 54.82 7.10
CA HIS D 126 -10.44 54.50 8.41
C HIS D 126 -10.15 55.59 9.43
N ALA D 127 -8.86 55.93 9.59
CA ALA D 127 -8.44 56.81 10.69
C ALA D 127 -8.94 58.23 10.50
N ARG D 128 -8.78 58.78 9.28
CA ARG D 128 -9.19 60.17 9.04
C ARG D 128 -10.68 60.33 9.30
N ILE D 129 -11.49 59.40 8.75
CA ILE D 129 -12.93 59.49 8.88
C ILE D 129 -13.35 59.31 10.33
N ALA D 130 -12.71 58.38 11.04
CA ALA D 130 -13.07 58.16 12.44
C ALA D 130 -12.69 59.36 13.30
N CYS D 131 -11.52 59.96 13.05
CA CYS D 131 -11.12 61.15 13.80
C CYS D 131 -12.08 62.30 13.52
N ASP D 132 -12.42 62.53 12.24
CA ASP D 132 -13.38 63.57 11.92
C ASP D 132 -14.73 63.29 12.56
N SER D 133 -15.16 62.03 12.59
CA SER D 133 -16.44 61.70 13.18
C SER D 133 -16.47 62.06 14.67
N MET D 134 -15.44 61.65 15.42
CA MET D 134 -15.39 61.97 16.84
C MET D 134 -15.33 63.48 17.07
N LYS D 135 -14.56 64.20 16.25
CA LYS D 135 -14.48 65.65 16.42
C LYS D 135 -15.80 66.33 16.12
N HIS D 136 -16.68 65.69 15.35
CA HIS D 136 -18.03 66.19 15.14
C HIS D 136 -19.05 65.61 16.10
N GLY D 137 -18.59 64.95 17.18
CA GLY D 137 -19.48 64.54 18.25
C GLY D 137 -20.07 63.15 18.12
N ALA D 138 -19.53 62.30 17.26
CA ALA D 138 -20.09 60.99 17.03
C ALA D 138 -19.14 59.91 17.54
N HIS D 139 -19.70 58.88 18.18
CA HIS D 139 -18.94 57.68 18.44
C HIS D 139 -18.57 57.03 17.12
N ALA D 140 -17.36 56.49 17.03
CA ALA D 140 -16.83 55.97 15.78
C ALA D 140 -16.62 54.46 15.92
N PHE D 141 -17.33 53.69 15.10
CA PHE D 141 -17.17 52.25 15.02
C PHE D 141 -16.59 51.93 13.65
N VAL D 142 -15.41 51.32 13.63
CA VAL D 142 -14.56 51.28 12.46
C VAL D 142 -14.28 49.83 12.07
N GLU D 143 -14.34 49.55 10.78
CA GLU D 143 -14.02 48.20 10.33
C GLU D 143 -12.52 47.95 10.47
N VAL D 144 -12.15 46.68 10.31
CA VAL D 144 -10.79 46.19 10.52
C VAL D 144 -9.96 46.42 9.25
N PRO D 145 -8.64 46.66 9.37
CA PRO D 145 -8.01 46.99 10.65
C PRO D 145 -8.28 48.45 11.02
N LEU D 146 -8.07 48.82 12.29
CA LEU D 146 -8.48 50.14 12.76
C LEU D 146 -7.80 51.25 11.94
N ALA D 147 -6.52 51.10 11.64
CA ALA D 147 -5.78 52.02 10.78
C ALA D 147 -4.56 51.28 10.25
N VAL D 148 -3.73 52.00 9.49
CA VAL D 148 -2.62 51.40 8.77
C VAL D 148 -1.28 51.70 9.42
N SER D 149 -1.06 52.95 9.84
CA SER D 149 0.23 53.38 10.38
C SER D 149 0.12 53.62 11.89
N LEU D 150 1.28 53.62 12.55
CA LEU D 150 1.30 53.91 13.99
C LEU D 150 0.83 55.32 14.28
N GLU D 151 1.16 56.29 13.41
CA GLU D 151 0.68 57.64 13.62
C GLU D 151 -0.84 57.71 13.52
N GLU D 152 -1.41 56.98 12.56
CA GLU D 152 -2.87 56.93 12.45
C GLU D 152 -3.51 56.32 13.70
N LEU D 153 -2.91 55.26 14.23
CA LEU D 153 -3.47 54.64 15.43
C LEU D 153 -3.38 55.57 16.62
N TRP D 154 -2.26 56.29 16.76
CA TRP D 154 -2.14 57.26 17.84
C TRP D 154 -3.16 58.38 17.70
N SER D 155 -3.41 58.83 16.46
CA SER D 155 -4.37 59.91 16.26
C SER D 155 -5.78 59.51 16.71
N LEU D 156 -6.13 58.24 16.50
CA LEU D 156 -7.41 57.75 16.97
C LEU D 156 -7.47 57.68 18.49
N VAL D 157 -6.39 57.20 19.12
CA VAL D 157 -6.34 57.15 20.58
C VAL D 157 -6.44 58.55 21.16
N ASP D 158 -5.61 59.48 20.66
CA ASP D 158 -5.57 60.82 21.20
C ASP D 158 -6.88 61.57 20.94
N THR D 159 -7.50 61.37 19.78
CA THR D 159 -8.76 62.03 19.49
C THR D 159 -9.86 61.50 20.40
N SER D 160 -9.90 60.18 20.62
CA SER D 160 -10.89 59.62 21.54
C SER D 160 -10.70 60.18 22.94
N GLU D 161 -9.45 60.27 23.40
CA GLU D 161 -9.19 60.81 24.73
C GLU D 161 -9.51 62.29 24.82
N ALA D 162 -9.36 63.04 23.73
CA ALA D 162 -9.63 64.47 23.76
C ALA D 162 -11.11 64.77 23.60
N THR D 163 -11.83 63.97 22.79
CA THR D 163 -13.24 64.21 22.54
C THR D 163 -14.16 63.47 23.50
N ARG D 164 -13.64 62.46 24.21
CA ARG D 164 -14.43 61.60 25.09
C ARG D 164 -15.58 60.93 24.34
N LYS D 165 -15.29 60.47 23.12
CA LYS D 165 -16.22 59.69 22.31
C LYS D 165 -15.65 58.30 22.13
N HIS D 166 -16.52 57.29 22.12
CA HIS D 166 -16.09 55.92 21.86
C HIS D 166 -15.38 55.82 20.52
N CYS D 167 -14.32 55.02 20.48
CA CYS D 167 -13.73 54.56 19.23
C CYS D 167 -13.51 53.06 19.37
N MET D 168 -14.22 52.28 18.56
CA MET D 168 -14.14 50.84 18.66
C MET D 168 -13.92 50.24 17.27
N MET D 169 -12.89 49.43 17.14
CA MET D 169 -12.74 48.60 15.95
C MET D 169 -13.73 47.45 16.02
N MET D 170 -14.45 47.22 14.92
N MET D 170 -14.43 47.19 14.91
CA MET D 170 -15.51 46.22 14.90
CA MET D 170 -15.51 46.22 14.90
C MET D 170 -14.92 44.85 14.56
C MET D 170 -14.96 44.83 14.58
N GLU D 171 -14.22 44.29 15.54
CA GLU D 171 -13.69 42.93 15.43
C GLU D 171 -14.83 41.96 15.74
N ASN D 172 -15.43 41.42 14.68
CA ASN D 172 -16.60 40.56 14.82
C ASN D 172 -16.25 39.14 15.27
N VAL D 173 -15.01 38.70 15.07
CA VAL D 173 -14.65 37.31 15.36
C VAL D 173 -14.76 37.01 16.85
N ASN D 174 -14.50 38.01 17.71
CA ASN D 174 -14.65 37.83 19.15
C ASN D 174 -16.05 37.43 19.56
N TYR D 175 -17.03 37.56 18.68
CA TYR D 175 -18.41 37.23 19.03
C TYR D 175 -18.89 35.93 18.38
N GLY D 176 -17.97 35.15 17.82
CA GLY D 176 -18.35 33.82 17.37
C GLY D 176 -18.68 32.93 18.53
N ARG D 177 -19.49 31.91 18.24
CA ARG D 177 -19.90 30.98 19.29
C ARG D 177 -18.70 30.32 19.94
N ASP D 178 -17.76 29.84 19.12
CA ASP D 178 -16.57 29.17 19.65
C ASP D 178 -15.64 30.14 20.35
N GLU D 179 -15.45 31.34 19.80
CA GLU D 179 -14.58 32.33 20.42
C GLU D 179 -15.16 32.78 21.76
N LEU D 180 -16.48 32.97 21.84
CA LEU D 180 -17.09 33.32 23.11
C LEU D 180 -17.00 32.17 24.10
N MET D 181 -17.18 30.94 23.62
CA MET D 181 -17.07 29.79 24.50
C MET D 181 -15.64 29.65 25.03
N PHE D 182 -14.64 29.81 24.17
CA PHE D 182 -13.26 29.72 24.62
C PHE D 182 -12.96 30.80 25.65
N LEU D 183 -13.49 32.01 25.45
CA LEU D 183 -13.35 33.06 26.44
C LEU D 183 -13.92 32.63 27.79
N ASN D 184 -15.14 32.08 27.76
CA ASN D 184 -15.80 31.62 28.97
C ASN D 184 -14.99 30.51 29.65
N MET D 185 -14.47 29.56 28.86
CA MET D 185 -13.68 28.48 29.43
C MET D 185 -12.39 29.01 30.04
N VAL D 186 -11.74 29.96 29.37
CA VAL D 186 -10.51 30.52 29.90
C VAL D 186 -10.76 31.26 31.21
N ARG D 187 -11.82 32.06 31.26
CA ARG D 187 -12.14 32.82 32.47
C ARG D 187 -12.42 31.88 33.65
N GLN D 188 -12.95 30.69 33.38
CA GLN D 188 -13.22 29.71 34.43
C GLN D 188 -12.01 28.86 34.81
N GLY D 189 -10.84 29.11 34.21
CA GLY D 189 -9.64 28.37 34.55
C GLY D 189 -9.57 26.96 34.02
N VAL D 190 -10.32 26.66 32.96
CA VAL D 190 -10.46 25.28 32.50
C VAL D 190 -9.14 24.73 31.96
N ILE D 191 -8.30 25.59 31.39
CA ILE D 191 -7.04 25.12 30.82
C ILE D 191 -5.83 25.59 31.64
N GLY D 192 -6.04 26.00 32.89
CA GLY D 192 -4.92 26.35 33.76
C GLY D 192 -4.30 27.69 33.40
N ASP D 193 -3.03 27.84 33.74
CA ASP D 193 -2.31 29.08 33.48
C ASP D 193 -1.99 29.20 31.99
N LEU D 194 -2.28 30.36 31.41
CA LEU D 194 -2.08 30.53 29.97
C LEU D 194 -0.60 30.57 29.61
N LEU D 195 -0.27 29.93 28.50
CA LEU D 195 1.09 29.84 28.01
C LEU D 195 1.27 30.46 26.64
N HIS D 196 0.33 30.22 25.73
CA HIS D 196 0.63 30.35 24.32
C HIS D 196 -0.68 30.45 23.55
N GLY D 197 -0.66 31.22 22.47
CA GLY D 197 -1.81 31.34 21.59
C GLY D 197 -1.36 31.42 20.14
N GLU D 198 -2.29 31.06 19.25
CA GLU D 198 -2.02 31.06 17.81
C GLU D 198 -3.17 31.73 17.09
N ALA D 199 -2.85 32.75 16.31
CA ALA D 199 -3.82 33.56 15.60
C ALA D 199 -3.47 33.56 14.12
N ALA D 200 -4.49 33.58 13.28
CA ALA D 200 -4.22 33.59 11.85
C ALA D 200 -5.35 34.24 11.10
N TYR D 201 -5.05 34.67 9.88
CA TYR D 201 -6.06 34.96 8.87
C TYR D 201 -5.56 34.28 7.59
N ILE D 202 -6.06 33.08 7.34
CA ILE D 202 -5.75 32.30 6.15
C ILE D 202 -7.02 32.27 5.30
N HIS D 203 -6.98 32.94 4.15
CA HIS D 203 -8.17 33.08 3.32
C HIS D 203 -7.72 33.47 1.92
N CYS D 204 -7.94 32.61 0.94
CA CYS D 204 -7.43 32.85 -0.40
C CYS D 204 -8.23 33.97 -1.07
N LEU D 205 -7.62 35.14 -1.19
CA LEU D 205 -8.26 36.29 -1.81
C LEU D 205 -7.57 36.68 -3.13
N VAL D 206 -6.85 35.73 -3.74
CA VAL D 206 -6.04 36.06 -4.91
C VAL D 206 -6.92 36.49 -6.08
N THR D 207 -8.18 36.04 -6.14
CA THR D 207 -9.03 36.45 -7.25
C THR D 207 -9.44 37.92 -7.19
N GLN D 208 -9.14 38.63 -6.11
CA GLN D 208 -9.37 40.08 -6.09
C GLN D 208 -8.53 40.81 -7.12
N LEU D 209 -7.44 40.19 -7.59
CA LEU D 209 -6.61 40.83 -8.61
C LEU D 209 -7.39 41.08 -9.89
N GLY D 210 -8.42 40.28 -10.18
CA GLY D 210 -9.28 40.45 -11.32
C GLY D 210 -10.55 41.23 -11.07
N ASP D 211 -10.71 41.81 -9.88
CA ASP D 211 -11.90 42.55 -9.49
C ASP D 211 -11.61 44.05 -9.48
N THR D 212 -12.46 44.82 -10.13
CA THR D 212 -12.34 46.27 -10.11
C THR D 212 -13.39 46.93 -9.23
N ARG D 213 -14.47 46.23 -8.88
CA ARG D 213 -15.61 46.86 -8.24
C ARG D 213 -15.52 46.83 -6.71
N GLY D 214 -15.29 45.65 -6.15
CA GLY D 214 -15.27 45.47 -4.71
C GLY D 214 -13.93 45.79 -4.08
N GLU D 215 -13.48 44.90 -3.19
CA GLU D 215 -12.20 45.08 -2.52
C GLU D 215 -11.03 45.04 -3.50
N GLY D 216 -11.23 44.48 -4.69
CA GLY D 216 -10.18 44.48 -5.69
C GLY D 216 -9.73 45.88 -6.06
N ALA D 217 -10.61 46.87 -5.92
CA ALA D 217 -10.27 48.25 -6.26
C ALA D 217 -9.12 48.78 -5.40
N TRP D 218 -8.97 48.31 -4.17
CA TRP D 218 -7.99 48.92 -3.27
C TRP D 218 -7.11 47.94 -2.49
N ARG D 219 -7.60 46.73 -2.22
CA ARG D 219 -6.86 45.84 -1.32
C ARG D 219 -5.60 45.26 -1.95
N PRO D 220 -5.62 44.71 -3.18
CA PRO D 220 -4.37 44.16 -3.72
C PRO D 220 -3.25 45.17 -3.79
N GLU D 221 -3.57 46.46 -3.91
CA GLU D 221 -2.52 47.48 -4.00
C GLU D 221 -1.61 47.48 -2.78
N TYR D 222 -2.15 47.14 -1.60
CA TYR D 222 -1.34 47.08 -0.38
C TYR D 222 -0.23 46.03 -0.48
N HIS D 223 -0.48 44.93 -1.19
CA HIS D 223 0.54 43.90 -1.35
C HIS D 223 1.72 44.39 -2.19
N THR D 224 1.55 45.48 -2.94
CA THR D 224 2.64 46.05 -3.71
C THR D 224 3.45 47.09 -2.94
N ARG D 225 3.00 47.46 -1.74
CA ARG D 225 3.61 48.55 -0.99
C ARG D 225 4.12 48.16 0.39
N ILE D 226 3.52 47.16 1.03
CA ILE D 226 3.87 46.80 2.40
C ILE D 226 4.13 45.30 2.46
N ASN D 227 5.28 44.91 3.01
CA ASN D 227 5.56 43.51 3.32
C ASN D 227 5.39 43.33 4.83
N GLY D 228 4.24 42.80 5.23
CA GLY D 228 3.92 42.63 6.63
C GLY D 228 2.54 42.03 6.77
N ASN D 229 2.07 41.96 8.01
CA ASN D 229 0.73 41.42 8.28
C ASN D 229 -0.31 42.51 8.04
N LEU D 230 -0.87 42.50 6.82
CA LEU D 230 -1.88 43.47 6.41
C LEU D 230 -3.21 43.30 7.14
N TYR D 231 -3.48 42.11 7.69
CA TYR D 231 -4.81 41.78 8.23
C TYR D 231 -4.64 40.92 9.48
N PRO D 232 -4.20 41.52 10.59
CA PRO D 232 -3.82 40.73 11.77
C PRO D 232 -4.88 40.58 12.86
N THR D 233 -6.06 41.19 12.73
CA THR D 233 -6.95 41.33 13.89
C THR D 233 -7.90 40.15 14.09
N HIS D 234 -8.32 39.48 13.01
CA HIS D 234 -9.39 38.48 13.12
C HIS D 234 -9.02 37.33 14.04
N GLY D 235 -7.84 36.76 13.84
CA GLY D 235 -7.40 35.68 14.72
C GLY D 235 -6.89 36.18 16.06
N LEU D 236 -6.34 37.39 16.10
CA LEU D 236 -5.66 37.87 17.28
C LEU D 236 -6.63 38.37 18.34
N GLY D 237 -7.70 39.04 17.93
CA GLY D 237 -8.68 39.61 18.84
C GLY D 237 -9.12 38.68 19.96
N PRO D 238 -9.65 37.50 19.62
CA PRO D 238 -10.08 36.58 20.67
C PRO D 238 -8.94 36.16 21.59
N VAL D 239 -7.77 35.83 21.03
CA VAL D 239 -6.64 35.39 21.84
C VAL D 239 -6.20 36.50 22.78
N ALA D 240 -6.20 37.75 22.29
CA ALA D 240 -5.80 38.87 23.13
C ALA D 240 -6.72 39.02 24.33
N GLN D 241 -8.02 38.82 24.12
CA GLN D 241 -8.94 38.97 25.23
C GLN D 241 -8.95 37.74 26.14
N TYR D 242 -8.64 36.54 25.61
CA TYR D 242 -8.37 35.41 26.50
C TYR D 242 -7.27 35.74 27.49
N MET D 243 -6.20 36.37 27.01
CA MET D 243 -5.03 36.72 27.82
C MET D 243 -5.16 38.05 28.54
N ASN D 244 -6.32 38.73 28.42
CA ASN D 244 -6.55 40.02 29.07
C ASN D 244 -5.47 41.04 28.71
N LEU D 245 -5.01 41.00 27.47
CA LEU D 245 -3.99 41.95 27.03
C LEU D 245 -4.53 43.36 27.05
N GLU D 246 -3.73 44.30 27.55
CA GLU D 246 -4.01 45.73 27.66
C GLU D 246 -5.03 46.05 28.75
N ARG D 247 -5.53 45.05 29.49
CA ARG D 247 -6.58 45.27 30.48
C ARG D 247 -6.19 44.58 31.80
N GLY D 248 -5.29 45.23 32.54
CA GLY D 248 -4.90 44.81 33.88
C GLY D 248 -3.89 43.69 34.01
N GLU D 249 -4.13 42.57 33.33
CA GLU D 249 -3.36 41.37 33.61
C GLU D 249 -2.03 41.34 32.86
N ASP D 250 -2.00 41.86 31.64
CA ASP D 250 -0.91 41.63 30.71
C ASP D 250 -1.01 42.68 29.61
N ARG D 251 0.02 42.72 28.76
CA ARG D 251 0.02 43.63 27.60
C ARG D 251 0.92 43.07 26.51
N PHE D 252 0.69 43.51 25.28
CA PHE D 252 1.61 43.22 24.19
C PHE D 252 2.95 43.88 24.51
N CYS D 253 4.04 43.12 24.37
CA CYS D 253 5.36 43.64 24.70
C CYS D 253 6.24 43.83 23.45
N ARG D 254 6.51 42.77 22.69
CA ARG D 254 7.31 42.91 21.49
C ARG D 254 6.89 41.85 20.47
N VAL D 255 7.31 42.06 19.22
CA VAL D 255 6.98 41.14 18.14
C VAL D 255 8.15 41.10 17.17
N ALA D 256 8.47 39.90 16.68
CA ALA D 256 9.41 39.72 15.58
C ALA D 256 8.66 39.08 14.43
N ALA D 257 8.91 39.56 13.20
CA ALA D 257 8.09 39.19 12.06
C ALA D 257 8.94 38.64 10.92
N PHE D 258 8.32 37.78 10.12
CA PHE D 258 8.98 37.07 9.04
C PHE D 258 7.98 36.85 7.92
N ALA D 259 8.49 36.74 6.69
CA ALA D 259 7.62 36.59 5.53
C ALA D 259 8.25 35.62 4.54
N SER D 260 7.41 34.77 3.94
CA SER D 260 7.81 33.86 2.89
C SER D 260 8.10 34.65 1.62
N PRO D 261 8.53 34.02 0.53
CA PRO D 261 8.63 34.76 -0.74
C PRO D 261 7.28 35.28 -1.17
N ALA D 262 7.32 36.34 -1.99
CA ALA D 262 6.11 36.95 -2.56
C ALA D 262 5.97 36.43 -3.99
N LEU D 263 5.17 35.37 -4.15
CA LEU D 263 5.11 34.70 -5.44
C LEU D 263 3.70 34.56 -5.99
N GLY D 264 2.71 34.29 -5.14
CA GLY D 264 1.40 33.88 -5.65
C GLY D 264 0.75 34.93 -6.52
N ARG D 265 0.77 36.19 -6.09
CA ARG D 265 0.04 37.22 -6.81
C ARG D 265 0.76 37.62 -8.10
N ASN D 266 2.10 37.65 -8.09
CA ASN D 266 2.82 37.83 -9.35
C ASN D 266 2.46 36.74 -10.36
N ALA D 267 2.41 35.48 -9.90
CA ALA D 267 2.06 34.39 -10.82
C ALA D 267 0.62 34.51 -11.30
N TYR D 268 -0.30 34.89 -10.41
CA TYR D 268 -1.70 35.03 -10.81
C TYR D 268 -1.87 36.13 -11.86
N ALA D 269 -1.19 37.27 -11.66
CA ALA D 269 -1.29 38.36 -12.63
C ALA D 269 -0.75 37.92 -13.98
N LYS D 270 0.40 37.26 -13.99
CA LYS D 270 0.99 36.81 -15.24
C LYS D 270 0.10 35.78 -15.92
N LYS D 271 -0.61 34.96 -15.15
CA LYS D 271 -1.40 33.89 -15.74
C LYS D 271 -2.76 34.37 -16.25
N HIS D 272 -3.41 35.29 -15.52
CA HIS D 272 -4.80 35.63 -15.79
C HIS D 272 -5.01 37.06 -16.28
N LEU D 273 -4.00 37.91 -16.26
CA LEU D 273 -4.23 39.30 -16.57
C LEU D 273 -3.41 39.74 -17.78
N PRO D 274 -3.87 40.75 -18.51
CA PRO D 274 -3.13 41.22 -19.69
C PRO D 274 -1.75 41.75 -19.33
N ALA D 275 -0.88 41.81 -20.34
CA ALA D 275 0.49 42.24 -20.12
C ALA D 275 0.55 43.70 -19.68
N ASP D 276 -0.39 44.52 -20.15
CA ASP D 276 -0.44 45.93 -19.78
C ASP D 276 -1.25 46.19 -18.52
N HIS D 277 -1.79 45.14 -17.87
CA HIS D 277 -2.55 45.33 -16.65
C HIS D 277 -1.67 45.88 -15.54
N ARG D 278 -2.29 46.60 -14.61
CA ARG D 278 -1.56 47.22 -13.51
C ARG D 278 -0.78 46.19 -12.70
N TRP D 279 -1.36 45.02 -12.46
CA TRP D 279 -0.70 44.03 -11.60
C TRP D 279 0.40 43.25 -12.31
N ASN D 280 0.54 43.39 -13.63
CA ASN D 280 1.67 42.82 -14.36
C ASN D 280 2.80 43.83 -14.56
N ASN D 281 2.62 45.07 -14.11
CA ASN D 281 3.65 46.09 -14.22
C ASN D 281 4.03 46.68 -12.87
N THR D 282 3.44 46.20 -11.79
CA THR D 282 3.81 46.57 -10.43
C THR D 282 4.04 45.28 -9.67
N PRO D 283 5.26 45.02 -9.18
CA PRO D 283 5.53 43.75 -8.50
C PRO D 283 4.87 43.70 -7.13
N PHE D 284 4.37 42.52 -6.77
CA PHE D 284 3.87 42.29 -5.42
C PHE D 284 5.03 41.91 -4.51
N ILE D 285 5.13 42.60 -3.38
CA ILE D 285 6.24 42.43 -2.46
C ILE D 285 5.84 41.81 -1.13
N CYS D 286 4.55 41.70 -0.83
CA CYS D 286 4.14 41.12 0.44
C CYS D 286 4.28 39.60 0.38
N GLY D 287 5.10 39.04 1.27
CA GLY D 287 5.25 37.61 1.34
C GLY D 287 3.92 36.90 1.45
N ASP D 288 3.74 35.82 0.67
CA ASP D 288 2.47 35.10 0.65
C ASP D 288 2.02 34.70 2.06
N MET D 289 2.92 34.11 2.84
CA MET D 289 2.66 33.76 4.24
C MET D 289 3.52 34.64 5.14
N ASN D 290 2.87 35.48 5.93
CA ASN D 290 3.52 36.28 6.95
C ASN D 290 3.41 35.54 8.29
N THR D 291 4.53 35.41 8.99
CA THR D 291 4.58 34.74 10.28
C THR D 291 5.27 35.66 11.28
N ALA D 292 4.64 35.87 12.44
CA ALA D 292 5.24 36.70 13.48
C ALA D 292 5.00 36.05 14.83
N VAL D 293 5.87 36.36 15.79
CA VAL D 293 5.73 35.85 17.15
C VAL D 293 5.70 37.05 18.09
N VAL D 294 4.62 37.14 18.85
CA VAL D 294 4.45 38.18 19.87
C VAL D 294 4.87 37.62 21.22
N LYS D 295 5.57 38.42 22.00
CA LYS D 295 5.79 38.14 23.42
C LYS D 295 4.97 39.13 24.24
N THR D 296 4.25 38.62 25.24
CA THR D 296 3.53 39.49 26.15
C THR D 296 4.40 39.79 27.37
N GLN D 297 3.94 40.73 28.19
CA GLN D 297 4.72 41.14 29.36
C GLN D 297 4.83 39.99 30.37
N LEU D 298 3.78 39.19 30.52
CA LEU D 298 3.83 38.02 31.38
C LEU D 298 4.65 36.89 30.77
N GLY D 299 5.13 37.05 29.54
CA GLY D 299 5.97 36.06 28.91
C GLY D 299 5.23 35.08 28.02
N ARG D 300 3.94 35.27 27.78
CA ARG D 300 3.22 34.40 26.86
C ARG D 300 3.64 34.68 25.43
N THR D 301 3.50 33.67 24.57
CA THR D 301 3.80 33.80 23.15
C THR D 301 2.51 33.74 22.36
N ILE D 302 2.43 34.53 21.29
CA ILE D 302 1.32 34.49 20.34
C ILE D 302 1.89 34.37 18.94
N LEU D 303 1.59 33.26 18.29
CA LEU D 303 1.87 33.10 16.86
C LEU D 303 0.81 33.82 16.06
N VAL D 304 1.23 34.69 15.13
CA VAL D 304 0.29 35.44 14.29
C VAL D 304 0.68 35.24 12.84
N GLN D 305 -0.26 34.77 12.02
CA GLN D 305 0.04 34.46 10.63
C GLN D 305 -0.99 35.07 9.70
N LEU D 306 -0.53 35.47 8.51
CA LEU D 306 -1.40 36.00 7.47
C LEU D 306 -1.02 35.39 6.13
N ASP D 307 -2.02 34.81 5.46
CA ASP D 307 -1.85 34.41 4.07
C ASP D 307 -3.20 34.59 3.39
N GLU D 308 -3.33 35.66 2.62
CA GLU D 308 -4.55 35.88 1.86
C GLU D 308 -4.33 35.63 0.37
N THR D 309 -3.37 34.78 0.05
CA THR D 309 -3.00 34.49 -1.33
C THR D 309 -3.03 33.01 -1.67
N SER D 310 -2.38 32.19 -0.84
CA SER D 310 -2.15 30.80 -1.18
C SER D 310 -3.46 30.01 -1.21
N PRO D 311 -3.54 28.99 -2.07
CA PRO D 311 -4.76 28.16 -2.13
C PRO D 311 -4.78 27.07 -1.06
N ARG D 312 -5.53 27.31 0.00
CA ARG D 312 -5.69 26.36 1.10
C ARG D 312 -6.93 26.76 1.89
N PRO D 313 -7.44 25.88 2.75
CA PRO D 313 -8.72 26.18 3.43
C PRO D 313 -8.64 27.39 4.35
N TYR D 314 -9.79 28.02 4.54
CA TYR D 314 -9.90 29.16 5.44
C TYR D 314 -9.59 28.74 6.87
N SER D 315 -8.91 29.61 7.61
CA SER D 315 -8.60 29.36 9.00
C SER D 315 -8.26 30.66 9.71
N ARG D 316 -8.63 30.72 10.99
CA ARG D 316 -8.18 31.78 11.88
C ARG D 316 -7.34 31.22 13.03
N ALA D 317 -7.05 29.91 13.02
CA ALA D 317 -6.28 29.20 14.05
C ALA D 317 -7.03 29.15 15.37
N ASN D 318 -7.22 30.30 16.02
CA ASN D 318 -7.94 30.42 17.29
C ASN D 318 -7.50 29.37 18.31
N LEU D 319 -6.19 29.26 18.51
CA LEU D 319 -5.63 28.33 19.48
C LEU D 319 -5.22 29.09 20.75
N ILE D 320 -5.67 28.60 21.90
CA ILE D 320 -5.23 29.12 23.20
C ILE D 320 -4.83 27.93 24.05
N GLN D 321 -3.63 27.98 24.61
CA GLN D 321 -3.03 26.84 25.28
C GLN D 321 -2.62 27.21 26.69
N GLY D 322 -2.97 26.34 27.65
CA GLY D 322 -2.58 26.53 29.03
C GLY D 322 -1.93 25.28 29.59
N THR D 323 -1.51 25.39 30.86
CA THR D 323 -0.83 24.28 31.50
C THR D 323 -1.73 23.06 31.71
N GLU D 324 -3.04 23.22 31.57
CA GLU D 324 -3.98 22.14 31.80
C GLU D 324 -4.83 21.77 30.59
N GLY D 325 -4.60 22.39 29.44
CA GLY D 325 -5.35 22.02 28.27
C GLY D 325 -5.15 23.01 27.14
N THR D 326 -5.72 22.65 25.99
CA THR D 326 -5.64 23.46 24.78
C THR D 326 -7.02 23.50 24.11
N LEU D 327 -7.43 24.70 23.70
CA LEU D 327 -8.63 24.93 22.89
C LEU D 327 -8.19 25.48 21.55
N ALA D 328 -8.79 25.00 20.46
CA ALA D 328 -8.39 25.48 19.14
C ALA D 328 -9.55 25.42 18.16
N GLY D 329 -9.42 26.20 17.09
CA GLY D 329 -10.42 26.23 16.05
C GLY D 329 -9.87 25.74 14.71
N PHE D 330 -10.79 25.56 13.77
CA PHE D 330 -10.50 25.20 12.39
C PHE D 330 -9.62 23.95 12.29
N PRO D 331 -10.11 22.78 12.73
CA PRO D 331 -11.48 22.58 13.25
C PRO D 331 -11.58 22.79 14.76
N THR D 332 -12.77 23.14 15.25
CA THR D 332 -12.97 23.31 16.68
C THR D 332 -12.63 22.02 17.42
N ARG D 333 -11.73 22.11 18.39
CA ARG D 333 -11.27 20.92 19.09
C ARG D 333 -10.73 21.34 20.45
N VAL D 334 -10.97 20.53 21.47
CA VAL D 334 -10.48 20.82 22.82
C VAL D 334 -9.89 19.55 23.43
N ALA D 335 -8.93 19.72 24.33
CA ALA D 335 -8.33 18.61 25.04
C ALA D 335 -7.70 19.14 26.32
N GLY D 336 -7.85 18.40 27.41
CA GLY D 336 -7.31 18.85 28.67
C GLY D 336 -7.75 17.97 29.80
N GLU D 337 -7.06 18.12 30.94
CA GLU D 337 -7.34 17.28 32.10
C GLU D 337 -8.78 17.44 32.60
N LYS D 338 -9.37 18.62 32.41
CA LYS D 338 -10.71 18.90 32.91
C LYS D 338 -11.79 18.70 31.85
N LEU D 339 -11.42 18.31 30.63
CA LEU D 339 -12.34 18.25 29.50
C LEU D 339 -12.66 16.80 29.16
N GLY D 340 -13.95 16.51 29.01
CA GLY D 340 -14.35 15.16 28.68
C GLY D 340 -13.87 14.20 29.74
N ASN D 341 -13.29 13.09 29.31
CA ASN D 341 -12.70 12.09 30.20
C ASN D 341 -11.29 12.45 30.66
N GLY D 342 -10.76 13.62 30.30
CA GLY D 342 -9.42 13.99 30.71
C GLY D 342 -8.31 13.36 29.91
N ASN D 343 -8.62 12.59 28.86
CA ASN D 343 -7.61 11.97 28.01
C ASN D 343 -7.14 13.02 27.01
N TYR D 344 -6.09 13.76 27.39
CA TYR D 344 -5.59 14.84 26.54
C TYR D 344 -4.92 14.35 25.27
N HIS D 345 -4.72 13.03 25.13
CA HIS D 345 -4.02 12.47 23.98
C HIS D 345 -4.82 12.55 22.68
N GLU D 346 -6.12 12.77 22.75
CA GLU D 346 -6.94 12.93 21.57
C GLU D 346 -7.79 14.17 21.69
N TRP D 347 -8.07 14.78 20.54
CA TRP D 347 -8.93 15.95 20.52
C TRP D 347 -10.38 15.54 20.73
N ILE D 348 -11.11 16.34 21.48
CA ILE D 348 -12.57 16.31 21.48
C ILE D 348 -13.00 17.20 20.34
N GLU D 349 -13.53 16.61 19.27
CA GLU D 349 -13.87 17.36 18.07
C GLU D 349 -15.06 16.71 17.38
N GLY D 350 -15.60 17.43 16.40
CA GLY D 350 -16.79 17.01 15.69
C GLY D 350 -18.06 17.45 16.39
N ARG D 351 -19.16 17.45 15.63
CA ARG D 351 -20.40 18.04 16.13
C ARG D 351 -20.92 17.28 17.35
N GLU D 352 -20.88 15.95 17.32
CA GLU D 352 -21.49 15.17 18.40
C GLU D 352 -20.67 15.26 19.69
N LYS D 353 -19.35 15.07 19.59
CA LYS D 353 -18.52 15.13 20.79
C LYS D 353 -18.45 16.54 21.37
N LEU D 354 -18.52 17.58 20.53
CA LEU D 354 -18.49 18.94 21.04
C LEU D 354 -19.82 19.36 21.68
N ALA D 355 -20.91 18.62 21.42
CA ALA D 355 -22.21 19.00 21.95
C ALA D 355 -22.19 19.12 23.46
N ALA D 356 -21.53 18.19 24.14
CA ALA D 356 -21.43 18.27 25.60
C ALA D 356 -20.57 19.45 26.03
N ILE D 357 -19.60 19.85 25.21
CA ILE D 357 -18.75 20.99 25.55
C ILE D 357 -19.54 22.29 25.45
N TYR D 358 -20.30 22.45 24.35
CA TYR D 358 -21.17 23.62 24.22
C TYR D 358 -22.19 23.68 25.33
N GLU D 359 -22.79 22.54 25.66
CA GLU D 359 -23.82 22.52 26.70
C GLU D 359 -23.27 23.06 28.02
N LYS D 360 -22.03 22.72 28.33
CA LYS D 360 -21.42 23.08 29.61
C LYS D 360 -20.79 24.47 29.60
N TYR D 361 -20.29 24.95 28.46
CA TYR D 361 -19.45 26.14 28.44
C TYR D 361 -19.91 27.22 27.45
N ASP D 362 -21.09 27.06 26.82
CA ASP D 362 -21.61 28.12 25.96
C ASP D 362 -21.62 29.45 26.69
N HIS D 363 -21.08 30.48 26.05
CA HIS D 363 -21.05 31.81 26.64
C HIS D 363 -22.48 32.32 26.84
N PRO D 364 -22.79 32.91 28.00
CA PRO D 364 -24.16 33.40 28.23
C PRO D 364 -24.64 34.38 27.18
N LEU D 365 -23.74 35.18 26.60
CA LEU D 365 -24.13 36.09 25.53
C LEU D 365 -24.65 35.31 24.33
N TRP D 366 -24.00 34.19 23.99
CA TRP D 366 -24.44 33.39 22.86
C TRP D 366 -25.79 32.72 23.15
N LYS D 367 -25.98 32.23 24.38
CA LYS D 367 -27.26 31.63 24.72
C LYS D 367 -28.39 32.66 24.67
N ARG D 368 -28.09 33.92 24.96
CA ARG D 368 -29.14 34.94 24.95
C ARG D 368 -29.48 35.40 23.54
N ILE D 369 -28.47 35.54 22.68
CA ILE D 369 -28.65 36.13 21.36
C ILE D 369 -28.38 35.15 20.22
N GLY D 370 -27.70 34.03 20.48
CA GLY D 370 -27.16 33.23 19.38
C GLY D 370 -28.19 32.64 18.46
N GLU D 371 -29.37 32.29 18.98
CA GLU D 371 -30.40 31.70 18.13
C GLU D 371 -30.89 32.70 17.09
N LEU D 372 -31.16 33.94 17.51
CA LEU D 372 -31.52 34.98 16.55
C LEU D 372 -30.34 35.36 15.66
N ALA D 373 -29.12 35.34 16.20
CA ALA D 373 -27.94 35.69 15.41
C ALA D 373 -27.69 34.68 14.30
N THR D 374 -27.90 33.39 14.58
CA THR D 374 -27.74 32.37 13.54
C THR D 374 -28.78 32.57 12.43
N LYS D 375 -30.00 32.94 12.81
CA LYS D 375 -31.03 33.24 11.81
C LYS D 375 -30.65 34.49 11.02
N MET D 376 -30.12 35.51 11.70
CA MET D 376 -29.75 36.75 11.01
C MET D 376 -28.54 36.54 10.12
N GLY D 377 -27.56 35.77 10.58
CA GLY D 377 -26.38 35.50 9.79
C GLY D 377 -25.29 36.53 10.00
N GLY D 378 -24.42 36.68 8.99
CA GLY D 378 -23.26 37.53 9.11
C GLY D 378 -22.10 36.75 9.71
N HIS D 379 -21.36 36.02 8.85
CA HIS D 379 -20.25 35.17 9.28
C HIS D 379 -20.69 34.18 10.35
N GLY D 380 -21.90 33.63 10.19
CA GLY D 380 -22.43 32.63 11.08
C GLY D 380 -23.23 33.16 12.25
N GLY D 381 -23.33 34.48 12.40
CA GLY D 381 -24.06 35.11 13.50
C GLY D 381 -23.23 36.06 14.34
N MET D 382 -21.89 35.96 14.29
CA MET D 382 -21.03 36.84 15.08
C MET D 382 -21.26 38.31 14.75
N ASP D 383 -21.61 38.62 13.49
CA ASP D 383 -21.85 40.01 13.11
C ASP D 383 -23.04 40.58 13.86
N PHE D 384 -24.14 39.81 13.93
CA PHE D 384 -25.34 40.28 14.60
C PHE D 384 -25.11 40.41 16.11
N VAL D 385 -24.35 39.48 16.70
CA VAL D 385 -24.03 39.59 18.12
C VAL D 385 -23.21 40.84 18.39
N MET D 386 -22.21 41.09 17.54
CA MET D 386 -21.37 42.28 17.70
C MET D 386 -22.20 43.55 17.62
N LEU D 387 -23.05 43.65 16.59
CA LEU D 387 -23.87 44.84 16.43
C LEU D 387 -24.88 45.00 17.55
N SER D 388 -25.45 43.87 18.02
CA SER D 388 -26.37 43.93 19.15
C SER D 388 -25.67 44.45 20.39
N ARG D 389 -24.44 44.00 20.62
CA ARG D 389 -23.68 44.47 21.77
C ARG D 389 -23.38 45.96 21.67
N ILE D 390 -23.06 46.45 20.46
CA ILE D 390 -22.80 47.88 20.27
C ILE D 390 -24.04 48.69 20.63
N VAL D 391 -25.21 48.27 20.15
CA VAL D 391 -26.44 49.00 20.43
C VAL D 391 -26.76 48.94 21.92
N GLU D 392 -26.61 47.76 22.53
CA GLU D 392 -26.90 47.62 23.96
C GLU D 392 -26.03 48.55 24.79
N CYS D 393 -24.73 48.57 24.52
CA CYS D 393 -23.83 49.40 25.30
C CYS D 393 -24.13 50.87 25.11
N LEU D 394 -24.45 51.30 23.89
CA LEU D 394 -24.80 52.69 23.65
C LEU D 394 -26.12 53.05 24.33
N ARG D 395 -27.09 52.14 24.30
CA ARG D 395 -28.39 52.44 24.89
CA ARG D 395 -28.39 52.42 24.89
C ARG D 395 -28.31 52.49 26.41
N ASN D 396 -27.46 51.68 27.03
CA ASN D 396 -27.38 51.58 28.49
C ASN D 396 -26.26 52.39 29.10
N GLY D 397 -25.41 53.03 28.31
CA GLY D 397 -24.28 53.76 28.87
C GLY D 397 -23.22 52.86 29.48
N GLU D 398 -23.00 51.70 28.91
CA GLU D 398 -21.98 50.77 29.40
C GLU D 398 -20.75 50.80 28.50
N PRO D 399 -19.58 50.41 29.02
CA PRO D 399 -18.39 50.37 28.17
C PRO D 399 -18.49 49.33 27.07
N MET D 400 -17.77 49.58 25.98
CA MET D 400 -17.68 48.61 24.90
C MET D 400 -16.83 47.42 25.33
N ASP D 401 -17.16 46.24 24.79
CA ASP D 401 -16.39 45.04 25.08
C ASP D 401 -14.95 45.14 24.57
N GLN D 402 -14.71 45.97 23.56
CA GLN D 402 -13.39 46.23 23.02
C GLN D 402 -13.15 47.74 23.09
N ASN D 403 -12.12 48.15 23.82
CA ASN D 403 -11.83 49.56 23.93
C ASN D 403 -10.89 50.00 22.81
N VAL D 404 -10.65 51.31 22.72
CA VAL D 404 -9.86 51.83 21.61
C VAL D 404 -8.43 51.31 21.66
N TYR D 405 -7.89 51.09 22.86
CA TYR D 405 -6.50 50.67 23.00
C TYR D 405 -6.30 49.25 22.51
N GLU D 406 -7.31 48.39 22.66
CA GLU D 406 -7.24 47.05 22.12
C GLU D 406 -7.25 47.06 20.59
N GLY D 407 -8.19 47.81 19.99
CA GLY D 407 -8.20 47.90 18.54
C GLY D 407 -6.89 48.45 17.99
N ALA D 408 -6.31 49.44 18.67
CA ALA D 408 -5.04 50.00 18.23
C ALA D 408 -3.90 48.99 18.36
N SER D 409 -3.85 48.27 19.49
CA SER D 409 -2.78 47.28 19.68
C SER D 409 -2.89 46.14 18.69
N TRP D 410 -4.09 45.59 18.50
CA TRP D 410 -4.27 44.50 17.54
C TRP D 410 -3.92 44.96 16.14
N SER D 411 -4.33 46.18 15.77
CA SER D 411 -4.06 46.69 14.43
C SER D 411 -2.59 47.08 14.27
N SER D 412 -1.90 47.41 15.36
CA SER D 412 -0.49 47.79 15.26
C SER D 412 0.39 46.64 14.77
N LEU D 413 -0.11 45.40 14.75
CA LEU D 413 0.63 44.32 14.15
C LEU D 413 0.98 44.62 12.69
N LEU D 414 0.17 45.41 11.99
CA LEU D 414 0.50 45.73 10.61
C LEU D 414 1.79 46.55 10.51
N PRO D 415 1.88 47.76 11.09
CA PRO D 415 3.15 48.49 10.95
C PRO D 415 4.31 47.87 11.70
N LEU D 416 4.06 47.17 12.81
CA LEU D 416 5.15 46.62 13.60
C LEU D 416 5.77 45.40 12.91
N THR D 417 4.95 44.53 12.30
CA THR D 417 5.53 43.40 11.58
C THR D 417 6.29 43.89 10.36
N ALA D 418 5.74 44.88 9.64
CA ALA D 418 6.44 45.45 8.50
C ALA D 418 7.77 46.05 8.94
N ARG D 419 7.78 46.71 10.09
CA ARG D 419 9.02 47.28 10.60
C ARG D 419 10.02 46.20 10.94
N SER D 420 9.58 45.13 11.62
CA SER D 420 10.50 44.06 11.97
C SER D 420 11.07 43.40 10.72
N ILE D 421 10.23 43.14 9.71
CA ILE D 421 10.70 42.54 8.47
C ILE D 421 11.71 43.47 7.79
N ALA D 422 11.43 44.77 7.79
CA ALA D 422 12.37 45.73 7.23
C ALA D 422 13.70 45.73 7.96
N GLN D 423 13.73 45.28 9.22
CA GLN D 423 14.96 45.17 9.99
C GLN D 423 15.49 43.74 10.06
N GLY D 424 15.16 42.90 9.08
CA GLY D 424 15.71 41.56 9.09
C GLY D 424 15.15 40.64 10.17
N GLY D 425 13.98 40.96 10.70
CA GLY D 425 13.36 40.15 11.73
C GLY D 425 13.68 40.51 13.16
N MET D 426 14.39 41.62 13.38
CA MET D 426 14.66 42.07 14.73
C MET D 426 13.35 42.35 15.46
N PRO D 427 13.21 41.92 16.71
CA PRO D 427 12.00 42.24 17.47
C PRO D 427 11.84 43.74 17.66
N VAL D 428 10.59 44.20 17.57
CA VAL D 428 10.26 45.60 17.78
C VAL D 428 9.28 45.69 18.95
N GLU D 429 9.38 46.79 19.69
CA GLU D 429 8.54 46.97 20.87
C GLU D 429 7.17 47.49 20.48
N PHE D 430 6.16 47.06 21.23
CA PHE D 430 4.82 47.63 21.08
C PHE D 430 4.77 48.99 21.77
N PRO D 431 4.14 49.99 21.17
CA PRO D 431 3.86 51.22 21.90
C PRO D 431 2.82 50.97 22.96
N ASP D 432 2.90 51.72 24.06
CA ASP D 432 1.89 51.62 25.11
C ASP D 432 0.85 52.70 24.87
N PHE D 433 -0.20 52.35 24.12
CA PHE D 433 -1.25 53.30 23.81
C PHE D 433 -2.00 53.76 25.05
N THR D 434 -1.93 53.00 26.15
CA THR D 434 -2.60 53.38 27.38
C THR D 434 -1.75 54.27 28.27
N ARG D 435 -0.48 54.50 27.92
CA ARG D 435 0.42 55.34 28.70
C ARG D 435 0.49 54.91 30.16
N GLY D 436 0.57 53.59 30.37
CA GLY D 436 0.68 53.03 31.70
C GLY D 436 -0.66 52.68 32.34
N ASP D 437 -1.77 53.18 31.79
CA ASP D 437 -3.07 52.98 32.42
C ASP D 437 -3.68 51.63 32.14
N TRP D 438 -3.01 50.79 31.34
CA TRP D 438 -3.47 49.41 31.18
C TRP D 438 -3.49 48.68 32.51
N LYS D 439 -2.62 49.07 33.44
CA LYS D 439 -2.50 48.36 34.72
C LYS D 439 -3.77 48.45 35.55
N THR D 440 -4.55 49.52 35.38
CA THR D 440 -5.76 49.73 36.16
C THR D 440 -7.03 49.55 35.33
N THR D 441 -6.91 48.93 34.15
CA THR D 441 -8.05 48.72 33.27
C THR D 441 -8.69 47.37 33.56
N MET D 442 -10.00 47.36 33.77
CA MET D 442 -10.71 46.14 34.14
C MET D 442 -10.79 45.19 32.95
N PRO D 443 -10.49 43.91 33.13
CA PRO D 443 -10.61 42.95 32.01
C PRO D 443 -12.06 42.77 31.59
N LEU D 444 -12.23 42.33 30.36
CA LEU D 444 -13.56 42.01 29.86
C LEU D 444 -14.13 40.83 30.65
N ALA D 445 -15.30 41.01 31.23
CA ALA D 445 -15.92 39.91 31.95
C ALA D 445 -16.76 39.07 30.99
N VAL D 446 -17.30 37.97 31.51
CA VAL D 446 -18.22 37.14 30.72
C VAL D 446 -19.58 37.83 30.80
N VAL D 447 -19.89 38.64 29.78
CA VAL D 447 -21.12 39.43 29.79
C VAL D 447 -22.32 38.51 29.56
N SER D 448 -23.33 38.65 30.40
CA SER D 448 -24.50 37.78 30.32
C SER D 448 -25.61 38.44 29.51
#